data_1IG4
#
_entry.id   1IG4
#
_cell.length_a   1.000
_cell.length_b   1.000
_cell.length_c   1.000
_cell.angle_alpha   90.00
_cell.angle_beta   90.00
_cell.angle_gamma   90.00
#
_symmetry.space_group_name_H-M   'P 1'
#
loop_
_entity.id
_entity.type
_entity.pdbx_description
1 polymer "5'-D(*GP*TP*AP*TP*CP*(5CM)P*GP*GP*AP*TP*AP*C)-3'"
2 polymer 'Methyl-CpG Binding Protein'
#
loop_
_entity_poly.entity_id
_entity_poly.type
_entity_poly.pdbx_seq_one_letter_code
_entity_poly.pdbx_strand_id
1 'polydeoxyribonucleotide' (DG)(DT)(DA)(DT)(DC)(5CM)(DG)(DG)(DA)(DT)(DA)(DC) B,C
2 'polypeptide(L)' MAEDWLDCPALGPGWKRREVFRKSGATCGRSDTYYQSPTGDRIRSKVELTRYLGPACDLTLFDFKQGILCYPAPK A
#
loop_
_chem_comp.id
_chem_comp.type
_chem_comp.name
_chem_comp.formula
5CM DNA linking 5-METHYL-2'-DEOXY-CYTIDINE-5'-MONOPHOSPHATE 'C10 H16 N3 O7 P'
DA DNA linking 2'-DEOXYADENOSINE-5'-MONOPHOSPHATE 'C10 H14 N5 O6 P'
DC DNA linking 2'-DEOXYCYTIDINE-5'-MONOPHOSPHATE 'C9 H14 N3 O7 P'
DG DNA linking 2'-DEOXYGUANOSINE-5'-MONOPHOSPHATE 'C10 H14 N5 O7 P'
DT DNA linking THYMIDINE-5'-MONOPHOSPHATE 'C10 H15 N2 O8 P'
#
# COMPACT_ATOMS: atom_id res chain seq x y z
N1 5CM A 6 -13.36 -10.51 -0.92
C2 5CM A 6 -12.31 -11.20 -1.50
N3 5CM A 6 -11.13 -10.53 -1.71
C4 5CM A 6 -11.00 -9.25 -1.35
C5 5CM A 6 -12.09 -8.53 -0.75
C5A 5CM A 6 -11.94 -7.07 -0.34
C6 5CM A 6 -13.23 -9.20 -0.55
O2 5CM A 6 -12.44 -12.36 -1.82
N4 5CM A 6 -9.84 -8.63 -1.56
C1' 5CM A 6 -14.62 -11.24 -0.74
C2' 5CM A 6 -15.32 -10.90 0.56
C3' 5CM A 6 -16.78 -10.66 0.23
C4' 5CM A 6 -16.79 -10.45 -1.28
O4' 5CM A 6 -15.55 -10.93 -1.81
O3' 5CM A 6 -17.59 -11.79 0.57
C5' 5CM A 6 -16.97 -8.97 -1.60
O5' 5CM A 6 -15.79 -8.23 -1.28
P 5CM A 6 -15.87 -6.91 -0.37
OP1 5CM A 6 -17.09 -7.01 0.46
OP2 5CM A 6 -14.56 -6.70 0.27
H5A1 5CM A 6 -11.45 -7.01 0.63
H5A2 5CM A 6 -11.33 -6.54 -1.09
H5A3 5CM A 6 -12.93 -6.61 -0.29
H6 5CM A 6 -14.08 -8.69 -0.09
HN41 5CM A 6 -9.72 -7.67 -1.30
HN42 5CM A 6 -9.07 -9.14 -1.98
H1' 5CM A 6 -14.42 -12.32 -0.76
H2' 5CM A 6 -14.89 -9.98 0.99
H2'' 5CM A 6 -15.21 -11.71 1.27
H3' 5CM A 6 -17.12 -9.76 0.74
H4' 5CM A 6 -17.62 -11.01 -1.70
H5' 5CM A 6 -17.19 -8.86 -2.65
H5'' 5CM A 6 -17.81 -8.58 -1.00
N1 5CM B 6 -3.38 -12.74 -1.13
C2 5CM B 6 -4.68 -13.06 -0.77
N3 5CM B 6 -5.48 -12.07 -0.29
C4 5CM B 6 -5.03 -10.81 -0.18
C5 5CM B 6 -3.70 -10.48 -0.56
C5A 5CM B 6 -3.17 -9.05 -0.43
C6 5CM B 6 -2.91 -11.47 -1.03
O2 5CM B 6 -5.08 -14.21 -0.89
N4 5CM B 6 -5.85 -9.86 0.29
C1' 5CM B 6 -2.54 -13.83 -1.66
C2' 5CM B 6 -1.92 -13.43 -2.99
C3' 5CM B 6 -0.43 -13.64 -2.87
C4' 5CM B 6 -0.18 -13.98 -1.40
O4' 5CM B 6 -1.46 -14.12 -0.74
O3' 5CM B 6 0.01 -14.70 -3.72
C5' 5CM B 6 0.66 -12.90 -0.74
O5' 5CM B 6 0.29 -11.60 -1.19
P 5CM B 6 1.36 -10.39 -1.16
OP1 5CM B 6 2.43 -10.68 -2.14
OP2 5CM B 6 0.61 -9.12 -1.22
H5A1 5CM B 6 -2.18 -8.99 -0.88
H5A2 5CM B 6 -3.85 -8.37 -0.95
H5A3 5CM B 6 -3.12 -8.77 0.62
H6 5CM B 6 -1.88 -11.26 -1.32
HN41 5CM B 6 -5.52 -8.92 0.38
HN42 5CM B 6 -6.79 -10.10 0.56
H1' 5CM B 6 -3.14 -14.71 -1.80
H2' 5CM B 6 -2.13 -12.38 -3.20
H2'' 5CM B 6 -2.32 -14.04 -3.78
H3' 5CM B 6 0.09 -12.71 -3.12
H4' 5CM B 6 0.35 -14.94 -1.35
H5' 5CM B 6 0.52 -12.96 0.34
H5'' 5CM B 6 1.72 -13.07 -0.97
N MET C 1 -16.72 3.38 -10.75
CA MET C 1 -15.34 2.90 -10.45
C MET C 1 -14.54 3.98 -9.72
N ALA C 2 -13.25 3.82 -9.62
CA ALA C 2 -12.41 4.84 -8.92
C ALA C 2 -12.96 5.11 -7.52
N GLU C 3 -12.68 4.25 -6.58
CA GLU C 3 -13.19 4.46 -5.19
C GLU C 3 -12.45 5.63 -4.53
N ASP C 4 -11.16 5.52 -4.36
CA ASP C 4 -10.38 6.62 -3.73
C ASP C 4 -8.88 6.38 -3.88
N TRP C 5 -8.29 6.89 -4.93
CA TRP C 5 -6.82 6.69 -5.14
C TRP C 5 -6.04 7.85 -4.56
N LEU C 6 -5.28 7.61 -3.52
CA LEU C 6 -4.47 8.71 -2.90
C LEU C 6 -2.98 8.47 -3.15
N ASP C 7 -2.20 9.52 -3.16
CA ASP C 7 -0.73 9.35 -3.40
C ASP C 7 -0.12 8.42 -2.34
N CYS C 8 1.10 8.03 -2.53
CA CYS C 8 1.77 7.12 -1.55
C CYS C 8 3.27 7.39 -1.54
N PRO C 9 3.66 8.33 -0.71
CA PRO C 9 5.10 8.71 -0.60
C PRO C 9 5.92 7.61 0.11
N ALA C 10 5.26 6.58 0.59
CA ALA C 10 6.02 5.51 1.29
C ALA C 10 7.08 4.88 0.37
N LEU C 11 6.99 5.13 -0.91
CA LEU C 11 7.99 4.54 -1.85
C LEU C 11 8.61 5.63 -2.72
N GLY C 12 7.84 6.20 -3.61
CA GLY C 12 8.38 7.27 -4.50
C GLY C 12 7.24 7.86 -5.36
N PRO C 13 7.62 8.59 -6.37
CA PRO C 13 6.61 9.21 -7.26
C PRO C 13 5.99 8.15 -8.18
N GLY C 14 4.70 8.21 -8.39
CA GLY C 14 4.04 7.21 -9.27
C GLY C 14 3.18 6.27 -8.43
N TRP C 15 3.61 5.96 -7.23
CA TRP C 15 2.84 5.02 -6.36
C TRP C 15 1.46 5.59 -6.02
N LYS C 16 0.48 4.73 -5.90
CA LYS C 16 -0.89 5.19 -5.57
C LYS C 16 -1.53 4.21 -4.57
N ARG C 17 -2.12 4.72 -3.51
CA ARG C 17 -2.75 3.81 -2.51
C ARG C 17 -4.27 4.03 -2.46
N ARG C 18 -5.01 3.02 -2.09
CA ARG C 18 -6.49 3.16 -2.02
C ARG C 18 -7.04 2.45 -0.78
N GLU C 19 -8.23 2.79 -0.36
CA GLU C 19 -8.83 2.15 0.83
C GLU C 19 -10.05 1.32 0.43
N VAL C 20 -10.25 0.19 1.05
CA VAL C 20 -11.43 -0.65 0.70
C VAL C 20 -12.17 -1.10 1.96
N PHE C 21 -13.27 -0.47 2.28
CA PHE C 21 -14.04 -0.86 3.50
C PHE C 21 -14.99 -2.02 3.17
N ARG C 22 -14.47 -3.06 2.56
CA ARG C 22 -15.33 -4.24 2.21
C ARG C 22 -16.62 -3.79 1.52
N LYS C 23 -17.46 -4.73 1.18
CA LYS C 23 -18.74 -4.39 0.51
C LYS C 23 -19.86 -5.28 1.06
N SER C 24 -19.58 -6.54 1.33
CA SER C 24 -20.64 -7.46 1.87
C SER C 24 -20.17 -8.92 1.81
N GLY C 25 -21.07 -9.84 1.98
CA GLY C 25 -20.71 -11.29 1.93
C GLY C 25 -20.56 -11.82 3.36
N ALA C 26 -19.37 -11.76 3.89
CA ALA C 26 -19.11 -12.26 5.27
C ALA C 26 -18.02 -11.42 5.92
N THR C 27 -17.00 -11.12 5.16
CA THR C 27 -15.88 -10.29 5.65
C THR C 27 -16.28 -8.81 5.68
N CYS C 28 -17.50 -8.50 5.27
CA CYS C 28 -17.96 -7.09 5.24
C CYS C 28 -17.60 -6.35 6.53
N GLY C 29 -17.17 -5.11 6.40
CA GLY C 29 -16.80 -4.32 7.62
C GLY C 29 -15.29 -4.22 7.76
N ARG C 30 -14.54 -5.01 7.03
CA ARG C 30 -13.06 -4.95 7.13
C ARG C 30 -12.50 -3.90 6.16
N SER C 31 -11.40 -3.29 6.50
CA SER C 31 -10.82 -2.26 5.60
C SER C 31 -9.50 -2.76 4.99
N ASP C 32 -9.45 -2.88 3.70
CA ASP C 32 -8.22 -3.36 3.02
C ASP C 32 -7.64 -2.25 2.13
N THR C 33 -6.38 -1.95 2.30
CA THR C 33 -5.76 -0.88 1.46
C THR C 33 -4.96 -1.49 0.31
N TYR C 34 -5.27 -1.11 -0.90
CA TYR C 34 -4.53 -1.66 -2.06
C TYR C 34 -3.73 -0.54 -2.73
N TYR C 35 -2.55 -0.83 -3.21
CA TYR C 35 -1.73 0.24 -3.85
C TYR C 35 -1.02 -0.30 -5.09
N GLN C 36 -0.97 0.49 -6.14
CA GLN C 36 -0.28 0.05 -7.38
C GLN C 36 1.13 0.65 -7.43
N SER C 37 2.04 -0.01 -8.09
CA SER C 37 3.43 0.51 -8.17
C SER C 37 3.44 1.94 -8.71
N PRO C 38 4.60 2.50 -8.88
CA PRO C 38 4.70 3.88 -9.37
C PRO C 38 4.69 3.91 -10.90
N THR C 39 4.77 2.78 -11.57
CA THR C 39 4.77 2.83 -13.05
C THR C 39 4.41 1.48 -13.69
N GLY C 40 3.87 0.54 -12.95
CA GLY C 40 3.50 -0.76 -13.58
C GLY C 40 3.68 -1.95 -12.63
N ASP C 41 2.73 -2.17 -11.76
CA ASP C 41 2.80 -3.33 -10.82
C ASP C 41 1.65 -3.24 -9.80
N ARG C 42 0.90 -4.29 -9.65
CA ARG C 42 -0.24 -4.25 -8.68
C ARG C 42 0.17 -4.89 -7.34
N ILE C 43 0.39 -4.08 -6.34
CA ILE C 43 0.79 -4.64 -5.01
C ILE C 43 -0.39 -4.54 -4.05
N ARG C 44 -0.66 -5.57 -3.30
CA ARG C 44 -1.80 -5.53 -2.35
C ARG C 44 -1.30 -5.54 -0.90
N SER C 45 -0.02 -5.64 -0.68
CA SER C 45 0.49 -5.65 0.72
C SER C 45 1.94 -5.15 0.78
N LYS C 46 2.61 -5.39 1.88
CA LYS C 46 4.03 -4.96 2.00
C LYS C 46 4.92 -5.96 1.26
N VAL C 47 4.66 -7.23 1.41
CA VAL C 47 5.49 -8.24 0.69
C VAL C 47 5.43 -7.94 -0.81
N GLU C 48 4.24 -7.86 -1.36
CA GLU C 48 4.11 -7.54 -2.81
C GLU C 48 4.95 -6.29 -3.12
N LEU C 49 4.93 -5.36 -2.22
CA LEU C 49 5.74 -4.12 -2.41
C LEU C 49 7.21 -4.48 -2.33
N THR C 50 7.56 -5.31 -1.38
CA THR C 50 8.98 -5.72 -1.24
C THR C 50 9.42 -6.54 -2.45
N ARG C 51 8.47 -7.01 -3.23
CA ARG C 51 8.83 -7.82 -4.44
C ARG C 51 9.30 -6.90 -5.56
N TYR C 52 8.44 -6.03 -6.03
CA TYR C 52 8.84 -5.10 -7.13
C TYR C 52 10.05 -4.26 -6.71
N LEU C 53 10.27 -4.13 -5.44
CA LEU C 53 11.43 -3.32 -4.96
C LEU C 53 12.64 -4.23 -4.70
N GLY C 54 12.42 -5.50 -4.60
CA GLY C 54 13.56 -6.44 -4.35
C GLY C 54 13.48 -6.96 -2.91
N PRO C 55 14.03 -8.13 -2.70
CA PRO C 55 14.02 -8.74 -1.35
C PRO C 55 14.96 -7.97 -0.41
N ALA C 56 15.99 -7.39 -0.95
CA ALA C 56 16.94 -6.62 -0.11
C ALA C 56 16.33 -5.27 0.28
N CYS C 57 15.36 -4.81 -0.47
CA CYS C 57 14.71 -3.51 -0.14
C CYS C 57 13.53 -3.73 0.80
N ASP C 58 13.79 -4.16 2.01
CA ASP C 58 12.68 -4.39 2.98
C ASP C 58 11.90 -3.10 3.22
N LEU C 59 10.75 -3.18 3.82
CA LEU C 59 9.95 -1.96 4.09
C LEU C 59 9.31 -2.03 5.47
N THR C 60 10.12 -2.05 6.50
CA THR C 60 9.56 -2.12 7.88
C THR C 60 8.93 -0.78 8.29
N LEU C 61 9.32 0.28 7.63
CA LEU C 61 8.74 1.62 7.97
C LEU C 61 7.55 1.95 7.05
N PHE C 62 7.05 0.98 6.34
CA PHE C 62 5.90 1.25 5.43
C PHE C 62 4.59 0.82 6.11
N ASP C 63 3.62 1.69 6.12
CA ASP C 63 2.31 1.33 6.77
C ASP C 63 1.39 0.65 5.75
N PHE C 64 0.99 -0.56 6.04
CA PHE C 64 0.08 -1.29 5.10
C PHE C 64 -1.33 -0.70 5.15
N LYS C 65 -1.69 -0.10 6.27
CA LYS C 65 -3.05 0.48 6.38
C LYS C 65 -3.06 1.95 5.92
N GLN C 66 -1.90 2.54 5.73
CA GLN C 66 -1.86 3.97 5.29
C GLN C 66 -1.06 4.10 3.99
N GLY C 67 0.02 3.39 3.87
CA GLY C 67 0.84 3.48 2.63
C GLY C 67 1.76 4.70 2.71
N ILE C 68 2.57 4.77 3.73
CA ILE C 68 3.49 5.94 3.88
C ILE C 68 4.71 5.56 4.72
N LEU C 69 5.83 6.19 4.46
CA LEU C 69 7.06 5.88 5.24
C LEU C 69 7.17 6.84 6.43
N CYS C 70 6.50 6.53 7.51
CA CYS C 70 6.53 7.43 8.71
C CYS C 70 7.97 7.91 9.00
N TYR C 71 8.93 7.03 8.95
CA TYR C 71 10.33 7.45 9.21
C TYR C 71 11.24 7.04 8.04
N PRO C 72 12.02 7.98 7.57
CA PRO C 72 12.94 7.71 6.44
C PRO C 72 14.11 6.82 6.89
N ALA C 73 15.14 7.42 7.44
CA ALA C 73 16.31 6.60 7.90
C ALA C 73 16.83 7.12 9.25
N PRO C 74 17.46 6.25 9.99
CA PRO C 74 18.00 6.63 11.32
C PRO C 74 19.25 7.52 11.16
N LYS C 75 20.38 6.93 10.88
CA LYS C 75 21.62 7.74 10.71
C LYS C 75 22.34 7.34 9.43
N1 5CM A 6 -13.18 -10.66 -1.16
C2 5CM A 6 -12.11 -11.31 -1.75
N3 5CM A 6 -10.94 -10.62 -1.90
C4 5CM A 6 -10.83 -9.35 -1.49
C5 5CM A 6 -11.94 -8.68 -0.88
C5A 5CM A 6 -11.83 -7.22 -0.44
C6 5CM A 6 -13.09 -9.37 -0.74
O2 5CM A 6 -12.21 -12.47 -2.11
N4 5CM A 6 -9.68 -8.71 -1.65
C1' 5CM A 6 -14.45 -11.42 -1.06
C2' 5CM A 6 -15.18 -11.15 0.24
C3' 5CM A 6 -16.61 -10.89 -0.13
C4' 5CM A 6 -16.60 -10.61 -1.62
O4' 5CM A 6 -15.34 -11.07 -2.14
O3' 5CM A 6 -17.44 -12.04 0.14
C5' 5CM A 6 -16.77 -9.12 -1.88
O5' 5CM A 6 -15.62 -8.39 -1.46
P 5CM A 6 -15.77 -7.09 -0.52
OP1 5CM A 6 -16.99 -7.26 0.30
OP2 5CM A 6 -14.47 -6.85 0.14
H5A1 5CM A 6 -12.82 -6.76 -0.46
H5A2 5CM A 6 -11.42 -7.18 0.57
H5A3 5CM A 6 -11.18 -6.68 -1.12
H6 5CM A 6 -13.95 -8.89 -0.27
HN41 5CM A 6 -9.59 -7.75 -1.35
HN42 5CM A 6 -8.89 -9.18 -2.08
H1' 5CM A 6 -14.22 -12.48 -1.12
H2' 5CM A 6 -14.77 -10.26 0.73
H2'' 5CM A 6 -15.11 -12.01 0.90
H3' 5CM A 6 -16.99 -10.02 0.41
H4' 5CM A 6 -17.41 -11.16 -2.10
H5' 5CM A 6 -16.93 -8.96 -2.95
H5'' 5CM A 6 -17.64 -8.76 -1.33
N1 5CM B 6 -3.36 -12.87 -1.13
C2 5CM B 6 -4.68 -13.17 -0.83
N3 5CM B 6 -5.47 -12.18 -0.32
C4 5CM B 6 -4.98 -10.95 -0.12
C5 5CM B 6 -3.62 -10.64 -0.43
C5A 5CM B 6 -3.06 -9.24 -0.20
C6 5CM B 6 -2.85 -11.63 -0.93
O2 5CM B 6 -5.11 -14.29 -1.02
N4 5CM B 6 -5.78 -10.01 0.38
C1' 5CM B 6 -2.53 -13.95 -1.68
C2' 5CM B 6 -1.83 -13.50 -2.96
C3' 5CM B 6 -0.36 -13.76 -2.76
C4' 5CM B 6 -0.21 -14.20 -1.32
O4' 5CM B 6 -1.52 -14.36 -0.74
O3' 5CM B 6 0.09 -14.79 -3.65
C5' 5CM B 6 0.59 -13.16 -0.54
O5' 5CM B 6 0.37 -11.84 -1.03
P 5CM B 6 1.56 -10.76 -1.04
OP1 5CM B 6 2.62 -11.24 -1.97
OP2 5CM B 6 0.97 -9.42 -1.23
H5A1 5CM B 6 -2.08 -9.16 -0.67
H5A2 5CM B 6 -3.73 -8.50 -0.65
H5A3 5CM B 6 -2.97 -9.05 0.87
H6 5CM B 6 -1.81 -11.43 -1.16
HN41 5CM B 6 -5.42 -9.07 0.54
HN42 5CM B 6 -6.74 -10.22 0.60
H1' 5CM B 6 -3.17 -14.80 -1.92
H2' 5CM B 6 -2.00 -12.43 -3.11
H2'' 5CM B 6 -2.21 -14.05 -3.81
H3' 5CM B 6 0.20 -12.84 -2.93
H4' 5CM B 6 0.32 -15.16 -1.28
H5' 5CM B 6 0.30 -13.19 0.51
H5'' 5CM B 6 1.66 -13.40 -0.61
N MET C 1 -20.48 4.28 -5.02
CA MET C 1 -19.46 5.21 -4.44
C MET C 1 -18.11 5.04 -5.15
N ALA C 2 -17.07 5.58 -4.59
CA ALA C 2 -15.73 5.45 -5.23
C ALA C 2 -14.63 5.50 -4.17
N GLU C 3 -13.92 4.41 -4.00
CA GLU C 3 -12.83 4.37 -2.98
C GLU C 3 -11.86 5.53 -3.20
N ASP C 4 -11.73 6.00 -4.41
CA ASP C 4 -10.80 7.13 -4.71
C ASP C 4 -9.35 6.72 -4.40
N TRP C 5 -8.49 6.76 -5.38
CA TRP C 5 -7.07 6.37 -5.15
C TRP C 5 -6.31 7.52 -4.50
N LEU C 6 -5.59 7.23 -3.45
CA LEU C 6 -4.83 8.31 -2.75
C LEU C 6 -3.32 8.15 -3.03
N ASP C 7 -2.57 9.20 -2.83
CA ASP C 7 -1.10 9.12 -3.09
C ASP C 7 -0.42 8.19 -2.06
N CYS C 8 0.73 7.68 -2.40
CA CYS C 8 1.46 6.77 -1.46
C CYS C 8 2.95 7.16 -1.46
N PRO C 9 3.26 8.15 -0.67
CA PRO C 9 4.66 8.65 -0.58
C PRO C 9 5.58 7.68 0.14
N ALA C 10 5.08 6.59 0.66
CA ALA C 10 5.97 5.64 1.37
C ALA C 10 7.10 5.21 0.45
N LEU C 11 6.78 4.71 -0.72
CA LEU C 11 7.84 4.27 -1.67
C LEU C 11 8.42 5.45 -2.44
N GLY C 12 7.65 6.07 -3.30
CA GLY C 12 8.17 7.21 -4.08
C GLY C 12 7.07 7.81 -4.98
N PRO C 13 7.48 8.53 -5.98
CA PRO C 13 6.52 9.17 -6.93
C PRO C 13 5.88 8.13 -7.86
N GLY C 14 4.60 8.23 -8.07
CA GLY C 14 3.90 7.26 -8.97
C GLY C 14 3.09 6.28 -8.11
N TRP C 15 3.60 5.95 -6.95
CA TRP C 15 2.89 4.99 -6.06
C TRP C 15 1.51 5.52 -5.68
N LYS C 16 0.54 4.64 -5.58
CA LYS C 16 -0.84 5.08 -5.19
C LYS C 16 -1.46 4.06 -4.24
N ARG C 17 -2.29 4.50 -3.34
CA ARG C 17 -2.92 3.54 -2.38
C ARG C 17 -4.44 3.74 -2.31
N ARG C 18 -5.17 2.68 -2.09
CA ARG C 18 -6.65 2.80 -2.01
C ARG C 18 -7.16 2.00 -0.81
N GLU C 19 -8.22 2.44 -0.18
CA GLU C 19 -8.75 1.69 0.99
C GLU C 19 -9.97 0.85 0.59
N VAL C 20 -10.14 -0.29 1.20
CA VAL C 20 -11.30 -1.16 0.86
C VAL C 20 -12.00 -1.63 2.14
N PHE C 21 -13.04 -0.95 2.54
CA PHE C 21 -13.77 -1.36 3.78
C PHE C 21 -14.77 -2.48 3.47
N ARG C 22 -14.35 -3.47 2.72
CA ARG C 22 -15.26 -4.62 2.38
C ARG C 22 -16.60 -4.11 1.81
N LYS C 23 -17.38 -4.99 1.26
CA LYS C 23 -18.69 -4.57 0.70
C LYS C 23 -19.79 -5.54 1.12
N SER C 24 -19.46 -6.80 1.32
CA SER C 24 -20.50 -7.81 1.75
C SER C 24 -19.98 -9.23 1.54
N GLY C 25 -20.87 -10.20 1.59
CA GLY C 25 -20.45 -11.62 1.40
C GLY C 25 -20.35 -12.33 2.74
N ALA C 26 -19.41 -11.91 3.56
CA ALA C 26 -19.22 -12.54 4.90
C ALA C 26 -18.11 -11.78 5.63
N THR C 27 -17.09 -11.42 4.91
CA THR C 27 -15.96 -10.65 5.50
C THR C 27 -16.35 -9.18 5.64
N CYS C 28 -17.55 -8.83 5.21
CA CYS C 28 -18.01 -7.41 5.30
C CYS C 28 -17.58 -6.75 6.61
N GLY C 29 -17.02 -5.57 6.52
CA GLY C 29 -16.59 -4.85 7.76
C GLY C 29 -15.06 -4.75 7.82
N ARG C 30 -14.36 -5.52 7.04
CA ARG C 30 -12.86 -5.46 7.07
C ARG C 30 -12.36 -4.32 6.19
N SER C 31 -11.22 -3.76 6.52
CA SER C 31 -10.66 -2.64 5.70
C SER C 31 -9.30 -3.03 5.12
N ASP C 32 -9.25 -3.31 3.84
CA ASP C 32 -7.96 -3.70 3.21
C ASP C 32 -7.45 -2.57 2.30
N THR C 33 -6.24 -2.15 2.48
CA THR C 33 -5.69 -1.07 1.63
C THR C 33 -4.83 -1.65 0.51
N TYR C 34 -5.17 -1.38 -0.72
CA TYR C 34 -4.37 -1.92 -1.85
C TYR C 34 -3.54 -0.80 -2.48
N TYR C 35 -2.36 -1.10 -2.94
CA TYR C 35 -1.51 -0.04 -3.57
C TYR C 35 -0.88 -0.54 -4.86
N GLN C 36 -0.45 0.36 -5.70
CA GLN C 36 0.21 -0.04 -6.97
C GLN C 36 1.57 0.63 -7.07
N SER C 37 2.52 0.00 -7.71
CA SER C 37 3.87 0.61 -7.86
C SER C 37 3.73 2.02 -8.46
N PRO C 38 4.84 2.65 -8.74
CA PRO C 38 4.76 4.01 -9.32
C PRO C 38 4.38 3.91 -10.79
N THR C 39 4.44 2.72 -11.34
CA THR C 39 4.07 2.52 -12.77
C THR C 39 4.23 1.03 -13.09
N GLY C 40 3.76 0.17 -12.22
CA GLY C 40 3.92 -1.30 -12.45
C GLY C 40 2.56 -1.98 -12.49
N ASP C 41 2.30 -2.86 -11.54
CA ASP C 41 1.01 -3.59 -11.53
C ASP C 41 0.21 -3.23 -10.26
N ARG C 42 -0.64 -4.13 -9.81
CA ARG C 42 -1.45 -3.83 -8.59
C ARG C 42 -0.96 -4.65 -7.40
N ILE C 43 -0.47 -3.99 -6.38
CA ILE C 43 0.01 -4.71 -5.17
C ILE C 43 -1.07 -4.64 -4.09
N ARG C 44 -1.08 -5.58 -3.17
CA ARG C 44 -2.15 -5.56 -2.12
C ARG C 44 -1.54 -5.56 -0.71
N SER C 45 -0.25 -5.77 -0.58
CA SER C 45 0.35 -5.78 0.79
C SER C 45 1.82 -5.37 0.75
N LYS C 46 2.54 -5.60 1.82
CA LYS C 46 3.98 -5.22 1.84
C LYS C 46 4.80 -6.23 1.05
N VAL C 47 4.59 -7.51 1.29
CA VAL C 47 5.35 -8.54 0.52
C VAL C 47 5.18 -8.27 -0.98
N GLU C 48 3.95 -8.16 -1.43
CA GLU C 48 3.72 -7.86 -2.89
C GLU C 48 4.53 -6.62 -3.26
N LEU C 49 4.66 -5.71 -2.32
CA LEU C 49 5.46 -4.48 -2.57
C LEU C 49 6.95 -4.87 -2.59
N THR C 50 7.37 -5.61 -1.61
CA THR C 50 8.79 -6.06 -1.56
C THR C 50 9.12 -6.86 -2.83
N ARG C 51 8.13 -7.39 -3.49
CA ARG C 51 8.38 -8.19 -4.72
C ARG C 51 8.76 -7.26 -5.87
N TYR C 52 7.89 -6.34 -6.23
CA TYR C 52 8.21 -5.40 -7.34
C TYR C 52 9.48 -4.59 -7.01
N LEU C 53 9.78 -4.45 -5.76
CA LEU C 53 11.00 -3.68 -5.37
C LEU C 53 12.22 -4.59 -5.36
N GLY C 54 12.02 -5.88 -5.25
CA GLY C 54 13.18 -6.82 -5.24
C GLY C 54 13.32 -7.44 -3.84
N PRO C 55 13.93 -8.59 -3.80
CA PRO C 55 14.13 -9.29 -2.50
C PRO C 55 15.16 -8.55 -1.65
N ALA C 56 15.92 -7.66 -2.23
CA ALA C 56 16.94 -6.90 -1.46
C ALA C 56 16.37 -5.53 -1.04
N CYS C 57 15.07 -5.36 -1.14
CA CYS C 57 14.47 -4.05 -0.75
C CYS C 57 13.41 -4.28 0.33
N ASP C 58 13.82 -4.75 1.48
CA ASP C 58 12.83 -5.00 2.59
C ASP C 58 11.98 -3.76 2.83
N LEU C 59 11.01 -3.86 3.70
CA LEU C 59 10.15 -2.70 4.00
C LEU C 59 9.59 -2.82 5.43
N THR C 60 10.47 -2.80 6.40
CA THR C 60 10.01 -2.93 7.82
C THR C 60 9.42 -1.61 8.34
N LEU C 61 9.39 -0.59 7.51
CA LEU C 61 8.83 0.72 7.98
C LEU C 61 7.45 0.95 7.36
N PHE C 62 7.20 0.38 6.21
CA PHE C 62 5.85 0.57 5.57
C PHE C 62 4.76 0.06 6.50
N ASP C 63 3.82 0.91 6.85
CA ASP C 63 2.74 0.49 7.78
C ASP C 63 1.59 -0.21 7.03
N PHE C 64 1.74 -0.48 5.77
CA PHE C 64 0.65 -1.16 4.99
C PHE C 64 -0.64 -0.34 5.05
N LYS C 65 -1.35 -0.39 6.14
CA LYS C 65 -2.63 0.37 6.25
C LYS C 65 -2.40 1.87 6.02
N GLN C 66 -1.48 2.46 6.74
CA GLN C 66 -1.21 3.92 6.56
C GLN C 66 -0.68 4.19 5.15
N GLY C 67 0.06 3.27 4.59
CA GLY C 67 0.61 3.48 3.22
C GLY C 67 1.68 4.56 3.26
N ILE C 68 2.57 4.50 4.22
CA ILE C 68 3.65 5.53 4.31
C ILE C 68 4.88 4.96 5.00
N LEU C 69 6.03 5.54 4.77
CA LEU C 69 7.27 5.04 5.41
C LEU C 69 7.68 5.99 6.54
N CYS C 70 7.15 5.78 7.72
CA CYS C 70 7.50 6.68 8.87
C CYS C 70 9.01 6.68 9.12
N TYR C 71 9.73 7.47 8.38
CA TYR C 71 11.22 7.52 8.56
C TYR C 71 11.67 8.99 8.68
N PRO C 72 11.40 9.56 9.83
CA PRO C 72 11.79 10.97 10.08
C PRO C 72 13.31 11.11 10.22
N ALA C 73 13.85 10.81 11.36
CA ALA C 73 15.33 10.93 11.56
C ALA C 73 15.94 9.56 11.86
N PRO C 74 17.20 9.42 11.54
CA PRO C 74 17.91 8.13 11.78
C PRO C 74 18.18 7.95 13.29
N LYS C 75 18.41 9.03 13.99
CA LYS C 75 18.67 8.92 15.45
C LYS C 75 17.45 9.37 16.25
N1 5CM A 6 -13.34 -10.38 -0.93
C2 5CM A 6 -12.25 -11.01 -1.54
N3 5CM A 6 -11.11 -10.31 -1.72
C4 5CM A 6 -11.02 -9.03 -1.32
C5 5CM A 6 -12.12 -8.38 -0.70
C5A 5CM A 6 -12.03 -6.91 -0.26
C6 5CM A 6 -13.26 -9.08 -0.53
O2 5CM A 6 -12.35 -12.17 -1.89
N4 5CM A 6 -9.88 -8.37 -1.51
C1' 5CM A 6 -14.58 -11.16 -0.80
C2' 5CM A 6 -15.29 -10.87 0.53
C3' 5CM A 6 -16.73 -10.61 0.17
C4' 5CM A 6 -16.75 -10.37 -1.32
O4' 5CM A 6 -15.50 -10.84 -1.86
O3' 5CM A 6 -17.55 -11.73 0.50
C5' 5CM A 6 -16.95 -8.90 -1.62
O5' 5CM A 6 -15.79 -8.14 -1.26
P 5CM A 6 -15.92 -6.83 -0.33
OP1 5CM A 6 -17.16 -6.96 0.47
OP2 5CM A 6 -14.63 -6.59 0.34
H5A1 5CM A 6 -11.55 -6.86 0.71
H5A2 5CM A 6 -11.44 -6.36 -0.99
H5A3 5CM A 6 -13.03 -6.49 -0.19
H6 5CM A 6 -14.11 -8.62 -0.05
HN41 5CM A 6 -9.80 -7.40 -1.22
HN42 5CM A 6 -9.09 -8.83 -1.96
H1' 5CM A 6 -14.34 -12.22 -0.83
H2' 5CM A 6 -14.87 -9.98 0.99
H2'' 5CM A 6 -15.20 -11.72 1.20
H3' 5CM A 6 -17.09 -9.72 0.71
H4' 5CM A 6 -17.57 -10.94 -1.76
H5' 5CM A 6 -17.14 -8.76 -2.68
H5'' 5CM A 6 -17.80 -8.52 -1.05
N1 5CM B 6 -3.41 -12.66 -1.08
C2 5CM B 6 -4.72 -12.98 -0.77
N3 5CM B 6 -5.50 -12.03 -0.18
C4 5CM B 6 -5.01 -10.82 0.11
C5 5CM B 6 -3.65 -10.48 -0.21
C5A 5CM B 6 -3.08 -9.11 0.12
C6 5CM B 6 -2.89 -11.44 -0.79
O2 5CM B 6 -5.16 -14.08 -1.03
N4 5CM B 6 -5.79 -9.91 0.69
C1' 5CM B 6 -2.59 -13.70 -1.72
C2' 5CM B 6 -1.89 -13.15 -2.96
C3' 5CM B 6 -0.43 -13.46 -2.81
C4' 5CM B 6 -0.26 -14.03 -1.41
O4' 5CM B 6 -1.58 -14.19 -0.83
O3' 5CM B 6 0.01 -14.40 -3.80
C5' 5CM B 6 0.61 -13.12 -0.55
O5' 5CM B 6 0.23 -11.75 -0.70
P 5CM B 6 1.35 -10.60 -0.82
OP1 5CM B 6 2.34 -11.03 -1.84
OP2 5CM B 6 0.66 -9.29 -0.95
H5A1 5CM B 6 -2.07 -9.04 -0.26
H5A2 5CM B 6 -3.70 -8.34 -0.33
H5A3 5CM B 6 -3.06 -8.98 1.21
H6 5CM B 6 -1.85 -11.22 -1.05
HN41 5CM B 6 -5.42 -9.00 0.91
HN42 5CM B 6 -6.75 -10.14 0.90
H1' 5CM B 6 -3.23 -14.52 -2.01
H2' 5CM B 6 -2.05 -12.07 -3.02
H2'' 5CM B 6 -2.29 -13.63 -3.85
H3' 5CM B 6 0.15 -12.53 -2.89
H4' 5CM B 6 0.21 -15.01 -1.49
H5' 5CM B 6 0.51 -13.42 0.49
H5'' 5CM B 6 1.65 -13.24 -0.86
N MET C 1 -13.86 4.50 -12.99
CA MET C 1 -13.94 4.64 -11.51
C MET C 1 -13.19 3.49 -10.83
N ALA C 2 -12.51 3.77 -9.75
CA ALA C 2 -11.75 2.69 -9.04
C ALA C 2 -11.76 2.95 -7.53
N GLU C 3 -12.92 3.09 -6.95
CA GLU C 3 -12.99 3.34 -5.48
C GLU C 3 -12.18 4.59 -5.10
N ASP C 4 -11.91 5.46 -6.04
CA ASP C 4 -11.12 6.69 -5.73
C ASP C 4 -9.72 6.34 -5.23
N TRP C 5 -8.76 6.29 -6.12
CA TRP C 5 -7.37 5.96 -5.67
C TRP C 5 -6.70 7.20 -5.08
N LEU C 6 -5.57 7.04 -4.45
CA LEU C 6 -4.87 8.20 -3.84
C LEU C 6 -3.36 8.12 -4.11
N ASP C 7 -2.67 9.23 -4.01
CA ASP C 7 -1.19 9.20 -4.26
C ASP C 7 -0.50 8.31 -3.22
N CYS C 8 0.73 7.95 -3.46
CA CYS C 8 1.44 7.07 -2.48
C CYS C 8 2.95 7.38 -2.49
N PRO C 9 3.32 8.39 -1.73
CA PRO C 9 4.74 8.79 -1.65
C PRO C 9 5.55 7.79 -0.82
N ALA C 10 4.89 6.84 -0.21
CA ALA C 10 5.63 5.85 0.63
C ALA C 10 6.73 5.15 -0.17
N LEU C 11 6.65 5.16 -1.47
CA LEU C 11 7.69 4.49 -2.28
C LEU C 11 8.29 5.45 -3.31
N GLY C 12 7.51 5.87 -4.28
CA GLY C 12 8.04 6.80 -5.31
C GLY C 12 6.90 7.28 -6.22
N PRO C 13 7.27 7.85 -7.33
CA PRO C 13 6.26 8.36 -8.30
C PRO C 13 5.60 7.19 -9.05
N GLY C 14 4.30 7.22 -9.16
CA GLY C 14 3.58 6.13 -9.87
C GLY C 14 2.76 5.32 -8.86
N TRP C 15 3.24 5.20 -7.66
CA TRP C 15 2.51 4.42 -6.62
C TRP C 15 1.13 5.02 -6.31
N LYS C 16 0.18 4.18 -6.00
CA LYS C 16 -1.19 4.68 -5.67
C LYS C 16 -1.74 3.90 -4.46
N ARG C 17 -2.64 4.49 -3.71
CA ARG C 17 -3.19 3.77 -2.52
C ARG C 17 -4.72 3.85 -2.52
N ARG C 18 -5.36 2.75 -2.19
CA ARG C 18 -6.85 2.74 -2.13
C ARG C 18 -7.30 1.91 -0.93
N GLU C 19 -8.23 2.40 -0.17
CA GLU C 19 -8.71 1.64 1.02
C GLU C 19 -10.02 0.93 0.71
N VAL C 20 -10.14 -0.31 1.12
CA VAL C 20 -11.40 -1.08 0.84
C VAL C 20 -12.09 -1.41 2.16
N PHE C 21 -13.18 -0.74 2.47
CA PHE C 21 -13.90 -1.03 3.74
C PHE C 21 -14.90 -2.17 3.54
N ARG C 22 -14.54 -3.17 2.77
CA ARG C 22 -15.45 -4.32 2.52
C ARG C 22 -16.85 -3.86 2.08
N LYS C 23 -17.62 -4.74 1.50
CA LYS C 23 -18.98 -4.36 1.05
C LYS C 23 -20.01 -5.35 1.59
N SER C 24 -19.65 -6.61 1.71
CA SER C 24 -20.62 -7.63 2.24
C SER C 24 -20.13 -9.06 1.96
N GLY C 25 -20.97 -10.03 2.20
CA GLY C 25 -20.57 -11.46 1.96
C GLY C 25 -20.33 -12.16 3.29
N ALA C 26 -19.42 -11.65 4.08
CA ALA C 26 -19.10 -12.27 5.40
C ALA C 26 -17.97 -11.47 6.05
N THR C 27 -17.05 -11.02 5.25
CA THR C 27 -15.91 -10.21 5.76
C THR C 27 -16.34 -8.73 5.80
N CYS C 28 -17.60 -8.46 5.59
CA CYS C 28 -18.10 -7.05 5.60
C CYS C 28 -17.62 -6.29 6.85
N GLY C 29 -17.11 -5.11 6.66
CA GLY C 29 -16.64 -4.31 7.84
C GLY C 29 -15.11 -4.37 7.96
N ARG C 30 -14.47 -5.18 7.16
CA ARG C 30 -12.98 -5.26 7.24
C ARG C 30 -12.35 -4.26 6.27
N SER C 31 -11.45 -3.44 6.73
CA SER C 31 -10.82 -2.43 5.82
C SER C 31 -9.45 -2.90 5.34
N ASP C 32 -9.26 -2.97 4.05
CA ASP C 32 -7.95 -3.41 3.49
C ASP C 32 -7.40 -2.32 2.57
N THR C 33 -6.16 -1.93 2.74
CA THR C 33 -5.59 -0.89 1.87
C THR C 33 -4.74 -1.52 0.75
N TYR C 34 -5.13 -1.30 -0.47
CA TYR C 34 -4.36 -1.88 -1.61
C TYR C 34 -3.47 -0.81 -2.25
N TYR C 35 -2.39 -1.21 -2.86
CA TYR C 35 -1.48 -0.21 -3.50
C TYR C 35 -0.98 -0.74 -4.84
N GLN C 36 -0.82 0.13 -5.81
CA GLN C 36 -0.30 -0.30 -7.13
C GLN C 36 1.11 0.24 -7.30
N SER C 37 1.98 -0.52 -7.90
CA SER C 37 3.39 -0.05 -8.10
C SER C 37 3.39 1.29 -8.83
N PRO C 38 4.55 1.78 -9.15
CA PRO C 38 4.65 3.07 -9.84
C PRO C 38 4.46 2.92 -11.35
N THR C 39 4.41 1.72 -11.87
CA THR C 39 4.22 1.60 -13.34
C THR C 39 3.88 0.17 -13.79
N GLY C 40 2.95 -0.48 -13.13
CA GLY C 40 2.57 -1.85 -13.58
C GLY C 40 2.94 -2.92 -12.53
N ASP C 41 2.05 -3.19 -11.62
CA ASP C 41 2.29 -4.24 -10.57
C ASP C 41 1.26 -4.08 -9.45
N ARG C 42 0.32 -4.98 -9.35
CA ARG C 42 -0.72 -4.85 -8.29
C ARG C 42 -0.18 -5.34 -6.94
N ILE C 43 -0.09 -4.47 -5.98
CA ILE C 43 0.41 -4.86 -4.64
C ILE C 43 -0.74 -4.75 -3.62
N ARG C 44 -0.74 -5.56 -2.60
CA ARG C 44 -1.85 -5.50 -1.60
C ARG C 44 -1.32 -5.58 -0.17
N SER C 45 -0.03 -5.61 0.02
CA SER C 45 0.50 -5.69 1.42
C SER C 45 1.97 -5.30 1.48
N LYS C 46 2.65 -5.65 2.55
CA LYS C 46 4.09 -5.31 2.67
C LYS C 46 4.92 -6.21 1.77
N VAL C 47 4.69 -7.49 1.82
CA VAL C 47 5.45 -8.43 0.95
C VAL C 47 5.33 -7.98 -0.52
N GLU C 48 4.12 -7.82 -1.01
CA GLU C 48 3.94 -7.37 -2.42
C GLU C 48 4.77 -6.11 -2.65
N LEU C 49 4.76 -5.20 -1.70
CA LEU C 49 5.57 -3.96 -1.84
C LEU C 49 7.04 -4.34 -1.82
N THR C 50 7.42 -5.17 -0.88
CA THR C 50 8.83 -5.61 -0.78
C THR C 50 9.26 -6.34 -2.06
N ARG C 51 8.32 -6.77 -2.85
CA ARG C 51 8.65 -7.50 -4.12
C ARG C 51 9.10 -6.51 -5.20
N TYR C 52 8.22 -5.62 -5.60
CA TYR C 52 8.59 -4.64 -6.67
C TYR C 52 9.89 -3.91 -6.28
N LEU C 53 10.13 -3.77 -5.01
CA LEU C 53 11.38 -3.07 -4.55
C LEU C 53 12.51 -4.08 -4.35
N GLY C 54 12.18 -5.33 -4.13
CA GLY C 54 13.24 -6.36 -3.92
C GLY C 54 13.24 -6.80 -2.45
N PRO C 55 13.73 -8.00 -2.23
CA PRO C 55 13.79 -8.54 -0.85
C PRO C 55 14.85 -7.82 -0.03
N ALA C 56 15.86 -7.30 -0.67
CA ALA C 56 16.93 -6.57 0.06
C ALA C 56 16.45 -5.17 0.46
N CYS C 57 15.44 -4.67 -0.22
CA CYS C 57 14.93 -3.31 0.12
C CYS C 57 13.76 -3.42 1.10
N ASP C 58 14.04 -3.72 2.34
CA ASP C 58 12.94 -3.84 3.35
C ASP C 58 12.18 -2.52 3.45
N LEU C 59 10.97 -2.56 3.97
CA LEU C 59 10.17 -1.30 4.10
C LEU C 59 9.57 -1.21 5.50
N THR C 60 10.34 -1.53 6.52
CA THR C 60 9.82 -1.46 7.90
C THR C 60 9.25 -0.07 8.20
N LEU C 61 9.73 0.94 7.50
CA LEU C 61 9.22 2.32 7.73
C LEU C 61 7.91 2.53 6.98
N PHE C 62 7.68 1.78 5.94
CA PHE C 62 6.42 1.93 5.15
C PHE C 62 5.23 1.46 5.99
N ASP C 63 4.31 2.35 6.27
CA ASP C 63 3.12 1.96 7.08
C ASP C 63 2.04 1.36 6.17
N PHE C 64 1.79 0.09 6.29
CA PHE C 64 0.75 -0.56 5.42
C PHE C 64 -0.56 0.24 5.45
N LYS C 65 -0.98 0.68 6.60
CA LYS C 65 -2.26 1.44 6.67
C LYS C 65 -2.09 2.87 6.15
N GLN C 66 -1.15 3.61 6.68
CA GLN C 66 -0.94 5.00 6.20
C GLN C 66 -0.49 5.02 4.74
N GLY C 67 0.53 4.26 4.41
CA GLY C 67 1.02 4.24 3.01
C GLY C 67 2.01 5.40 2.82
N ILE C 68 2.99 5.48 3.67
CA ILE C 68 3.99 6.59 3.55
C ILE C 68 5.30 6.19 4.24
N LEU C 69 6.40 6.76 3.84
CA LEU C 69 7.70 6.42 4.47
C LEU C 69 8.12 7.53 5.43
N CYS C 70 7.67 7.47 6.66
CA CYS C 70 8.04 8.52 7.66
C CYS C 70 9.54 8.82 7.61
N TYR C 71 10.36 7.84 7.91
CA TYR C 71 11.84 8.06 7.87
C TYR C 71 12.22 9.30 8.69
N PRO C 72 12.46 9.08 9.96
CA PRO C 72 12.85 10.20 10.86
C PRO C 72 14.28 10.64 10.58
N ALA C 73 14.50 11.92 10.44
CA ALA C 73 15.87 12.43 10.15
C ALA C 73 16.24 13.54 11.15
N PRO C 74 16.18 13.21 12.41
CA PRO C 74 16.51 14.20 13.47
C PRO C 74 18.02 14.44 13.51
N LYS C 75 18.42 15.67 13.74
CA LYS C 75 19.89 15.99 13.79
C LYS C 75 20.60 15.44 12.55
N1 5CM A 6 -13.39 -10.59 -1.09
C2 5CM A 6 -12.27 -11.18 -1.67
N3 5CM A 6 -11.18 -10.41 -1.89
C4 5CM A 6 -11.17 -9.11 -1.56
C5 5CM A 6 -12.31 -8.50 -0.96
C5A 5CM A 6 -12.31 -7.03 -0.58
C6 5CM A 6 -13.40 -9.28 -0.74
O2 5CM A 6 -12.29 -12.36 -1.96
N4 5CM A 6 -10.07 -8.39 -1.79
C1' 5CM A 6 -14.58 -11.45 -0.92
C2' 5CM A 6 -15.34 -11.14 0.36
C3' 5CM A 6 -16.79 -11.01 -0.03
C4' 5CM A 6 -16.80 -10.85 -1.54
O4' 5CM A 6 -15.49 -11.28 -2.02
O3' 5CM A 6 -17.53 -12.18 0.34
C5' 5CM A 6 -17.06 -9.41 -1.91
O5' 5CM A 6 -15.98 -8.57 -1.53
P 5CM A 6 -16.24 -7.24 -0.67
OP1 5CM A 6 -17.45 -7.44 0.14
OP2 5CM A 6 -14.97 -6.84 -0.03
H5A1 5CM A 6 -11.68 -6.46 -1.28
H5A2 5CM A 6 -13.32 -6.64 -0.62
H5A3 5CM A 6 -11.91 -6.90 0.42
H6 5CM A 6 -14.28 -8.84 -0.28
HN41 5CM A 6 -10.06 -7.41 -1.54
HN42 5CM A 6 -9.26 -8.82 -2.22
H1' 5CM A 6 -14.27 -12.50 -0.89
H2' 5CM A 6 -14.99 -10.20 0.79
H2'' 5CM A 6 -15.22 -11.94 1.08
H3' 5CM A 6 -17.23 -10.13 0.44
H4' 5CM A 6 -17.56 -11.51 -1.96
H5' 5CM A 6 -17.21 -9.34 -2.99
H5'' 5CM A 6 -17.97 -9.07 -1.41
N1 5CM B 6 -3.41 -12.33 -1.04
C2 5CM B 6 -4.71 -12.73 -0.76
N3 5CM B 6 -5.54 -11.85 -0.15
C4 5CM B 6 -5.12 -10.62 0.19
C5 5CM B 6 -3.78 -10.20 -0.11
C5A 5CM B 6 -3.29 -8.81 0.27
C6 5CM B 6 -2.96 -11.09 -0.72
O2 5CM B 6 -5.08 -13.84 -1.07
N4 5CM B 6 -5.95 -9.77 0.78
C1' 5CM B 6 -2.53 -13.30 -1.72
C2' 5CM B 6 -1.87 -12.67 -2.94
C3' 5CM B 6 -0.38 -12.88 -2.78
C4' 5CM B 6 -0.18 -13.44 -1.39
O4' 5CM B 6 -1.49 -13.74 -0.84
O3' 5CM B 6 0.11 -13.80 -3.77
C5' 5CM B 6 0.54 -12.43 -0.51
O5' 5CM B 6 0.12 -11.09 -0.81
P 5CM B 6 1.15 -9.86 -0.70
OP1 5CM B 6 2.17 -10.03 -1.76
OP2 5CM B 6 0.37 -8.61 -0.61
H5A1 5CM B 6 -3.12 -8.75 1.34
H5A2 5CM B 6 -2.37 -8.59 -0.26
H5A3 5CM B 6 -4.04 -8.07 -0.02
H6 5CM B 6 -1.94 -10.81 -0.95
HN41 5CM B 6 -5.64 -8.85 1.04
HN42 5CM B 6 -6.90 -10.07 1.00
H1' 5CM B 6 -3.12 -14.15 -2.04
H2' 5CM B 6 -2.08 -11.60 -2.96
H2'' 5CM B 6 -2.23 -13.13 -3.85
H3' 5CM B 6 0.14 -11.92 -2.88
H4' 5CM B 6 0.40 -14.36 -1.44
H5' 5CM B 6 0.33 -12.64 0.53
H5'' 5CM B 6 1.61 -12.51 -0.68
N MET C 1 -19.42 6.91 -4.91
CA MET C 1 -17.94 7.04 -4.76
C MET C 1 -17.22 6.03 -5.66
N ALA C 2 -16.02 6.33 -6.05
CA ALA C 2 -15.26 5.39 -6.94
C ALA C 2 -13.92 5.02 -6.29
N GLU C 3 -13.90 4.87 -5.00
CA GLU C 3 -12.63 4.51 -4.29
C GLU C 3 -11.58 5.61 -4.44
N ASP C 4 -11.16 5.90 -5.65
CA ASP C 4 -10.13 6.96 -5.88
C ASP C 4 -8.81 6.57 -5.22
N TRP C 5 -7.74 6.61 -5.95
CA TRP C 5 -6.41 6.24 -5.37
C TRP C 5 -5.84 7.41 -4.57
N LEU C 6 -4.75 7.18 -3.88
CA LEU C 6 -4.15 8.27 -3.06
C LEU C 6 -2.63 8.31 -3.26
N ASP C 7 -2.00 9.40 -2.96
CA ASP C 7 -0.52 9.49 -3.13
C ASP C 7 0.19 8.55 -2.16
N CYS C 8 1.37 8.10 -2.52
CA CYS C 8 2.13 7.17 -1.63
C CYS C 8 3.62 7.49 -1.70
N PRO C 9 4.03 8.46 -0.91
CA PRO C 9 5.45 8.88 -0.89
C PRO C 9 6.34 7.85 -0.22
N ALA C 10 5.78 6.83 0.38
CA ALA C 10 6.62 5.82 1.05
C ALA C 10 7.67 5.25 0.09
N LEU C 11 7.24 4.65 -0.98
CA LEU C 11 8.21 4.07 -1.95
C LEU C 11 8.78 5.17 -2.86
N GLY C 12 7.94 5.85 -3.60
CA GLY C 12 8.45 6.92 -4.51
C GLY C 12 7.30 7.46 -5.38
N PRO C 13 7.67 8.11 -6.45
CA PRO C 13 6.66 8.68 -7.37
C PRO C 13 5.99 7.57 -8.20
N GLY C 14 4.74 7.76 -8.54
CA GLY C 14 4.02 6.73 -9.35
C GLY C 14 3.17 5.86 -8.42
N TRP C 15 3.63 5.64 -7.21
CA TRP C 15 2.87 4.77 -6.26
C TRP C 15 1.52 5.39 -5.89
N LYS C 16 0.53 4.57 -5.68
CA LYS C 16 -0.82 5.08 -5.31
C LYS C 16 -1.44 4.17 -4.24
N ARG C 17 -2.26 4.71 -3.38
CA ARG C 17 -2.88 3.87 -2.31
C ARG C 17 -4.41 4.02 -2.33
N ARG C 18 -5.11 2.92 -2.47
CA ARG C 18 -6.60 2.98 -2.49
C ARG C 18 -7.17 2.28 -1.26
N GLU C 19 -8.18 2.85 -0.66
CA GLU C 19 -8.79 2.20 0.55
C GLU C 19 -10.08 1.48 0.18
N VAL C 20 -10.38 0.40 0.84
CA VAL C 20 -11.63 -0.37 0.53
C VAL C 20 -12.46 -0.56 1.80
N PHE C 21 -13.73 -0.80 1.67
CA PHE C 21 -14.59 -0.99 2.88
C PHE C 21 -15.53 -2.19 2.67
N ARG C 22 -15.02 -3.25 2.07
CA ARG C 22 -15.84 -4.47 1.84
C ARG C 22 -17.18 -4.11 1.16
N LYS C 23 -17.95 -5.10 0.82
CA LYS C 23 -19.27 -4.84 0.16
C LYS C 23 -20.33 -5.81 0.69
N SER C 24 -19.98 -7.07 0.86
CA SER C 24 -20.98 -8.07 1.36
C SER C 24 -20.38 -9.49 1.36
N GLY C 25 -21.23 -10.48 1.53
CA GLY C 25 -20.74 -11.89 1.53
C GLY C 25 -20.61 -12.40 2.97
N ALA C 26 -19.61 -11.94 3.67
CA ALA C 26 -19.39 -12.39 5.08
C ALA C 26 -18.37 -11.45 5.72
N THR C 27 -17.34 -11.15 5.00
CA THR C 27 -16.29 -10.22 5.51
C THR C 27 -16.79 -8.78 5.43
N CYS C 28 -17.99 -8.58 4.92
CA CYS C 28 -18.57 -7.21 4.78
C CYS C 28 -18.27 -6.35 6.02
N GLY C 29 -17.91 -5.11 5.81
CA GLY C 29 -17.63 -4.21 6.97
C GLY C 29 -16.12 -4.12 7.22
N ARG C 30 -15.33 -4.95 6.58
CA ARG C 30 -13.85 -4.90 6.79
C ARG C 30 -13.22 -3.96 5.77
N SER C 31 -12.32 -3.12 6.20
CA SER C 31 -11.66 -2.17 5.26
C SER C 31 -10.28 -2.68 4.86
N ASP C 32 -9.99 -2.71 3.58
CA ASP C 32 -8.66 -3.20 3.11
C ASP C 32 -7.97 -2.12 2.28
N THR C 33 -6.71 -1.89 2.52
CA THR C 33 -5.99 -0.85 1.73
C THR C 33 -5.17 -1.50 0.62
N TYR C 34 -5.39 -1.10 -0.60
CA TYR C 34 -4.63 -1.69 -1.74
C TYR C 34 -3.68 -0.63 -2.31
N TYR C 35 -2.64 -1.05 -2.99
CA TYR C 35 -1.69 -0.05 -3.56
C TYR C 35 -1.23 -0.47 -4.96
N GLN C 36 -1.01 0.47 -5.82
CA GLN C 36 -0.52 0.14 -7.20
C GLN C 36 0.92 0.62 -7.33
N SER C 37 1.75 -0.14 -8.00
CA SER C 37 3.18 0.28 -8.15
C SER C 37 3.25 1.68 -8.75
N PRO C 38 4.46 2.15 -8.98
CA PRO C 38 4.64 3.49 -9.54
C PRO C 38 4.54 3.49 -11.06
N THR C 39 4.48 2.34 -11.68
CA THR C 39 4.39 2.35 -13.18
C THR C 39 3.98 0.98 -13.75
N GLY C 40 2.97 0.37 -13.19
CA GLY C 40 2.49 -0.94 -13.73
C GLY C 40 2.89 -2.11 -12.82
N ASP C 41 2.03 -2.45 -11.90
CA ASP C 41 2.28 -3.60 -10.96
C ASP C 41 1.29 -3.52 -9.81
N ARG C 42 0.39 -4.46 -9.71
CA ARG C 42 -0.62 -4.42 -8.63
C ARG C 42 -0.04 -4.91 -7.30
N ILE C 43 -0.18 -4.13 -6.26
CA ILE C 43 0.35 -4.54 -4.92
C ILE C 43 -0.82 -4.63 -3.95
N ARG C 44 -0.74 -5.50 -2.97
CA ARG C 44 -1.87 -5.64 -2.00
C ARG C 44 -1.41 -5.41 -0.56
N SER C 45 -0.13 -5.57 -0.28
CA SER C 45 0.35 -5.36 1.12
C SER C 45 1.84 -5.00 1.12
N LYS C 46 2.52 -5.25 2.20
CA LYS C 46 3.97 -4.91 2.27
C LYS C 46 4.79 -5.91 1.46
N VAL C 47 4.54 -7.17 1.60
CA VAL C 47 5.30 -8.18 0.82
C VAL C 47 5.20 -7.84 -0.67
N GLU C 48 4.01 -7.84 -1.21
CA GLU C 48 3.85 -7.49 -2.66
C GLU C 48 4.60 -6.18 -2.93
N LEU C 49 4.58 -5.28 -1.98
CA LEU C 49 5.34 -4.01 -2.16
C LEU C 49 6.82 -4.35 -2.21
N THR C 50 7.24 -5.23 -1.35
CA THR C 50 8.66 -5.66 -1.33
C THR C 50 9.00 -6.40 -2.63
N ARG C 51 8.00 -6.91 -3.32
CA ARG C 51 8.28 -7.63 -4.60
C ARG C 51 8.76 -6.63 -5.65
N TYR C 52 7.98 -5.61 -5.91
CA TYR C 52 8.40 -4.60 -6.94
C TYR C 52 9.76 -4.02 -6.55
N LEU C 53 10.02 -3.86 -5.28
CA LEU C 53 11.32 -3.31 -4.83
C LEU C 53 12.40 -4.39 -4.85
N GLY C 54 12.01 -5.64 -4.79
CA GLY C 54 13.00 -6.74 -4.80
C GLY C 54 12.98 -7.46 -3.46
N PRO C 55 13.40 -8.71 -3.49
CA PRO C 55 13.43 -9.53 -2.25
C PRO C 55 14.53 -9.03 -1.31
N ALA C 56 15.52 -8.34 -1.85
CA ALA C 56 16.61 -7.82 -1.00
C ALA C 56 16.20 -6.49 -0.35
N CYS C 57 15.21 -5.85 -0.89
CA CYS C 57 14.75 -4.54 -0.30
C CYS C 57 13.70 -4.80 0.77
N ASP C 58 13.84 -4.18 1.91
CA ASP C 58 12.84 -4.39 3.01
C ASP C 58 11.93 -3.16 3.13
N LEU C 59 10.92 -3.25 3.96
CA LEU C 59 9.99 -2.09 4.14
C LEU C 59 9.46 -2.08 5.58
N THR C 60 10.35 -2.21 6.54
CA THR C 60 9.92 -2.22 7.97
C THR C 60 9.32 -0.88 8.37
N LEU C 61 9.48 0.14 7.57
CA LEU C 61 8.92 1.48 7.93
C LEU C 61 7.58 1.71 7.24
N PHE C 62 7.21 0.86 6.30
CA PHE C 62 5.90 1.03 5.61
C PHE C 62 4.77 0.56 6.54
N ASP C 63 3.84 1.41 6.84
CA ASP C 63 2.73 1.00 7.77
C ASP C 63 1.54 0.43 6.98
N PHE C 64 1.77 0.01 5.75
CA PHE C 64 0.64 -0.57 4.94
C PHE C 64 -0.54 0.41 4.85
N LYS C 65 -1.37 0.44 5.86
CA LYS C 65 -2.55 1.37 5.83
C LYS C 65 -2.08 2.82 5.65
N GLN C 66 -1.18 3.29 6.47
CA GLN C 66 -0.68 4.69 6.34
C GLN C 66 -0.20 4.97 4.91
N GLY C 67 0.45 4.01 4.30
CA GLY C 67 0.94 4.20 2.91
C GLY C 67 2.21 5.05 2.93
N ILE C 68 2.92 5.06 4.03
CA ILE C 68 4.18 5.87 4.09
C ILE C 68 5.29 5.07 4.77
N LEU C 69 6.53 5.37 4.48
CA LEU C 69 7.65 4.62 5.11
C LEU C 69 8.12 5.34 6.38
N CYS C 70 7.40 5.17 7.46
CA CYS C 70 7.79 5.84 8.73
C CYS C 70 8.09 4.79 9.80
N TYR C 71 7.79 5.08 11.03
CA TYR C 71 8.06 4.09 12.12
C TYR C 71 6.78 3.31 12.44
N PRO C 72 6.96 2.15 13.02
CA PRO C 72 5.81 1.30 13.39
C PRO C 72 5.03 1.93 14.55
N ALA C 73 5.69 2.74 15.34
CA ALA C 73 5.00 3.40 16.50
C ALA C 73 4.30 2.37 17.38
N PRO C 74 4.97 1.98 18.44
CA PRO C 74 4.39 0.99 19.38
C PRO C 74 3.26 1.62 20.19
N LYS C 75 3.28 2.92 20.38
CA LYS C 75 2.22 3.59 21.16
C LYS C 75 0.88 3.48 20.43
N1 5CM A 6 -13.32 -10.53 -0.91
C2 5CM A 6 -12.25 -11.20 -1.49
N3 5CM A 6 -11.10 -10.51 -1.71
C4 5CM A 6 -10.99 -9.22 -1.37
C5 5CM A 6 -12.08 -8.52 -0.76
C5A 5CM A 6 -11.97 -7.05 -0.38
C6 5CM A 6 -13.22 -9.22 -0.55
O2 5CM A 6 -12.36 -12.37 -1.80
N4 5CM A 6 -9.84 -8.58 -1.60
C1' 5CM A 6 -14.56 -11.29 -0.72
C2' 5CM A 6 -15.27 -10.93 0.57
C3' 5CM A 6 -16.72 -10.74 0.22
C4' 5CM A 6 -16.75 -10.58 -1.29
O4' 5CM A 6 -15.48 -11.05 -1.80
O3' 5CM A 6 -17.53 -11.87 0.60
C5' 5CM A 6 -16.97 -9.12 -1.66
O5' 5CM A 6 -15.80 -8.34 -1.37
P 5CM A 6 -15.93 -6.99 -0.51
OP1 5CM A 6 -17.15 -7.09 0.32
OP2 5CM A 6 -14.61 -6.73 0.13
H5A1 5CM A 6 -11.32 -6.54 -1.09
H5A2 5CM A 6 -12.96 -6.59 -0.40
H5A3 5CM A 6 -11.55 -6.97 0.63
H6 5CM A 6 -14.07 -8.72 -0.09
HN41 5CM A 6 -9.75 -7.61 -1.35
HN42 5CM A 6 -9.06 -9.06 -2.02
H1' 5CM A 6 -14.33 -12.36 -0.71
H2' 5CM A 6 -14.86 -10.00 0.98
H2'' 5CM A 6 -15.17 -11.73 1.30
H3' 5CM A 6 -17.11 -9.83 0.70
H4' 5CM A 6 -17.55 -11.18 -1.70
H5' 5CM A 6 -17.19 -9.05 -2.72
H5'' 5CM A 6 -17.81 -8.72 -1.09
N1 5CM B 6 -3.38 -12.69 -1.07
C2 5CM B 6 -4.66 -13.00 -0.68
N3 5CM B 6 -5.44 -12.00 -0.16
C4 5CM B 6 -4.96 -10.75 -0.05
C5 5CM B 6 -3.63 -10.44 -0.46
C5A 5CM B 6 -3.08 -9.02 -0.33
C6 5CM B 6 -2.87 -11.43 -0.97
O2 5CM B 6 -5.08 -14.14 -0.78
N4 5CM B 6 -5.74 -9.80 0.45
C1' 5CM B 6 -2.56 -13.78 -1.63
C2' 5CM B 6 -1.97 -13.38 -2.98
C3' 5CM B 6 -0.48 -13.61 -2.89
C4' 5CM B 6 -0.20 -14.00 -1.45
O4' 5CM B 6 -1.46 -14.10 -0.75
O3' 5CM B 6 -0.07 -14.67 -3.78
C5' 5CM B 6 0.70 -12.96 -0.79
O5' 5CM B 6 0.31 -11.63 -1.16
P 5CM B 6 1.42 -10.46 -1.23
OP1 5CM B 6 2.42 -10.83 -2.26
OP2 5CM B 6 0.71 -9.17 -1.31
H5A1 5CM B 6 -3.04 -8.74 0.72
H5A2 5CM B 6 -2.08 -8.97 -0.75
H5A3 5CM B 6 -3.73 -8.32 -0.86
H6 5CM B 6 -1.86 -11.23 -1.29
HN41 5CM B 6 -5.39 -8.86 0.55
HN42 5CM B 6 -6.68 -10.02 0.75
H1' 5CM B 6 -3.18 -14.66 -1.78
H2' 5CM B 6 -2.16 -12.32 -3.16
H2'' 5CM B 6 -2.40 -13.98 -3.77
H3' 5CM B 6 0.05 -12.70 -3.14
H4' 5CM B 6 0.30 -14.97 -1.43
H5' 5CM B 6 0.62 -13.06 0.29
H5'' 5CM B 6 1.73 -13.14 -1.09
N MET C 1 -13.78 3.38 -11.30
CA MET C 1 -13.41 3.25 -9.86
C MET C 1 -14.42 4.03 -8.99
N ALA C 2 -14.60 3.61 -7.77
CA ALA C 2 -15.56 4.31 -6.87
C ALA C 2 -14.97 4.47 -5.47
N GLU C 3 -13.67 4.41 -5.36
CA GLU C 3 -13.03 4.56 -4.01
C GLU C 3 -12.03 5.73 -4.01
N ASP C 4 -11.88 6.40 -5.13
CA ASP C 4 -10.93 7.55 -5.19
C ASP C 4 -9.51 7.08 -4.86
N TRP C 5 -8.65 7.02 -5.85
CA TRP C 5 -7.25 6.58 -5.60
C TRP C 5 -6.43 7.74 -5.02
N LEU C 6 -5.70 7.50 -3.97
CA LEU C 6 -4.89 8.59 -3.35
C LEU C 6 -3.39 8.34 -3.62
N ASP C 7 -2.58 9.36 -3.51
CA ASP C 7 -1.12 9.18 -3.76
C ASP C 7 -0.53 8.23 -2.71
N CYS C 8 0.74 7.95 -2.81
CA CYS C 8 1.39 7.03 -1.83
C CYS C 8 2.88 7.38 -1.69
N PRO C 9 3.16 8.28 -0.78
CA PRO C 9 4.56 8.70 -0.54
C PRO C 9 5.36 7.63 0.19
N ALA C 10 4.72 6.57 0.61
CA ALA C 10 5.48 5.51 1.34
C ALA C 10 6.70 5.05 0.54
N LEU C 11 6.58 4.98 -0.76
CA LEU C 11 7.74 4.53 -1.58
C LEU C 11 8.28 5.69 -2.43
N GLY C 12 7.49 6.20 -3.34
CA GLY C 12 7.97 7.33 -4.19
C GLY C 12 6.86 7.79 -5.13
N PRO C 13 7.26 8.46 -6.19
CA PRO C 13 6.28 8.98 -7.18
C PRO C 13 5.72 7.84 -8.04
N GLY C 14 4.48 7.93 -8.42
CA GLY C 14 3.87 6.85 -9.26
C GLY C 14 3.01 5.95 -8.38
N TRP C 15 3.45 5.69 -7.17
CA TRP C 15 2.68 4.79 -6.26
C TRP C 15 1.29 5.36 -5.99
N LYS C 16 0.32 4.49 -5.80
CA LYS C 16 -1.06 4.97 -5.52
C LYS C 16 -1.70 4.07 -4.45
N ARG C 17 -2.62 4.61 -3.69
CA ARG C 17 -3.28 3.79 -2.63
C ARG C 17 -4.80 3.97 -2.67
N ARG C 18 -5.53 2.91 -2.43
CA ARG C 18 -7.02 3.00 -2.43
C ARG C 18 -7.56 2.30 -1.19
N GLU C 19 -8.60 2.84 -0.60
CA GLU C 19 -9.18 2.21 0.62
C GLU C 19 -10.42 1.38 0.25
N VAL C 20 -10.47 0.14 0.66
CA VAL C 20 -11.63 -0.71 0.33
C VAL C 20 -12.39 -1.11 1.60
N PHE C 21 -13.47 -0.44 1.90
CA PHE C 21 -14.26 -0.79 3.12
C PHE C 21 -15.18 -1.98 2.84
N ARG C 22 -14.65 -3.02 2.27
CA ARG C 22 -15.48 -4.23 1.96
C ARG C 22 -16.77 -3.83 1.21
N LYS C 23 -17.58 -4.79 0.88
CA LYS C 23 -18.85 -4.49 0.17
C LYS C 23 -19.97 -5.38 0.71
N SER C 24 -19.66 -6.62 1.04
CA SER C 24 -20.71 -7.55 1.58
C SER C 24 -20.19 -8.98 1.62
N GLY C 25 -21.07 -9.93 1.83
CA GLY C 25 -20.65 -11.36 1.88
C GLY C 25 -20.54 -11.82 3.33
N ALA C 26 -19.37 -11.71 3.89
CA ALA C 26 -19.16 -12.13 5.31
C ALA C 26 -18.09 -11.23 5.94
N THR C 27 -17.04 -10.99 5.20
CA THR C 27 -15.94 -10.11 5.69
C THR C 27 -16.38 -8.64 5.65
N CYS C 28 -17.58 -8.39 5.18
CA CYS C 28 -18.08 -6.98 5.08
C CYS C 28 -17.73 -6.15 6.33
N GLY C 29 -17.36 -4.92 6.14
CA GLY C 29 -17.03 -4.05 7.31
C GLY C 29 -15.51 -3.89 7.44
N ARG C 30 -14.75 -4.73 6.79
CA ARG C 30 -13.26 -4.61 6.88
C ARG C 30 -12.75 -3.56 5.90
N SER C 31 -11.66 -2.90 6.22
CA SER C 31 -11.11 -1.87 5.31
C SER C 31 -9.75 -2.31 4.75
N ASP C 32 -9.73 -2.75 3.53
CA ASP C 32 -8.44 -3.20 2.92
C ASP C 32 -7.86 -2.11 2.04
N THR C 33 -6.65 -1.70 2.30
CA THR C 33 -6.03 -0.63 1.47
C THR C 33 -5.10 -1.25 0.42
N TYR C 34 -5.46 -1.14 -0.84
CA TYR C 34 -4.61 -1.71 -1.91
C TYR C 34 -3.77 -0.60 -2.56
N TYR C 35 -2.63 -0.93 -3.08
CA TYR C 35 -1.79 0.12 -3.72
C TYR C 35 -1.13 -0.44 -5.00
N GLN C 36 -0.82 0.43 -5.92
CA GLN C 36 -0.16 -0.03 -7.18
C GLN C 36 1.24 0.55 -7.27
N SER C 37 2.15 -0.14 -7.90
CA SER C 37 3.54 0.38 -8.02
C SER C 37 3.53 1.78 -8.65
N PRO C 38 4.70 2.35 -8.84
CA PRO C 38 4.78 3.70 -9.38
C PRO C 38 4.75 3.73 -10.92
N THR C 39 4.63 2.61 -11.58
CA THR C 39 4.62 2.70 -13.07
C THR C 39 4.16 1.39 -13.76
N GLY C 40 3.52 0.49 -13.06
CA GLY C 40 3.04 -0.75 -13.75
C GLY C 40 3.28 -2.01 -12.92
N ASP C 41 2.38 -2.30 -12.01
CA ASP C 41 2.50 -3.54 -11.17
C ASP C 41 1.46 -3.45 -10.03
N ARG C 42 0.58 -4.41 -9.96
CA ARG C 42 -0.46 -4.38 -8.89
C ARG C 42 0.11 -4.88 -7.56
N ILE C 43 -0.23 -4.22 -6.48
CA ILE C 43 0.26 -4.64 -5.15
C ILE C 43 -0.88 -4.58 -4.14
N ARG C 44 -0.90 -5.47 -3.18
CA ARG C 44 -2.02 -5.47 -2.19
C ARG C 44 -1.50 -5.55 -0.75
N SER C 45 -0.20 -5.57 -0.56
CA SER C 45 0.33 -5.65 0.84
C SER C 45 1.79 -5.21 0.87
N LYS C 46 2.48 -5.48 1.95
CA LYS C 46 3.91 -5.07 2.04
C LYS C 46 4.78 -5.98 1.18
N VAL C 47 4.60 -7.27 1.28
CA VAL C 47 5.40 -8.20 0.45
C VAL C 47 5.29 -7.79 -1.02
N GLU C 48 4.08 -7.62 -1.53
CA GLU C 48 3.91 -7.18 -2.93
C GLU C 48 4.74 -5.91 -3.15
N LEU C 49 4.73 -5.05 -2.18
CA LEU C 49 5.54 -3.80 -2.26
C LEU C 49 7.02 -4.18 -2.31
N THR C 50 7.38 -5.14 -1.51
CA THR C 50 8.80 -5.60 -1.49
C THR C 50 9.16 -6.27 -2.83
N ARG C 51 8.17 -6.74 -3.54
CA ARG C 51 8.46 -7.40 -4.86
C ARG C 51 8.96 -6.36 -5.86
N TYR C 52 8.16 -5.34 -6.13
CA TYR C 52 8.61 -4.29 -7.10
C TYR C 52 9.92 -3.67 -6.63
N LEU C 53 10.14 -3.63 -5.35
CA LEU C 53 11.41 -3.03 -4.82
C LEU C 53 12.53 -4.08 -4.81
N GLY C 54 12.20 -5.33 -4.96
CA GLY C 54 13.24 -6.40 -4.94
C GLY C 54 13.15 -7.19 -3.64
N PRO C 55 13.60 -8.42 -3.70
CA PRO C 55 13.56 -9.30 -2.51
C PRO C 55 14.59 -8.84 -1.47
N ALA C 56 15.52 -8.01 -1.87
CA ALA C 56 16.55 -7.52 -0.91
C ALA C 56 16.06 -6.24 -0.22
N CYS C 57 15.07 -5.60 -0.77
CA CYS C 57 14.55 -4.34 -0.15
C CYS C 57 13.43 -4.68 0.85
N ASP C 58 13.60 -4.31 2.09
CA ASP C 58 12.54 -4.61 3.10
C ASP C 58 11.76 -3.34 3.44
N LEU C 59 10.59 -3.48 3.99
CA LEU C 59 9.78 -2.28 4.34
C LEU C 59 9.09 -2.49 5.70
N THR C 60 9.86 -2.78 6.71
CA THR C 60 9.25 -2.99 8.07
C THR C 60 8.70 -1.67 8.62
N LEU C 61 9.03 -0.56 8.02
CA LEU C 61 8.53 0.74 8.52
C LEU C 61 7.27 1.17 7.75
N PHE C 62 7.09 0.67 6.56
CA PHE C 62 5.88 1.06 5.76
C PHE C 62 4.61 0.67 6.51
N ASP C 63 3.58 1.46 6.40
CA ASP C 63 2.31 1.14 7.10
C ASP C 63 1.27 0.60 6.11
N PHE C 64 0.96 -0.67 6.19
CA PHE C 64 -0.04 -1.25 5.25
C PHE C 64 -1.36 -0.48 5.32
N LYS C 65 -1.62 0.18 6.42
CA LYS C 65 -2.89 0.96 6.55
C LYS C 65 -2.70 2.39 6.05
N GLN C 66 -1.83 3.14 6.68
CA GLN C 66 -1.60 4.55 6.24
C GLN C 66 -0.98 4.60 4.85
N GLY C 67 0.10 3.89 4.64
CA GLY C 67 0.75 3.91 3.29
C GLY C 67 1.93 4.87 3.31
N ILE C 68 2.76 4.78 4.31
CA ILE C 68 3.94 5.69 4.39
C ILE C 68 5.11 4.97 5.05
N LEU C 69 6.32 5.34 4.70
CA LEU C 69 7.51 4.67 5.30
C LEU C 69 8.05 5.51 6.47
N CYS C 70 7.40 5.45 7.60
CA CYS C 70 7.86 6.25 8.77
C CYS C 70 9.21 5.73 9.27
N TYR C 71 10.27 6.11 8.61
CA TYR C 71 11.62 5.64 9.04
C TYR C 71 12.03 6.30 10.37
N PRO C 72 12.00 7.61 10.39
CA PRO C 72 12.37 8.36 11.62
C PRO C 72 11.31 8.19 12.72
N ALA C 73 10.23 7.51 12.44
CA ALA C 73 9.17 7.33 13.47
C ALA C 73 9.77 6.83 14.80
N PRO C 74 9.64 7.63 15.83
CA PRO C 74 10.20 7.25 17.16
C PRO C 74 9.36 6.15 17.79
N LYS C 75 9.94 5.40 18.69
CA LYS C 75 9.18 4.29 19.35
C LYS C 75 8.52 3.38 18.31
N1 5CM A 6 -13.29 -10.66 -1.22
C2 5CM A 6 -12.20 -11.32 -1.76
N3 5CM A 6 -11.03 -10.62 -1.90
C4 5CM A 6 -10.94 -9.34 -1.54
C5 5CM A 6 -12.06 -8.66 -0.97
C5A 5CM A 6 -11.96 -7.19 -0.57
C6 5CM A 6 -13.21 -9.35 -0.83
O2 5CM A 6 -12.29 -12.48 -2.09
N4 5CM A 6 -9.79 -8.70 -1.69
C1' 5CM A 6 -14.55 -11.42 -1.10
C2' 5CM A 6 -15.28 -11.13 0.21
C3' 5CM A 6 -16.73 -10.90 -0.15
C4' 5CM A 6 -16.72 -10.65 -1.66
O4' 5CM A 6 -15.45 -11.09 -2.18
O3' 5CM A 6 -17.54 -12.05 0.14
C5' 5CM A 6 -16.92 -9.17 -1.94
O5' 5CM A 6 -15.77 -8.41 -1.58
P 5CM A 6 -15.91 -7.10 -0.65
OP1 5CM A 6 -17.10 -7.26 0.19
OP2 5CM A 6 -14.59 -6.83 -0.04
H5A1 5CM A 6 -11.31 -6.66 -1.27
H5A2 5CM A 6 -12.96 -6.75 -0.59
H5A3 5CM A 6 -11.55 -7.11 0.43
H6 5CM A 6 -14.08 -8.85 -0.40
HN41 5CM A 6 -9.70 -7.73 -1.42
HN42 5CM A 6 -8.99 -9.18 -2.09
H1' 5CM A 6 -14.32 -12.48 -1.14
H2' 5CM A 6 -14.87 -10.22 0.67
H2'' 5CM A 6 -15.18 -11.97 0.89
H3' 5CM A 6 -17.10 -10.03 0.36
H4' 5CM A 6 -17.52 -11.23 -2.12
H5' 5CM A 6 -17.12 -9.04 -3.00
H5'' 5CM A 6 -17.78 -8.81 -1.37
N1 5CM B 6 -3.35 -12.84 -1.04
C2 5CM B 6 -4.64 -13.18 -0.72
N3 5CM B 6 -5.47 -12.20 -0.27
C4 5CM B 6 -5.05 -10.94 -0.12
C5 5CM B 6 -3.70 -10.59 -0.46
C5A 5CM B 6 -3.20 -9.16 -0.28
C6 5CM B 6 -2.89 -11.56 -0.90
O2 5CM B 6 -5.03 -14.33 -0.85
N4 5CM B 6 -5.89 -10.02 0.33
C1' 5CM B 6 -2.45 -13.90 -1.54
C2' 5CM B 6 -1.82 -13.51 -2.86
C3' 5CM B 6 -0.33 -13.70 -2.70
C4' 5CM B 6 -0.11 -13.98 -1.22
O4' 5CM B 6 -1.40 -14.17 -0.59
O3' 5CM B 6 0.13 -14.80 -3.50
C5' 5CM B 6 0.64 -12.82 -0.58
O5' 5CM B 6 0.15 -11.56 -1.05
P 5CM B 6 1.03 -10.23 -0.89
OP1 5CM B 6 2.10 -10.26 -1.91
OP2 5CM B 6 0.12 -9.07 -0.81
H5A1 5CM B 6 -3.08 -8.94 0.78
H5A2 5CM B 6 -2.25 -9.04 -0.79
H5A3 5CM B 6 -3.94 -8.47 -0.72
H6 5CM B 6 -1.86 -11.33 -1.16
HN41 5CM B 6 -5.57 -9.07 0.44
HN42 5CM B 6 -6.84 -10.27 0.56
H1' 5CM B 6 -3.04 -14.81 -1.69
H2' 5CM B 6 -2.04 -12.46 -3.08
H2'' 5CM B 6 -2.21 -14.13 -3.66
H3' 5CM B 6 0.18 -12.79 -2.99
H4' 5CM B 6 0.48 -14.89 -1.12
H5' 5CM B 6 0.51 -12.87 0.50
H5'' 5CM B 6 1.70 -12.90 -0.81
N MET C 1 -11.93 3.47 -10.87
CA MET C 1 -10.77 3.77 -9.98
C MET C 1 -10.98 5.10 -9.24
N ALA C 2 -12.05 5.20 -8.50
CA ALA C 2 -12.32 6.47 -7.76
C ALA C 2 -12.74 6.17 -6.31
N GLU C 3 -12.49 4.97 -5.84
CA GLU C 3 -12.88 4.62 -4.45
C GLU C 3 -12.09 5.50 -3.46
N ASP C 4 -10.79 5.53 -3.60
CA ASP C 4 -9.96 6.37 -2.68
C ASP C 4 -8.47 6.22 -3.05
N TRP C 5 -8.10 6.59 -4.25
CA TRP C 5 -6.68 6.47 -4.66
C TRP C 5 -5.87 7.65 -4.11
N LEU C 6 -5.24 7.46 -2.98
CA LEU C 6 -4.43 8.56 -2.38
C LEU C 6 -2.95 8.35 -2.70
N ASP C 7 -2.21 9.41 -2.86
CA ASP C 7 -0.76 9.27 -3.19
C ASP C 7 -0.07 8.31 -2.22
N CYS C 8 1.13 7.90 -2.51
CA CYS C 8 1.86 6.96 -1.62
C CYS C 8 3.36 7.31 -1.62
N PRO C 9 3.71 8.24 -0.77
CA PRO C 9 5.12 8.68 -0.66
C PRO C 9 6.00 7.60 -0.03
N ALA C 10 5.40 6.56 0.48
CA ALA C 10 6.21 5.49 1.13
C ALA C 10 7.18 4.86 0.11
N LEU C 11 6.99 5.09 -1.16
CA LEU C 11 7.90 4.49 -2.17
C LEU C 11 8.45 5.57 -3.10
N GLY C 12 7.61 6.15 -3.93
CA GLY C 12 8.09 7.20 -4.87
C GLY C 12 6.93 7.75 -5.69
N PRO C 13 7.28 8.52 -6.69
CA PRO C 13 6.24 9.13 -7.57
C PRO C 13 5.63 8.07 -8.51
N GLY C 14 4.41 7.71 -8.27
CA GLY C 14 3.74 6.69 -9.14
C GLY C 14 2.87 5.79 -8.26
N TRP C 15 3.35 5.47 -7.09
CA TRP C 15 2.58 4.56 -6.18
C TRP C 15 1.27 5.22 -5.74
N LYS C 16 0.22 4.44 -5.66
CA LYS C 16 -1.09 4.99 -5.21
C LYS C 16 -1.70 4.06 -4.15
N ARG C 17 -2.45 4.60 -3.23
CA ARG C 17 -3.06 3.76 -2.15
C ARG C 17 -4.59 3.78 -2.25
N ARG C 18 -5.21 2.67 -1.99
CA ARG C 18 -6.70 2.61 -2.04
C ARG C 18 -7.23 1.81 -0.85
N GLU C 19 -8.21 2.31 -0.15
CA GLU C 19 -8.74 1.57 1.03
C GLU C 19 -10.04 0.84 0.63
N VAL C 20 -10.18 -0.38 1.07
CA VAL C 20 -11.40 -1.17 0.73
C VAL C 20 -12.14 -1.59 2.00
N PHE C 21 -13.18 -0.90 2.36
CA PHE C 21 -13.93 -1.25 3.60
C PHE C 21 -14.91 -2.41 3.34
N ARG C 22 -14.49 -3.40 2.58
CA ARG C 22 -15.38 -4.57 2.29
C ARG C 22 -16.74 -4.10 1.75
N LYS C 23 -17.49 -4.98 1.15
CA LYS C 23 -18.82 -4.59 0.61
C LYS C 23 -19.91 -5.56 1.09
N SER C 24 -19.58 -6.83 1.24
CA SER C 24 -20.61 -7.83 1.69
C SER C 24 -20.10 -9.26 1.50
N GLY C 25 -20.99 -10.22 1.58
CA GLY C 25 -20.57 -11.64 1.39
C GLY C 25 -20.43 -12.33 2.75
N ALA C 26 -19.44 -11.94 3.50
CA ALA C 26 -19.22 -12.55 4.84
C ALA C 26 -18.11 -11.78 5.55
N THR C 27 -17.11 -11.40 4.81
CA THR C 27 -15.99 -10.61 5.37
C THR C 27 -16.40 -9.13 5.49
N CYS C 28 -17.60 -8.81 5.09
CA CYS C 28 -18.08 -7.40 5.15
C CYS C 28 -17.69 -6.71 6.46
N GLY C 29 -17.18 -5.51 6.37
CA GLY C 29 -16.79 -4.78 7.60
C GLY C 29 -15.26 -4.70 7.72
N ARG C 30 -14.54 -5.45 6.93
CA ARG C 30 -13.05 -5.39 7.01
C ARG C 30 -12.51 -4.30 6.09
N SER C 31 -11.39 -3.73 6.43
CA SER C 31 -10.82 -2.65 5.57
C SER C 31 -9.48 -3.10 4.97
N ASP C 32 -9.49 -3.50 3.72
CA ASP C 32 -8.23 -3.94 3.07
C ASP C 32 -7.67 -2.81 2.21
N THR C 33 -6.43 -2.44 2.44
CA THR C 33 -5.83 -1.33 1.64
C THR C 33 -4.96 -1.90 0.53
N TYR C 34 -5.21 -1.49 -0.69
CA TYR C 34 -4.41 -1.99 -1.84
C TYR C 34 -3.54 -0.87 -2.39
N TYR C 35 -2.48 -1.21 -3.09
CA TYR C 35 -1.60 -0.14 -3.64
C TYR C 35 -1.12 -0.52 -5.04
N GLN C 36 -0.95 0.45 -5.90
CA GLN C 36 -0.47 0.17 -7.29
C GLN C 36 0.97 0.64 -7.42
N SER C 37 1.75 -0.05 -8.22
CA SER C 37 3.18 0.35 -8.40
C SER C 37 3.28 1.82 -8.83
N PRO C 38 4.49 2.25 -9.09
CA PRO C 38 4.68 3.65 -9.51
C PRO C 38 4.47 3.78 -11.02
N THR C 39 4.38 2.68 -11.73
CA THR C 39 4.18 2.81 -13.21
C THR C 39 3.72 1.49 -13.85
N GLY C 40 3.17 0.57 -13.10
CA GLY C 40 2.68 -0.70 -13.74
C GLY C 40 2.99 -1.94 -12.87
N ASP C 41 2.13 -2.23 -11.94
CA ASP C 41 2.32 -3.44 -11.07
C ASP C 41 1.27 -3.43 -9.95
N ARG C 42 0.39 -4.39 -9.93
CA ARG C 42 -0.67 -4.41 -8.88
C ARG C 42 -0.14 -4.97 -7.56
N ILE C 43 -0.20 -4.18 -6.52
CA ILE C 43 0.28 -4.65 -5.18
C ILE C 43 -0.89 -4.62 -4.19
N ARG C 44 -0.87 -5.47 -3.20
CA ARG C 44 -2.01 -5.49 -2.23
C ARG C 44 -1.52 -5.35 -0.78
N SER C 45 -0.26 -5.61 -0.52
CA SER C 45 0.22 -5.49 0.89
C SER C 45 1.71 -5.13 0.92
N LYS C 46 2.36 -5.38 2.03
CA LYS C 46 3.80 -5.04 2.16
C LYS C 46 4.65 -6.07 1.41
N VAL C 47 4.35 -7.33 1.55
CA VAL C 47 5.13 -8.37 0.82
C VAL C 47 5.03 -8.10 -0.69
N GLU C 48 3.84 -8.10 -1.22
CA GLU C 48 3.66 -7.82 -2.68
C GLU C 48 4.44 -6.56 -3.06
N LEU C 49 4.41 -5.58 -2.19
CA LEU C 49 5.16 -4.33 -2.45
C LEU C 49 6.66 -4.65 -2.43
N THR C 50 7.06 -5.46 -1.49
CA THR C 50 8.50 -5.85 -1.40
C THR C 50 8.88 -6.70 -2.62
N ARG C 51 7.91 -7.20 -3.35
CA ARG C 51 8.23 -8.05 -4.53
C ARG C 51 8.64 -7.16 -5.71
N TYR C 52 7.78 -6.29 -6.15
CA TYR C 52 8.13 -5.41 -7.31
C TYR C 52 9.36 -4.56 -6.98
N LEU C 53 9.63 -4.35 -5.72
CA LEU C 53 10.83 -3.54 -5.34
C LEU C 53 12.06 -4.43 -5.19
N GLY C 54 11.93 -5.70 -5.49
CA GLY C 54 13.10 -6.62 -5.35
C GLY C 54 13.14 -7.20 -3.94
N PRO C 55 13.74 -8.36 -3.82
CA PRO C 55 13.83 -9.03 -2.51
C PRO C 55 14.86 -8.32 -1.61
N ALA C 56 15.76 -7.58 -2.20
CA ALA C 56 16.78 -6.85 -1.38
C ALA C 56 16.27 -5.46 -1.00
N CYS C 57 15.01 -5.19 -1.21
CA CYS C 57 14.46 -3.85 -0.85
C CYS C 57 13.31 -4.00 0.16
N ASP C 58 13.62 -4.42 1.36
CA ASP C 58 12.55 -4.59 2.39
C ASP C 58 11.89 -3.24 2.68
N LEU C 59 10.81 -3.25 3.42
CA LEU C 59 10.12 -1.97 3.75
C LEU C 59 9.67 -1.99 5.22
N THR C 60 10.56 -2.31 6.12
CA THR C 60 10.19 -2.36 7.57
C THR C 60 9.60 -1.01 8.01
N LEU C 61 9.93 0.04 7.32
CA LEU C 61 9.39 1.39 7.71
C LEU C 61 8.15 1.73 6.88
N PHE C 62 7.55 0.76 6.25
CA PHE C 62 6.32 1.02 5.44
C PHE C 62 5.09 0.47 6.16
N ASP C 63 4.20 1.32 6.58
CA ASP C 63 2.98 0.83 7.28
C ASP C 63 1.96 0.33 6.25
N PHE C 64 1.46 -0.85 6.42
CA PHE C 64 0.46 -1.40 5.44
C PHE C 64 -0.82 -0.57 5.49
N LYS C 65 -1.44 -0.46 6.64
CA LYS C 65 -2.70 0.33 6.74
C LYS C 65 -2.47 1.79 6.30
N GLN C 66 -1.45 2.42 6.80
CA GLN C 66 -1.19 3.84 6.41
C GLN C 66 -0.66 3.90 4.98
N GLY C 67 0.37 3.15 4.68
CA GLY C 67 0.94 3.16 3.31
C GLY C 67 1.89 4.35 3.17
N ILE C 68 2.73 4.56 4.15
CA ILE C 68 3.69 5.71 4.09
C ILE C 68 5.00 5.34 4.79
N LEU C 69 6.08 5.98 4.42
CA LEU C 69 7.38 5.68 5.06
C LEU C 69 7.58 6.58 6.28
N CYS C 70 7.05 6.20 7.41
CA CYS C 70 7.21 7.03 8.64
C CYS C 70 8.67 7.46 8.83
N TYR C 71 9.59 6.68 8.33
CA TYR C 71 11.03 7.03 8.47
C TYR C 71 11.67 7.22 7.09
N PRO C 72 12.32 8.34 6.90
CA PRO C 72 12.98 8.63 5.60
C PRO C 72 14.24 7.76 5.43
N ALA C 73 14.90 7.45 6.51
CA ALA C 73 16.13 6.60 6.42
C ALA C 73 17.15 7.25 5.48
N PRO C 74 18.32 6.67 5.43
CA PRO C 74 19.40 7.20 4.55
C PRO C 74 19.10 6.89 3.08
N LYS C 75 18.82 5.64 2.78
CA LYS C 75 18.52 5.27 1.36
C LYS C 75 17.08 5.64 1.02
N1 5CM A 6 -13.48 -10.62 -0.89
C2 5CM A 6 -12.46 -11.36 -1.48
N3 5CM A 6 -11.28 -10.72 -1.75
C4 5CM A 6 -11.11 -9.43 -1.44
C5 5CM A 6 -12.15 -8.67 -0.82
C5A 5CM A 6 -11.96 -7.19 -0.49
C6 5CM A 6 -13.31 -9.30 -0.57
O2 5CM A 6 -12.63 -12.53 -1.74
N4 5CM A 6 -9.95 -8.85 -1.71
C1' 5CM A 6 -14.76 -11.32 -0.65
C2' 5CM A 6 -15.42 -10.91 0.66
C3' 5CM A 6 -16.88 -10.66 0.34
C4' 5CM A 6 -16.93 -10.52 -1.18
O4' 5CM A 6 -15.70 -11.03 -1.71
O3' 5CM A 6 -17.71 -11.76 0.74
C5' 5CM A 6 -17.09 -9.05 -1.55
O5' 5CM A 6 -15.88 -8.33 -1.36
P 5CM A 6 -15.87 -6.96 -0.52
OP1 5CM A 6 -17.08 -6.96 0.35
OP2 5CM A 6 -14.53 -6.78 0.06
H5A1 5CM A 6 -11.45 -7.11 0.47
H5A2 5CM A 6 -11.35 -6.72 -1.26
H5A3 5CM A 6 -12.93 -6.70 -0.43
H6 5CM A 6 -14.13 -8.76 -0.10
HN41 5CM A 6 -9.80 -7.87 -1.50
HN42 5CM A 6 -9.20 -9.38 -2.15
H1' 5CM A 6 -14.58 -12.39 -0.63
H2' 5CM A 6 -14.97 -9.99 1.04
H2'' 5CM A 6 -15.32 -11.71 1.39
H3' 5CM A 6 -17.21 -9.74 0.81
H4' 5CM A 6 -17.77 -11.09 -1.56
H5' 5CM A 6 -17.40 -8.99 -2.60
H5'' 5CM A 6 -17.88 -8.61 -0.94
N1 5CM B 6 -3.56 -12.75 -1.31
C2 5CM B 6 -4.84 -13.11 -0.93
N3 5CM B 6 -5.68 -12.14 -0.46
C4 5CM B 6 -5.26 -10.87 -0.36
C5 5CM B 6 -3.94 -10.49 -0.75
C5A 5CM B 6 -3.46 -9.05 -0.64
C6 5CM B 6 -3.12 -11.47 -1.21
O2 5CM B 6 -5.21 -14.27 -1.02
N4 5CM B 6 -6.10 -9.94 0.10
C1' 5CM B 6 -2.69 -13.82 -1.82
C2' 5CM B 6 -2.07 -13.42 -3.15
C3' 5CM B 6 -0.58 -13.64 -3.03
C4' 5CM B 6 -0.33 -14.02 -1.58
O4' 5CM B 6 -1.61 -14.09 -0.90
O3' 5CM B 6 -0.14 -14.69 -3.91
C5' 5CM B 6 0.57 -12.99 -0.91
O5' 5CM B 6 0.26 -11.66 -1.34
P 5CM B 6 1.40 -10.52 -1.37
OP1 5CM B 6 2.48 -10.97 -2.27
OP2 5CM B 6 0.75 -9.21 -1.58
H5A1 5CM B 6 -2.56 -8.92 -1.25
H5A2 5CM B 6 -4.24 -8.39 -1.01
H5A3 5CM B 6 -3.23 -8.82 0.39
H6 5CM B 6 -2.11 -11.22 -1.52
HN41 5CM B 6 -5.80 -8.97 0.17
HN42 5CM B 6 -7.04 -10.20 0.38
H1' 5CM B 6 -3.27 -14.72 -1.96
H2' 5CM B 6 -2.27 -12.37 -3.35
H2'' 5CM B 6 -2.48 -14.03 -3.95
H3' 5CM B 6 -0.05 -12.71 -3.27
H4' 5CM B 6 0.15 -14.99 -1.54
H5' 5CM B 6 0.44 -13.05 0.16
H5'' 5CM B 6 1.61 -13.21 -1.17
N MET C 1 -16.23 8.04 1.71
CA MET C 1 -15.28 8.24 0.58
C MET C 1 -13.98 7.47 0.84
N ALA C 2 -14.07 6.18 1.07
CA ALA C 2 -12.85 5.38 1.33
C ALA C 2 -12.37 4.70 0.05
N GLU C 3 -13.26 4.49 -0.89
CA GLU C 3 -12.85 3.83 -2.17
C GLU C 3 -12.36 4.88 -3.16
N ASP C 4 -11.12 5.26 -3.07
CA ASP C 4 -10.57 6.29 -4.00
C ASP C 4 -9.10 5.98 -4.29
N TRP C 5 -8.28 6.98 -4.44
CA TRP C 5 -6.84 6.74 -4.73
C TRP C 5 -6.00 7.92 -4.24
N LEU C 6 -5.28 7.74 -3.17
CA LEU C 6 -4.44 8.86 -2.65
C LEU C 6 -2.97 8.56 -2.90
N ASP C 7 -2.14 9.57 -2.88
CA ASP C 7 -0.68 9.37 -3.11
C ASP C 7 -0.09 8.43 -2.05
N CYS C 8 1.09 7.94 -2.29
CA CYS C 8 1.74 7.02 -1.31
C CYS C 8 3.25 7.30 -1.30
N PRO C 9 3.63 8.23 -0.47
CA PRO C 9 5.07 8.62 -0.36
C PRO C 9 5.89 7.53 0.33
N ALA C 10 5.27 6.46 0.76
CA ALA C 10 6.04 5.40 1.44
C ALA C 10 7.14 4.83 0.53
N LEU C 11 7.07 5.13 -0.74
CA LEU C 11 8.12 4.60 -1.67
C LEU C 11 8.69 5.73 -2.54
N GLY C 12 7.91 6.25 -3.45
CA GLY C 12 8.40 7.34 -4.33
C GLY C 12 7.25 7.90 -5.17
N PRO C 13 7.61 8.64 -6.19
CA PRO C 13 6.60 9.26 -7.08
C PRO C 13 5.96 8.19 -7.99
N GLY C 14 4.67 8.27 -8.20
CA GLY C 14 3.98 7.27 -9.06
C GLY C 14 3.12 6.35 -8.20
N TRP C 15 3.62 6.01 -7.04
CA TRP C 15 2.85 5.09 -6.13
C TRP C 15 1.47 5.67 -5.79
N LYS C 16 0.47 4.84 -5.80
CA LYS C 16 -0.91 5.30 -5.45
C LYS C 16 -1.55 4.31 -4.47
N ARG C 17 -2.28 4.77 -3.50
CA ARG C 17 -2.90 3.84 -2.53
C ARG C 17 -4.43 4.03 -2.48
N ARG C 18 -5.15 2.98 -2.23
CA ARG C 18 -6.64 3.08 -2.16
C ARG C 18 -7.17 2.30 -0.96
N GLU C 19 -8.19 2.79 -0.31
CA GLU C 19 -8.75 2.07 0.87
C GLU C 19 -10.00 1.29 0.47
N VAL C 20 -10.06 0.04 0.82
CA VAL C 20 -11.26 -0.78 0.46
C VAL C 20 -11.99 -1.22 1.72
N PHE C 21 -12.99 -0.49 2.14
CA PHE C 21 -13.74 -0.88 3.38
C PHE C 21 -14.74 -1.99 3.08
N ARG C 22 -14.30 -3.05 2.45
CA ARG C 22 -15.21 -4.20 2.13
C ARG C 22 -16.50 -3.71 1.45
N LYS C 23 -17.30 -4.64 1.02
CA LYS C 23 -18.58 -4.27 0.35
C LYS C 23 -19.74 -5.01 1.05
N SER C 24 -19.52 -6.26 1.39
CA SER C 24 -20.59 -7.06 2.09
C SER C 24 -20.27 -8.56 2.00
N GLY C 25 -21.14 -9.39 2.54
CA GLY C 25 -20.90 -10.86 2.49
C GLY C 25 -20.65 -11.38 3.91
N ALA C 26 -19.42 -11.51 4.28
CA ALA C 26 -19.07 -12.01 5.64
C ALA C 26 -17.90 -11.19 6.19
N THR C 27 -16.90 -11.02 5.37
CA THR C 27 -15.72 -10.22 5.79
C THR C 27 -16.07 -8.73 5.79
N CYS C 28 -17.25 -8.38 5.35
CA CYS C 28 -17.68 -6.96 5.30
C CYS C 28 -17.23 -6.17 6.54
N GLY C 29 -16.89 -4.93 6.36
CA GLY C 29 -16.45 -4.09 7.53
C GLY C 29 -14.92 -4.00 7.56
N ARG C 30 -14.24 -4.88 6.88
CA ARG C 30 -12.75 -4.83 6.87
C ARG C 30 -12.26 -3.76 5.90
N SER C 31 -11.10 -3.21 6.15
CA SER C 31 -10.56 -2.16 5.23
C SER C 31 -9.24 -2.63 4.60
N ASP C 32 -9.28 -3.00 3.35
CA ASP C 32 -8.04 -3.47 2.67
C ASP C 32 -7.45 -2.33 1.84
N THR C 33 -6.21 -2.00 2.08
CA THR C 33 -5.58 -0.88 1.32
C THR C 33 -4.72 -1.44 0.18
N TYR C 34 -5.12 -1.19 -1.04
CA TYR C 34 -4.33 -1.69 -2.20
C TYR C 34 -3.60 -0.53 -2.87
N TYR C 35 -2.40 -0.74 -3.35
CA TYR C 35 -1.66 0.38 -4.01
C TYR C 35 -0.92 -0.13 -5.23
N GLN C 36 -0.75 0.71 -6.22
CA GLN C 36 -0.01 0.28 -7.44
C GLN C 36 1.38 0.90 -7.45
N SER C 37 2.32 0.28 -8.11
CA SER C 37 3.71 0.83 -8.16
C SER C 37 3.70 2.26 -8.70
N PRO C 38 4.86 2.80 -8.89
CA PRO C 38 4.96 4.18 -9.40
C PRO C 38 4.84 4.22 -10.92
N THR C 39 4.85 3.08 -11.59
CA THR C 39 4.75 3.14 -13.07
C THR C 39 4.50 1.76 -13.71
N GLY C 40 3.97 0.80 -12.99
CA GLY C 40 3.70 -0.52 -13.64
C GLY C 40 3.92 -1.70 -12.69
N ASP C 41 3.00 -1.94 -11.78
CA ASP C 41 3.11 -3.10 -10.84
C ASP C 41 2.04 -2.98 -9.75
N ARG C 42 1.02 -3.79 -9.81
CA ARG C 42 -0.07 -3.71 -8.79
C ARG C 42 0.35 -4.42 -7.50
N ILE C 43 0.29 -3.74 -6.39
CA ILE C 43 0.68 -4.36 -5.09
C ILE C 43 -0.57 -4.51 -4.21
N ARG C 44 -0.64 -5.55 -3.43
CA ARG C 44 -1.80 -5.74 -2.54
C ARG C 44 -1.37 -5.77 -1.07
N SER C 45 -0.10 -5.56 -0.80
CA SER C 45 0.37 -5.59 0.61
C SER C 45 1.81 -5.08 0.72
N LYS C 46 2.46 -5.31 1.83
CA LYS C 46 3.86 -4.85 1.98
C LYS C 46 4.78 -5.83 1.24
N VAL C 47 4.51 -7.11 1.34
CA VAL C 47 5.35 -8.10 0.61
C VAL C 47 5.31 -7.79 -0.88
N GLU C 48 4.11 -7.67 -1.43
CA GLU C 48 3.99 -7.34 -2.89
C GLU C 48 4.84 -6.10 -3.18
N LEU C 49 4.86 -5.17 -2.26
CA LEU C 49 5.69 -3.95 -2.43
C LEU C 49 7.16 -4.35 -2.38
N THR C 50 7.51 -5.18 -1.45
CA THR C 50 8.92 -5.65 -1.32
C THR C 50 9.31 -6.45 -2.57
N ARG C 51 8.35 -6.90 -3.33
CA ARG C 51 8.67 -7.69 -4.56
C ARG C 51 9.16 -6.77 -5.68
N TYR C 52 8.33 -5.85 -6.11
CA TYR C 52 8.74 -4.92 -7.21
C TYR C 52 10.00 -4.14 -6.80
N LEU C 53 10.27 -4.05 -5.52
CA LEU C 53 11.47 -3.29 -5.06
C LEU C 53 12.66 -4.25 -4.92
N GLY C 54 12.42 -5.53 -4.84
CA GLY C 54 13.54 -6.49 -4.68
C GLY C 54 13.54 -7.06 -3.26
N PRO C 55 14.12 -8.22 -3.12
CA PRO C 55 14.19 -8.89 -1.79
C PRO C 55 15.15 -8.14 -0.87
N ALA C 56 16.03 -7.34 -1.43
CA ALA C 56 16.99 -6.57 -0.59
C ALA C 56 16.42 -5.19 -0.24
N CYS C 57 15.14 -5.00 -0.46
CA CYS C 57 14.53 -3.67 -0.15
C CYS C 57 13.40 -3.85 0.88
N ASP C 58 13.74 -4.21 2.09
CA ASP C 58 12.70 -4.41 3.14
C ASP C 58 11.88 -3.13 3.33
N LEU C 59 10.70 -3.25 3.88
CA LEU C 59 9.85 -2.03 4.10
C LEU C 59 9.14 -2.12 5.45
N THR C 60 9.87 -2.40 6.49
CA THR C 60 9.24 -2.51 7.83
C THR C 60 8.64 -1.16 8.25
N LEU C 61 9.17 -0.08 7.75
CA LEU C 61 8.63 1.26 8.11
C LEU C 61 7.34 1.55 7.34
N PHE C 62 7.12 0.85 6.26
CA PHE C 62 5.88 1.09 5.46
C PHE C 62 4.64 0.62 6.24
N ASP C 63 3.54 1.28 6.06
CA ASP C 63 2.30 0.89 6.78
C ASP C 63 1.29 0.27 5.81
N PHE C 64 0.95 -0.97 6.01
CA PHE C 64 -0.02 -1.64 5.09
C PHE C 64 -1.35 -0.88 5.09
N LYS C 65 -1.69 -0.24 6.18
CA LYS C 65 -2.98 0.53 6.22
C LYS C 65 -2.75 1.97 5.77
N GLN C 66 -1.97 2.73 6.51
CA GLN C 66 -1.71 4.15 6.13
C GLN C 66 -1.07 4.23 4.74
N GLY C 67 -0.21 3.29 4.41
CA GLY C 67 0.45 3.32 3.07
C GLY C 67 1.52 4.41 3.06
N ILE C 68 2.29 4.50 4.11
CA ILE C 68 3.36 5.55 4.16
C ILE C 68 4.58 5.01 4.92
N LEU C 69 5.72 5.61 4.72
CA LEU C 69 6.95 5.15 5.42
C LEU C 69 7.02 5.77 6.81
N CYS C 70 6.19 5.32 7.72
CA CYS C 70 6.19 5.88 9.10
C CYS C 70 7.13 5.06 10.00
N TYR C 71 6.74 4.80 11.21
CA TYR C 71 7.61 4.00 12.14
C TYR C 71 6.76 3.10 13.03
N PRO C 72 6.15 2.12 12.42
CA PRO C 72 5.29 1.17 13.19
C PRO C 72 6.15 0.24 14.05
N ALA C 73 6.70 0.75 15.12
CA ALA C 73 7.56 -0.09 16.01
C ALA C 73 8.64 -0.81 15.19
N PRO C 74 9.72 -0.10 14.93
CA PRO C 74 10.84 -0.69 14.15
C PRO C 74 11.59 -1.72 14.98
N LYS C 75 12.21 -2.68 14.35
CA LYS C 75 12.96 -3.72 15.10
C LYS C 75 14.35 -3.20 15.48
N1 5CM A 6 -13.39 -10.61 -1.07
C2 5CM A 6 -12.33 -11.26 -1.67
N3 5CM A 6 -11.16 -10.58 -1.82
C4 5CM A 6 -11.05 -9.31 -1.41
C5 5CM A 6 -12.15 -8.63 -0.80
C5A 5CM A 6 -12.03 -7.18 -0.34
C6 5CM A 6 -13.30 -9.32 -0.64
O2 5CM A 6 -12.44 -12.41 -2.03
N4 5CM A 6 -9.89 -8.66 -1.59
C1' 5CM A 6 -14.66 -11.37 -0.94
C2' 5CM A 6 -15.36 -11.09 0.39
C3' 5CM A 6 -16.82 -10.84 0.05
C4' 5CM A 6 -16.84 -10.59 -1.45
O4' 5CM A 6 -15.57 -11.03 -2.00
O3' 5CM A 6 -17.64 -11.98 0.36
C5' 5CM A 6 -17.06 -9.11 -1.73
O5' 5CM A 6 -15.88 -8.36 -1.44
P 5CM A 6 -15.95 -7.05 -0.51
OP1 5CM A 6 -17.19 -7.14 0.30
OP2 5CM A 6 -14.64 -6.87 0.15
H5A1 5CM A 6 -11.38 -6.63 -1.03
H5A2 5CM A 6 -13.02 -6.73 -0.31
H5A3 5CM A 6 -11.59 -7.15 0.67
H6 5CM A 6 -14.16 -8.84 -0.17
HN41 5CM A 6 -9.79 -7.71 -1.28
HN42 5CM A 6 -9.11 -9.14 -2.02
H1' 5CM A 6 -14.44 -12.43 -1.00
H2' 5CM A 6 -14.94 -10.20 0.86
H2'' 5CM A 6 -15.26 -11.94 1.05
H3' 5CM A 6 -17.18 -9.97 0.58
H4' 5CM A 6 -17.64 -11.17 -1.90
H5' 5CM A 6 -17.32 -8.98 -2.78
H5'' 5CM A 6 -17.87 -8.75 -1.11
N1 5CM B 6 -3.25 -12.88 -1.10
C2 5CM B 6 -4.60 -13.15 -0.84
N3 5CM B 6 -5.36 -12.17 -0.29
C4 5CM B 6 -4.84 -10.98 0.00
C5 5CM B 6 -3.47 -10.69 -0.26
C5A 5CM B 6 -2.87 -9.33 0.06
C6 5CM B 6 -2.71 -11.67 -0.81
O2 5CM B 6 -5.05 -14.25 -1.12
N4 5CM B 6 -5.61 -10.04 0.54
C1' 5CM B 6 -2.45 -13.95 -1.72
C2' 5CM B 6 -1.69 -13.42 -2.93
C3' 5CM B 6 -0.25 -13.78 -2.73
C4' 5CM B 6 -0.15 -14.35 -1.32
O4' 5CM B 6 -1.48 -14.47 -0.78
O3' 5CM B 6 0.19 -14.74 -3.69
C5' 5CM B 6 0.70 -13.44 -0.44
O5' 5CM B 6 0.53 -12.06 -0.80
P 5CM B 6 1.80 -11.07 -0.84
OP1 5CM B 6 2.85 -11.69 -1.68
OP2 5CM B 6 1.31 -9.71 -1.14
H5A1 5CM B 6 -1.90 -9.22 -0.44
H5A2 5CM B 6 -3.55 -8.54 -0.28
H5A3 5CM B 6 -2.72 -9.23 1.13
H6 5CM B 6 -1.65 -11.49 -1.00
HN41 5CM B 6 -5.23 -9.13 0.76
HN42 5CM B 6 -6.59 -10.24 0.73
H1' 5CM B 6 -3.11 -14.75 -2.03
H2' 5CM B 6 -1.81 -12.34 -2.99
H2'' 5CM B 6 -2.08 -13.89 -3.84
H3' 5CM B 6 0.36 -12.88 -2.80
H4' 5CM B 6 0.31 -15.34 -1.37
H5' 5CM B 6 0.41 -13.57 0.60
H5'' 5CM B 6 1.75 -13.71 -0.56
N MET C 1 -17.58 0.24 -8.43
CA MET C 1 -17.43 1.70 -8.75
C MET C 1 -16.06 2.19 -8.28
N ALA C 2 -15.77 3.45 -8.53
CA ALA C 2 -14.46 4.00 -8.10
C ALA C 2 -14.55 4.57 -6.69
N GLU C 3 -14.10 3.82 -5.71
CA GLU C 3 -14.16 4.30 -4.30
C GLU C 3 -13.32 5.58 -4.14
N ASP C 4 -12.02 5.43 -4.02
CA ASP C 4 -11.15 6.63 -3.86
C ASP C 4 -9.67 6.23 -3.91
N TRP C 5 -8.95 6.71 -4.91
CA TRP C 5 -7.51 6.35 -5.02
C TRP C 5 -6.65 7.54 -4.56
N LEU C 6 -5.91 7.38 -3.50
CA LEU C 6 -5.04 8.50 -3.01
C LEU C 6 -3.59 8.24 -3.40
N ASP C 7 -2.78 9.27 -3.39
CA ASP C 7 -1.35 9.09 -3.77
C ASP C 7 -0.63 8.21 -2.73
N CYS C 8 0.61 7.90 -2.97
CA CYS C 8 1.38 7.04 -2.02
C CYS C 8 2.86 7.44 -2.06
N PRO C 9 3.20 8.41 -1.26
CA PRO C 9 4.61 8.90 -1.20
C PRO C 9 5.52 7.90 -0.49
N ALA C 10 4.97 6.86 0.05
CA ALA C 10 5.83 5.87 0.78
C ALA C 10 7.00 5.41 -0.10
N LEU C 11 6.71 4.76 -1.19
CA LEU C 11 7.80 4.27 -2.08
C LEU C 11 8.32 5.41 -2.96
N GLY C 12 7.46 6.02 -3.74
CA GLY C 12 7.91 7.14 -4.61
C GLY C 12 6.73 7.65 -5.46
N PRO C 13 7.04 8.51 -6.39
CA PRO C 13 5.99 9.09 -7.27
C PRO C 13 5.53 8.05 -8.30
N GLY C 14 4.44 7.39 -8.05
CA GLY C 14 3.93 6.37 -9.00
C GLY C 14 2.93 5.46 -8.28
N TRP C 15 3.12 5.25 -7.01
CA TRP C 15 2.21 4.34 -6.24
C TRP C 15 0.87 5.01 -5.96
N LYS C 16 -0.12 4.20 -5.69
CA LYS C 16 -1.48 4.74 -5.38
C LYS C 16 -2.09 3.92 -4.22
N ARG C 17 -2.92 4.52 -3.42
CA ARG C 17 -3.51 3.78 -2.27
C ARG C 17 -5.04 3.77 -2.38
N ARG C 18 -5.65 2.69 -1.95
CA ARG C 18 -7.14 2.59 -2.00
C ARG C 18 -7.64 1.90 -0.73
N GLU C 19 -8.67 2.42 -0.12
CA GLU C 19 -9.19 1.78 1.13
C GLU C 19 -10.42 0.92 0.81
N VAL C 20 -10.36 -0.34 1.15
CA VAL C 20 -11.51 -1.24 0.85
C VAL C 20 -12.24 -1.62 2.15
N PHE C 21 -13.31 -0.93 2.46
CA PHE C 21 -14.06 -1.25 3.71
C PHE C 21 -15.06 -2.39 3.43
N ARG C 22 -14.64 -3.40 2.71
CA ARG C 22 -15.54 -4.54 2.39
C ARG C 22 -16.88 -4.04 1.82
N LYS C 23 -17.64 -4.93 1.22
CA LYS C 23 -18.95 -4.51 0.66
C LYS C 23 -20.05 -5.48 1.08
N SER C 24 -19.74 -6.75 1.24
CA SER C 24 -20.77 -7.75 1.67
C SER C 24 -20.25 -9.17 1.54
N GLY C 25 -21.11 -10.14 1.77
CA GLY C 25 -20.68 -11.57 1.66
C GLY C 25 -20.57 -12.17 3.05
N ALA C 26 -19.39 -12.17 3.60
CA ALA C 26 -19.17 -12.72 4.97
C ALA C 26 -18.10 -11.89 5.66
N THR C 27 -17.07 -11.54 4.94
CA THR C 27 -15.97 -10.70 5.50
C THR C 27 -16.42 -9.24 5.58
N CYS C 28 -17.63 -8.96 5.16
CA CYS C 28 -18.15 -7.55 5.19
C CYS C 28 -17.82 -6.86 6.52
N GLY C 29 -17.36 -5.64 6.46
CA GLY C 29 -17.03 -4.90 7.72
C GLY C 29 -15.51 -4.76 7.87
N ARG C 30 -14.74 -5.46 7.10
CA ARG C 30 -13.26 -5.36 7.22
C ARG C 30 -12.72 -4.26 6.31
N SER C 31 -11.64 -3.63 6.69
CA SER C 31 -11.07 -2.54 5.84
C SER C 31 -9.68 -2.93 5.35
N ASP C 32 -9.56 -3.26 4.09
CA ASP C 32 -8.23 -3.63 3.53
C ASP C 32 -7.74 -2.55 2.57
N THR C 33 -6.54 -2.09 2.76
CA THR C 33 -6.01 -1.03 1.86
C THR C 33 -5.09 -1.64 0.80
N TYR C 34 -5.40 -1.44 -0.45
CA TYR C 34 -4.55 -2.01 -1.54
C TYR C 34 -3.71 -0.89 -2.17
N TYR C 35 -2.64 -1.23 -2.83
CA TYR C 35 -1.79 -0.16 -3.44
C TYR C 35 -1.27 -0.60 -4.81
N GLN C 36 -1.19 0.34 -5.73
CA GLN C 36 -0.67 -0.01 -7.09
C GLN C 36 0.80 0.42 -7.18
N SER C 37 1.60 -0.34 -7.90
CA SER C 37 3.05 0.01 -8.03
C SER C 37 3.23 1.46 -8.49
N PRO C 38 4.47 1.85 -8.68
CA PRO C 38 4.74 3.23 -9.11
C PRO C 38 4.57 3.39 -10.63
N THR C 39 4.40 2.32 -11.35
CA THR C 39 4.25 2.48 -12.82
C THR C 39 3.57 1.28 -13.51
N GLY C 40 3.31 0.20 -12.82
CA GLY C 40 2.64 -0.94 -13.50
C GLY C 40 2.80 -2.26 -12.72
N ASP C 41 1.97 -2.46 -11.73
CA ASP C 41 2.01 -3.73 -10.93
C ASP C 41 1.05 -3.60 -9.74
N ARG C 42 0.06 -4.43 -9.67
CA ARG C 42 -0.93 -4.35 -8.56
C ARG C 42 -0.36 -4.99 -7.28
N ILE C 43 -0.55 -4.34 -6.16
CA ILE C 43 -0.03 -4.90 -4.88
C ILE C 43 -1.17 -4.92 -3.84
N ARG C 44 -1.03 -5.71 -2.82
CA ARG C 44 -2.10 -5.76 -1.78
C ARG C 44 -1.50 -5.88 -0.37
N SER C 45 -0.19 -5.83 -0.24
CA SER C 45 0.41 -5.93 1.11
C SER C 45 1.87 -5.46 1.09
N LYS C 46 2.60 -5.70 2.14
CA LYS C 46 4.03 -5.26 2.17
C LYS C 46 4.88 -6.26 1.41
N VAL C 47 4.69 -7.53 1.64
CA VAL C 47 5.47 -8.55 0.89
C VAL C 47 5.29 -8.30 -0.61
N GLU C 48 4.06 -8.08 -1.02
CA GLU C 48 3.80 -7.80 -2.47
C GLU C 48 4.67 -6.62 -2.88
N LEU C 49 4.84 -5.67 -1.99
CA LEU C 49 5.70 -4.49 -2.28
C LEU C 49 7.15 -4.96 -2.32
N THR C 50 7.55 -5.72 -1.35
CA THR C 50 8.95 -6.23 -1.31
C THR C 50 9.24 -7.05 -2.57
N ARG C 51 8.23 -7.54 -3.22
CA ARG C 51 8.44 -8.35 -4.46
C ARG C 51 8.83 -7.44 -5.63
N TYR C 52 8.02 -6.46 -5.91
CA TYR C 52 8.33 -5.52 -7.05
C TYR C 52 9.59 -4.70 -6.74
N LEU C 53 10.04 -4.71 -5.51
CA LEU C 53 11.26 -3.92 -5.16
C LEU C 53 12.47 -4.83 -4.99
N GLY C 54 12.31 -6.11 -5.16
CA GLY C 54 13.47 -7.04 -5.02
C GLY C 54 13.39 -7.77 -3.68
N PRO C 55 13.98 -8.93 -3.63
CA PRO C 55 13.97 -9.74 -2.39
C PRO C 55 14.86 -9.09 -1.33
N ALA C 56 15.82 -8.31 -1.74
CA ALA C 56 16.72 -7.63 -0.75
C ALA C 56 16.24 -6.21 -0.49
N CYS C 57 14.98 -5.93 -0.75
CA CYS C 57 14.45 -4.56 -0.50
C CYS C 57 13.37 -4.60 0.57
N ASP C 58 13.73 -4.98 1.77
CA ASP C 58 12.73 -5.04 2.89
C ASP C 58 12.12 -3.66 3.12
N LEU C 59 10.98 -3.61 3.76
CA LEU C 59 10.34 -2.29 4.02
C LEU C 59 9.76 -2.28 5.45
N THR C 60 10.59 -2.30 6.44
CA THR C 60 10.10 -2.29 7.85
C THR C 60 9.63 -0.88 8.24
N LEU C 61 9.88 0.09 7.42
CA LEU C 61 9.46 1.49 7.75
C LEU C 61 8.16 1.84 7.02
N PHE C 62 7.83 1.12 5.99
CA PHE C 62 6.57 1.42 5.23
C PHE C 62 5.36 0.95 6.05
N ASP C 63 4.39 1.81 6.22
CA ASP C 63 3.18 1.41 6.99
C ASP C 63 2.12 0.88 6.03
N PHE C 64 1.67 -0.33 6.25
CA PHE C 64 0.62 -0.92 5.34
C PHE C 64 -0.64 -0.04 5.35
N LYS C 65 -1.24 0.15 6.49
CA LYS C 65 -2.48 0.97 6.56
C LYS C 65 -2.23 2.39 6.04
N GLN C 66 -1.31 3.10 6.61
CA GLN C 66 -1.03 4.50 6.15
C GLN C 66 -0.46 4.49 4.72
N GLY C 67 0.61 3.78 4.50
CA GLY C 67 1.21 3.74 3.14
C GLY C 67 2.24 4.86 3.02
N ILE C 68 3.16 4.95 3.94
CA ILE C 68 4.18 6.03 3.89
C ILE C 68 5.50 5.52 4.49
N LEU C 69 6.60 6.14 4.13
CA LEU C 69 7.92 5.70 4.69
C LEU C 69 8.42 6.73 5.71
N CYS C 70 7.97 6.61 6.93
CA CYS C 70 8.42 7.58 7.98
C CYS C 70 9.95 7.69 8.01
N TYR C 71 10.63 6.59 8.08
CA TYR C 71 12.13 6.63 8.11
C TYR C 71 12.62 7.59 9.19
N PRO C 72 12.20 7.34 10.40
CA PRO C 72 12.60 8.21 11.54
C PRO C 72 14.08 7.97 11.89
N ALA C 73 14.50 8.42 13.04
CA ALA C 73 15.93 8.23 13.45
C ALA C 73 16.29 6.74 13.41
N PRO C 74 17.55 6.47 13.13
CA PRO C 74 18.02 5.07 13.07
C PRO C 74 18.12 4.48 14.47
N LYS C 75 18.71 3.31 14.60
CA LYS C 75 18.83 2.68 15.94
C LYS C 75 20.00 3.30 16.71
N1 5CM A 6 -13.25 -10.61 -1.16
C2 5CM A 6 -12.17 -11.28 -1.73
N3 5CM A 6 -11.01 -10.60 -1.89
C4 5CM A 6 -10.89 -9.32 -1.52
C5 5CM A 6 -12.00 -8.62 -0.94
C5A 5CM A 6 -11.88 -7.16 -0.51
C6 5CM A 6 -13.15 -9.30 -0.78
O2 5CM A 6 -12.29 -12.44 -2.07
N4 5CM A 6 -9.73 -8.69 -1.70
C1' 5CM A 6 -14.52 -11.36 -1.05
C2' 5CM A 6 -15.29 -11.02 0.21
C3' 5CM A 6 -16.72 -10.78 -0.21
C4' 5CM A 6 -16.66 -10.58 -1.71
O4' 5CM A 6 -15.38 -11.07 -2.18
O3' 5CM A 6 -17.56 -11.91 0.09
C5' 5CM A 6 -16.81 -9.10 -2.05
O5' 5CM A 6 -15.67 -8.35 -1.64
P 5CM A 6 -15.84 -7.02 -0.75
OP1 5CM A 6 -17.11 -7.13 0.01
OP2 5CM A 6 -14.57 -6.77 -0.04
H5A1 5CM A 6 -12.86 -6.69 -0.55
H5A2 5CM A 6 -11.48 -7.11 0.49
H5A3 5CM A 6 -11.20 -6.64 -1.20
H6 5CM A 6 -14.02 -8.80 -0.33
HN41 5CM A 6 -9.63 -7.72 -1.42
HN42 5CM A 6 -8.95 -9.18 -2.10
H1' 5CM A 6 -14.30 -12.43 -1.06
H2' 5CM A 6 -14.89 -10.10 0.66
H2'' 5CM A 6 -15.23 -11.83 0.92
H3' 5CM A 6 -17.11 -9.88 0.27
H4' 5CM A 6 -17.46 -11.14 -2.19
H5' 5CM A 6 -16.94 -8.99 -3.12
H5'' 5CM A 6 -17.70 -8.71 -1.54
N1 5CM B 6 -3.54 -12.70 -1.09
C2 5CM B 6 -4.84 -13.05 -0.72
N3 5CM B 6 -5.66 -12.07 -0.26
C4 5CM B 6 -5.23 -10.81 -0.16
C5 5CM B 6 -3.91 -10.45 -0.53
C5A 5CM B 6 -3.42 -9.01 -0.42
C6 5CM B 6 -3.09 -11.42 -1.00
O2 5CM B 6 -5.20 -14.21 -0.82
N4 5CM B 6 -6.07 -9.88 0.30
C1' 5CM B 6 -2.66 -13.78 -1.60
C2' 5CM B 6 -2.06 -13.38 -2.93
C3' 5CM B 6 -0.55 -13.56 -2.79
C4' 5CM B 6 -0.31 -13.89 -1.33
O4' 5CM B 6 -1.59 -14.04 -0.67
O3' 5CM B 6 -0.08 -14.63 -3.63
C5' 5CM B 6 0.51 -12.79 -0.67
O5' 5CM B 6 0.17 -11.50 -1.18
P 5CM B 6 1.24 -10.31 -1.17
OP1 5CM B 6 2.30 -10.63 -2.16
OP2 5CM B 6 0.51 -9.03 -1.27
H5A1 5CM B 6 -4.02 -8.37 -1.07
H5A2 5CM B 6 -3.51 -8.67 0.62
H5A3 5CM B 6 -2.37 -8.95 -0.72
H6 5CM B 6 -2.08 -11.18 -1.30
HN41 5CM B 6 -5.77 -8.91 0.37
HN42 5CM B 6 -7.01 -10.13 0.56
H1' 5CM B 6 -3.25 -14.68 -1.73
H2' 5CM B 6 -2.28 -12.34 -3.16
H2'' 5CM B 6 -2.43 -14.02 -3.71
H3' 5CM B 6 -0.06 -12.63 -3.05
H4' 5CM B 6 0.23 -14.84 -1.26
H5' 5CM B 6 0.33 -12.81 0.41
H5'' 5CM B 6 1.57 -12.98 -0.85
N MET C 1 -12.40 7.94 -10.43
CA MET C 1 -12.19 8.11 -8.97
C MET C 1 -12.68 6.88 -8.21
N ALA C 2 -11.83 5.89 -8.06
CA ALA C 2 -12.25 4.66 -7.33
C ALA C 2 -12.28 4.92 -5.82
N GLU C 3 -13.42 5.20 -5.27
CA GLU C 3 -13.53 5.47 -3.80
C GLU C 3 -12.70 6.70 -3.42
N ASP C 4 -11.40 6.52 -3.29
CA ASP C 4 -10.52 7.67 -2.92
C ASP C 4 -9.05 7.26 -3.00
N TRP C 5 -8.38 7.64 -4.06
CA TRP C 5 -6.94 7.27 -4.20
C TRP C 5 -6.05 8.28 -3.48
N LEU C 6 -5.24 7.84 -2.56
CA LEU C 6 -4.35 8.77 -1.80
C LEU C 6 -2.89 8.54 -2.20
N ASP C 7 -2.04 9.50 -1.95
CA ASP C 7 -0.61 9.33 -2.32
C ASP C 7 0.07 8.34 -1.38
N CYS C 8 1.30 7.99 -1.67
CA CYS C 8 2.03 7.02 -0.80
C CYS C 8 3.54 7.32 -0.84
N PRO C 9 3.96 8.18 0.05
CA PRO C 9 5.40 8.57 0.10
C PRO C 9 6.27 7.44 0.66
N ALA C 10 5.67 6.36 1.09
CA ALA C 10 6.47 5.25 1.66
C ALA C 10 7.47 4.71 0.63
N LEU C 11 7.30 5.03 -0.63
CA LEU C 11 8.24 4.53 -1.66
C LEU C 11 8.78 5.69 -2.49
N GLY C 12 7.96 6.31 -3.30
CA GLY C 12 8.43 7.45 -4.14
C GLY C 12 7.25 8.01 -4.95
N PRO C 13 7.59 8.76 -5.97
CA PRO C 13 6.55 9.37 -6.84
C PRO C 13 5.90 8.31 -7.72
N GLY C 14 4.61 8.41 -7.93
CA GLY C 14 3.90 7.41 -8.78
C GLY C 14 3.08 6.48 -7.90
N TRP C 15 3.52 6.25 -6.68
CA TRP C 15 2.78 5.33 -5.78
C TRP C 15 1.42 5.90 -5.37
N LYS C 16 0.43 5.04 -5.30
CA LYS C 16 -0.93 5.51 -4.91
C LYS C 16 -1.57 4.45 -3.98
N ARG C 17 -2.39 4.89 -3.05
CA ARG C 17 -3.04 3.92 -2.12
C ARG C 17 -4.56 4.08 -2.15
N ARG C 18 -5.28 3.01 -1.90
CA ARG C 18 -6.76 3.09 -1.89
C ARG C 18 -7.31 2.24 -0.74
N GLU C 19 -8.33 2.69 -0.07
CA GLU C 19 -8.90 1.91 1.06
C GLU C 19 -10.15 1.15 0.61
N VAL C 20 -10.29 -0.08 1.02
CA VAL C 20 -11.48 -0.88 0.63
C VAL C 20 -12.24 -1.35 1.88
N PHE C 21 -13.27 -0.66 2.27
CA PHE C 21 -14.03 -1.07 3.48
C PHE C 21 -14.99 -2.22 3.17
N ARG C 22 -14.53 -3.23 2.46
CA ARG C 22 -15.41 -4.39 2.12
C ARG C 22 -16.72 -3.92 1.48
N LYS C 23 -17.46 -4.82 0.89
CA LYS C 23 -18.75 -4.43 0.24
C LYS C 23 -19.87 -5.38 0.67
N SER C 24 -19.57 -6.63 0.89
CA SER C 24 -20.64 -7.61 1.32
C SER C 24 -20.13 -9.05 1.22
N GLY C 25 -21.03 -10.00 1.28
CA GLY C 25 -20.63 -11.44 1.18
C GLY C 25 -20.58 -12.06 2.58
N ALA C 26 -19.59 -11.71 3.34
CA ALA C 26 -19.46 -12.26 4.73
C ALA C 26 -18.39 -11.45 5.46
N THR C 27 -17.33 -11.14 4.77
CA THR C 27 -16.23 -10.34 5.37
C THR C 27 -16.65 -8.85 5.42
N CYS C 28 -17.82 -8.55 4.92
CA CYS C 28 -18.30 -7.13 4.91
C CYS C 28 -17.97 -6.40 6.21
N GLY C 29 -17.44 -5.21 6.12
CA GLY C 29 -17.11 -4.44 7.36
C GLY C 29 -15.59 -4.31 7.53
N ARG C 30 -14.82 -5.11 6.83
CA ARG C 30 -13.34 -5.02 6.97
C ARG C 30 -12.78 -3.91 6.08
N SER C 31 -11.55 -3.52 6.30
CA SER C 31 -10.95 -2.45 5.47
C SER C 31 -9.62 -2.90 4.87
N ASP C 32 -9.63 -3.23 3.60
CA ASP C 32 -8.37 -3.68 2.94
C ASP C 32 -7.77 -2.53 2.13
N THR C 33 -6.55 -2.16 2.44
CA THR C 33 -5.90 -1.04 1.70
C THR C 33 -4.98 -1.59 0.61
N TYR C 34 -5.24 -1.22 -0.62
CA TYR C 34 -4.39 -1.72 -1.74
C TYR C 34 -3.50 -0.58 -2.25
N TYR C 35 -2.43 -0.90 -2.94
CA TYR C 35 -1.53 0.18 -3.44
C TYR C 35 -1.06 -0.12 -4.87
N GLN C 36 -0.80 0.90 -5.63
CA GLN C 36 -0.31 0.70 -7.02
C GLN C 36 1.12 1.21 -7.14
N SER C 37 1.97 0.49 -7.82
CA SER C 37 3.39 0.93 -7.96
C SER C 37 3.45 2.37 -8.48
N PRO C 38 4.64 2.90 -8.58
CA PRO C 38 4.78 4.30 -9.04
C PRO C 38 4.74 4.41 -10.57
N THR C 39 4.59 3.33 -11.28
CA THR C 39 4.57 3.47 -12.77
C THR C 39 4.04 2.22 -13.49
N GLY C 40 3.31 1.36 -12.81
CA GLY C 40 2.75 0.17 -13.52
C GLY C 40 2.99 -1.12 -12.75
N ASP C 41 2.17 -1.39 -11.77
CA ASP C 41 2.30 -2.67 -10.99
C ASP C 41 1.25 -2.68 -9.87
N ARG C 42 0.33 -3.61 -9.92
CA ARG C 42 -0.72 -3.68 -8.87
C ARG C 42 -0.19 -4.35 -7.60
N ILE C 43 -0.53 -3.81 -6.46
CA ILE C 43 -0.04 -4.40 -5.17
C ILE C 43 -1.17 -4.36 -4.14
N ARG C 44 -1.18 -5.28 -3.22
CA ARG C 44 -2.27 -5.29 -2.20
C ARG C 44 -1.70 -5.34 -0.78
N SER C 45 -0.40 -5.42 -0.62
CA SER C 45 0.17 -5.47 0.76
C SER C 45 1.65 -5.04 0.73
N LYS C 46 2.37 -5.28 1.79
CA LYS C 46 3.81 -4.89 1.82
C LYS C 46 4.64 -5.88 1.01
N VAL C 47 4.44 -7.16 1.21
CA VAL C 47 5.21 -8.17 0.44
C VAL C 47 5.08 -7.83 -1.06
N GLU C 48 3.87 -7.62 -1.53
CA GLU C 48 3.69 -7.26 -2.96
C GLU C 48 4.61 -6.08 -3.29
N LEU C 49 4.77 -5.20 -2.34
CA LEU C 49 5.68 -4.03 -2.54
C LEU C 49 7.10 -4.56 -2.64
N THR C 50 7.44 -5.46 -1.76
CA THR C 50 8.81 -6.05 -1.75
C THR C 50 9.04 -6.83 -3.06
N ARG C 51 8.00 -7.15 -3.77
CA ARG C 51 8.16 -7.90 -5.04
C ARG C 51 8.61 -6.95 -6.16
N TYR C 52 7.80 -6.00 -6.52
CA TYR C 52 8.17 -5.03 -7.61
C TYR C 52 9.48 -4.32 -7.25
N LEU C 53 9.76 -4.18 -5.98
CA LEU C 53 11.02 -3.49 -5.56
C LEU C 53 12.19 -4.48 -5.58
N GLY C 54 11.96 -5.70 -5.97
CA GLY C 54 13.05 -6.71 -6.02
C GLY C 54 13.11 -7.47 -4.69
N PRO C 55 13.62 -8.68 -4.75
CA PRO C 55 13.73 -9.52 -3.53
C PRO C 55 14.87 -9.03 -2.62
N ALA C 56 15.61 -8.05 -3.06
CA ALA C 56 16.73 -7.54 -2.22
C ALA C 56 16.34 -6.23 -1.51
N CYS C 57 15.23 -5.63 -1.88
CA CYS C 57 14.82 -4.36 -1.22
C CYS C 57 14.43 -4.63 0.24
N ASP C 58 13.79 -3.69 0.87
CA ASP C 58 13.37 -3.89 2.29
C ASP C 58 12.42 -2.76 2.72
N LEU C 59 11.30 -3.12 3.30
CA LEU C 59 10.35 -2.07 3.76
C LEU C 59 9.87 -2.38 5.17
N THR C 60 10.76 -2.77 6.03
CA THR C 60 10.38 -3.10 7.44
C THR C 60 9.74 -1.87 8.11
N LEU C 61 10.01 -0.70 7.60
CA LEU C 61 9.41 0.53 8.21
C LEU C 61 8.10 0.89 7.50
N PHE C 62 7.90 0.41 6.30
CA PHE C 62 6.63 0.73 5.57
C PHE C 62 5.43 0.23 6.36
N ASP C 63 4.40 1.03 6.47
CA ASP C 63 3.18 0.60 7.21
C ASP C 63 2.10 0.20 6.20
N PHE C 64 1.43 -0.90 6.43
CA PHE C 64 0.37 -1.36 5.48
C PHE C 64 -0.89 -0.50 5.62
N LYS C 65 -1.57 -0.58 6.74
CA LYS C 65 -2.81 0.21 6.92
C LYS C 65 -2.57 1.70 6.63
N GLN C 66 -1.38 2.17 6.84
CA GLN C 66 -1.10 3.62 6.57
C GLN C 66 -0.49 3.80 5.17
N GLY C 67 0.50 3.01 4.84
CA GLY C 67 1.13 3.13 3.49
C GLY C 67 2.15 4.27 3.51
N ILE C 68 2.99 4.31 4.50
CA ILE C 68 4.02 5.39 4.58
C ILE C 68 5.32 4.86 5.19
N LEU C 69 6.41 5.53 4.96
CA LEU C 69 7.71 5.06 5.52
C LEU C 69 7.91 5.64 6.92
N CYS C 70 7.29 5.04 7.91
CA CYS C 70 7.43 5.53 9.32
C CYS C 70 8.89 5.79 9.66
N TYR C 71 9.34 6.99 9.46
CA TYR C 71 10.77 7.35 9.75
C TYR C 71 11.20 6.77 11.11
N PRO C 72 12.49 6.66 11.29
CA PRO C 72 13.04 6.12 12.55
C PRO C 72 12.88 7.14 13.69
N ALA C 73 12.66 6.66 14.89
CA ALA C 73 12.50 7.60 16.04
C ALA C 73 12.83 6.88 17.35
N PRO C 74 13.20 7.66 18.35
CA PRO C 74 13.55 7.09 19.66
C PRO C 74 12.29 6.58 20.39
N LYS C 75 11.57 7.46 21.04
CA LYS C 75 10.34 7.02 21.77
C LYS C 75 9.31 8.15 21.80
N1 5CM A 6 -13.34 -10.54 -1.09
C2 5CM A 6 -12.26 -11.18 -1.67
N3 5CM A 6 -11.11 -10.49 -1.82
C4 5CM A 6 -11.01 -9.21 -1.42
C5 5CM A 6 -12.12 -8.54 -0.83
C5A 5CM A 6 -12.02 -7.07 -0.39
C6 5CM A 6 -13.26 -9.24 -0.68
O2 5CM A 6 -12.36 -12.34 -2.02
N4 5CM A 6 -9.86 -8.55 -1.59
C1' 5CM A 6 -14.60 -11.30 -0.97
C2' 5CM A 6 -15.33 -11.03 0.34
C3' 5CM A 6 -16.77 -10.78 -0.03
C4' 5CM A 6 -16.77 -10.51 -1.52
O4' 5CM A 6 -15.50 -10.97 -2.05
O3' 5CM A 6 -17.60 -11.91 0.27
C5' 5CM A 6 -16.95 -9.03 -1.80
O5' 5CM A 6 -15.79 -8.28 -1.41
P 5CM A 6 -15.94 -6.98 -0.48
OP1 5CM A 6 -17.17 -7.13 0.33
OP2 5CM A 6 -14.63 -6.73 0.17
H5A1 5CM A 6 -11.58 -7.02 0.59
H5A2 5CM A 6 -11.40 -6.53 -1.10
H5A3 5CM A 6 -13.02 -6.64 -0.37
H6 5CM A 6 -14.13 -8.76 -0.22
HN41 5CM A 6 -9.77 -7.60 -1.30
HN42 5CM A 6 -9.07 -9.02 -2.01
H1' 5CM A 6 -14.37 -12.37 -1.03
H2' 5CM A 6 -14.90 -10.14 0.82
H2'' 5CM A 6 -15.24 -11.88 1.00
H3' 5CM A 6 -17.13 -9.89 0.51
H4' 5CM A 6 -17.57 -11.07 -1.98
H5' 5CM A 6 -17.14 -8.89 -2.87
H5'' 5CM A 6 -17.82 -8.66 -1.24
N1 5CM B 6 -3.38 -12.79 -1.00
C2 5CM B 6 -4.68 -13.14 -0.69
N3 5CM B 6 -5.48 -12.20 -0.11
C4 5CM B 6 -5.02 -10.96 0.13
C5 5CM B 6 -3.68 -10.59 -0.20
C5A 5CM B 6 -3.15 -9.19 0.07
C6 5CM B 6 -2.90 -11.54 -0.77
O2 5CM B 6 -5.08 -14.27 -0.91
N4 5CM B 6 -5.83 -10.06 0.69
C1' 5CM B 6 -2.53 -13.81 -1.63
C2' 5CM B 6 -1.90 -13.30 -2.91
C3' 5CM B 6 -0.41 -13.53 -2.79
C4' 5CM B 6 -0.18 -14.04 -1.38
O4' 5CM B 6 -1.47 -14.21 -0.74
O3' 5CM B 6 0.04 -14.48 -3.75
C5' 5CM B 6 0.69 -13.08 -0.59
O5' 5CM B 6 0.45 -11.71 -0.97
P 5CM B 6 1.61 -10.62 -0.87
OP1 5CM B 6 2.69 -10.99 -1.82
OP2 5CM B 6 0.99 -9.28 -0.96
H5A1 5CM B 6 -2.14 -9.10 -0.33
H5A2 5CM B 6 -3.80 -8.46 -0.40
H5A3 5CM B 6 -3.13 -9.02 1.15
H6 5CM B 6 -1.87 -11.29 -1.03
HN41 5CM B 6 -5.50 -9.13 0.88
HN42 5CM B 6 -6.78 -10.31 0.92
H1' 5CM B 6 -3.14 -14.68 -1.87
H2' 5CM B 6 -2.09 -12.22 -3.00
H2'' 5CM B 6 -2.30 -13.83 -3.76
H3' 5CM B 6 0.12 -12.58 -2.93
H4' 5CM B 6 0.32 -15.01 -1.43
H5' 5CM B 6 0.48 -13.19 0.47
H5'' 5CM B 6 1.74 -13.31 -0.78
N MET C 1 -16.17 1.93 -9.72
CA MET C 1 -15.37 3.15 -10.04
C MET C 1 -14.19 3.28 -9.06
N ALA C 2 -13.49 4.38 -9.10
CA ALA C 2 -12.34 4.56 -8.17
C ALA C 2 -12.83 4.97 -6.78
N GLU C 3 -12.64 4.14 -5.80
CA GLU C 3 -13.09 4.48 -4.42
C GLU C 3 -12.33 5.70 -3.90
N ASP C 4 -11.05 5.56 -3.72
CA ASP C 4 -10.24 6.71 -3.22
C ASP C 4 -8.74 6.41 -3.35
N TRP C 5 -8.20 6.56 -4.53
CA TRP C 5 -6.74 6.27 -4.72
C TRP C 5 -5.90 7.47 -4.28
N LEU C 6 -5.18 7.33 -3.20
CA LEU C 6 -4.34 8.44 -2.70
C LEU C 6 -2.87 8.18 -3.04
N ASP C 7 -2.11 9.21 -3.27
CA ASP C 7 -0.66 9.02 -3.61
C ASP C 7 0.04 8.19 -2.54
N CYS C 8 1.16 7.60 -2.88
CA CYS C 8 1.90 6.76 -1.90
C CYS C 8 3.39 7.11 -1.95
N PRO C 9 3.75 8.19 -1.29
CA PRO C 9 5.16 8.65 -1.27
C PRO C 9 6.03 7.71 -0.44
N ALA C 10 5.45 6.74 0.20
CA ALA C 10 6.25 5.80 1.03
C ALA C 10 7.33 5.11 0.19
N LEU C 11 7.22 5.15 -1.11
CA LEU C 11 8.25 4.48 -1.96
C LEU C 11 8.80 5.47 -2.99
N GLY C 12 8.00 5.86 -3.95
CA GLY C 12 8.50 6.81 -4.99
C GLY C 12 7.31 7.40 -5.76
N PRO C 13 7.63 8.24 -6.73
CA PRO C 13 6.57 8.88 -7.55
C PRO C 13 5.97 7.86 -8.52
N GLY C 14 4.92 7.20 -8.12
CA GLY C 14 4.29 6.19 -9.01
C GLY C 14 3.36 5.30 -8.18
N TRP C 15 3.70 5.08 -6.94
CA TRP C 15 2.85 4.20 -6.07
C TRP C 15 1.54 4.88 -5.68
N LYS C 16 0.49 4.12 -5.60
CA LYS C 16 -0.84 4.67 -5.22
C LYS C 16 -1.45 3.79 -4.12
N ARG C 17 -2.29 4.35 -3.29
CA ARG C 17 -2.89 3.52 -2.20
C ARG C 17 -4.41 3.71 -2.17
N ARG C 18 -5.14 2.69 -1.78
CA ARG C 18 -6.63 2.81 -1.72
C ARG C 18 -7.16 2.12 -0.47
N GLU C 19 -8.36 2.46 -0.07
CA GLU C 19 -8.96 1.82 1.14
C GLU C 19 -10.15 0.95 0.75
N VAL C 20 -10.20 -0.26 1.22
CA VAL C 20 -11.34 -1.16 0.88
C VAL C 20 -12.10 -1.56 2.15
N PHE C 21 -13.16 -0.86 2.46
CA PHE C 21 -13.94 -1.19 3.69
C PHE C 21 -14.94 -2.32 3.40
N ARG C 22 -14.53 -3.33 2.66
CA ARG C 22 -15.44 -4.46 2.34
C ARG C 22 -16.78 -3.96 1.78
N LYS C 23 -17.59 -4.84 1.26
CA LYS C 23 -18.90 -4.42 0.71
C LYS C 23 -20.00 -5.40 1.11
N SER C 24 -19.68 -6.67 1.25
CA SER C 24 -20.73 -7.68 1.65
C SER C 24 -20.18 -9.11 1.48
N GLY C 25 -21.04 -10.09 1.61
CA GLY C 25 -20.60 -11.51 1.46
C GLY C 25 -20.50 -12.17 2.84
N ALA C 26 -19.46 -11.86 3.56
CA ALA C 26 -19.26 -12.46 4.91
C ALA C 26 -18.16 -11.69 5.63
N THR C 27 -17.14 -11.35 4.91
CA THR C 27 -16.02 -10.56 5.48
C THR C 27 -16.42 -9.09 5.58
N CYS C 28 -17.62 -8.76 5.18
CA CYS C 28 -18.10 -7.35 5.22
C CYS C 28 -17.71 -6.65 6.53
N GLY C 29 -17.23 -5.44 6.43
CA GLY C 29 -16.84 -4.69 7.67
C GLY C 29 -15.31 -4.60 7.79
N ARG C 30 -14.58 -5.38 7.03
CA ARG C 30 -13.09 -5.31 7.12
C ARG C 30 -12.55 -4.21 6.21
N SER C 31 -11.52 -3.53 6.63
CA SER C 31 -10.94 -2.44 5.79
C SER C 31 -9.54 -2.82 5.31
N ASP C 32 -9.43 -3.23 4.08
CA ASP C 32 -8.09 -3.61 3.53
C ASP C 32 -7.56 -2.51 2.61
N THR C 33 -6.35 -2.10 2.79
CA THR C 33 -5.78 -1.03 1.92
C THR C 33 -4.91 -1.63 0.83
N TYR C 34 -5.25 -1.37 -0.41
CA TYR C 34 -4.45 -1.93 -1.54
C TYR C 34 -3.55 -0.85 -2.13
N TYR C 35 -2.50 -1.24 -2.80
CA TYR C 35 -1.58 -0.22 -3.39
C TYR C 35 -1.11 -0.67 -4.77
N GLN C 36 -0.73 0.26 -5.62
CA GLN C 36 -0.25 -0.12 -6.97
C GLN C 36 1.22 0.29 -7.11
N SER C 37 1.97 -0.46 -7.89
CA SER C 37 3.42 -0.14 -8.06
C SER C 37 3.59 1.31 -8.52
N PRO C 38 4.82 1.69 -8.81
CA PRO C 38 5.09 3.07 -9.25
C PRO C 38 4.78 3.22 -10.74
N THR C 39 4.74 2.16 -11.48
CA THR C 39 4.45 2.31 -12.94
C THR C 39 3.87 1.05 -13.58
N GLY C 40 3.41 0.08 -12.82
CA GLY C 40 2.81 -1.12 -13.47
C GLY C 40 2.94 -2.38 -12.61
N ASP C 41 2.04 -2.56 -11.68
CA ASP C 41 2.04 -3.78 -10.80
C ASP C 41 1.04 -3.58 -9.66
N ARG C 42 0.29 -4.60 -9.33
CA ARG C 42 -0.71 -4.45 -8.23
C ARG C 42 -0.18 -5.01 -6.91
N ILE C 43 -0.06 -4.19 -5.91
CA ILE C 43 0.44 -4.65 -4.58
C ILE C 43 -0.72 -4.66 -3.60
N ARG C 44 -0.70 -5.55 -2.64
CA ARG C 44 -1.83 -5.61 -1.65
C ARG C 44 -1.30 -5.69 -0.22
N SER C 45 0.00 -5.67 -0.03
CA SER C 45 0.53 -5.77 1.36
C SER C 45 2.01 -5.39 1.41
N LYS C 46 2.69 -5.71 2.50
CA LYS C 46 4.14 -5.37 2.60
C LYS C 46 4.94 -6.28 1.68
N VAL C 47 4.75 -7.57 1.80
CA VAL C 47 5.49 -8.51 0.91
C VAL C 47 5.31 -8.09 -0.55
N GLU C 48 4.10 -8.02 -1.02
CA GLU C 48 3.84 -7.59 -2.43
C GLU C 48 4.66 -6.34 -2.74
N LEU C 49 4.60 -5.38 -1.86
CA LEU C 49 5.38 -4.12 -2.05
C LEU C 49 6.87 -4.45 -2.05
N THR C 50 7.30 -5.22 -1.09
CA THR C 50 8.72 -5.61 -1.01
C THR C 50 9.13 -6.40 -2.26
N ARG C 51 8.18 -6.88 -3.02
CA ARG C 51 8.52 -7.66 -4.25
C ARG C 51 8.90 -6.73 -5.40
N TYR C 52 7.99 -5.90 -5.84
CA TYR C 52 8.31 -4.97 -6.97
C TYR C 52 9.57 -4.17 -6.67
N LEU C 53 9.86 -3.94 -5.42
CA LEU C 53 11.08 -3.16 -5.06
C LEU C 53 12.33 -4.05 -5.10
N GLY C 54 12.16 -5.33 -5.31
CA GLY C 54 13.34 -6.23 -5.36
C GLY C 54 13.51 -6.95 -4.02
N PRO C 55 14.18 -8.07 -4.06
CA PRO C 55 14.41 -8.86 -2.83
C PRO C 55 15.44 -8.16 -1.93
N ALA C 56 16.22 -7.29 -2.48
CA ALA C 56 17.24 -6.56 -1.66
C ALA C 56 16.69 -5.20 -1.23
N CYS C 57 15.39 -5.08 -1.13
CA CYS C 57 14.79 -3.78 -0.70
C CYS C 57 13.81 -4.00 0.46
N ASP C 58 14.12 -3.46 1.61
CA ASP C 58 13.22 -3.64 2.78
C ASP C 58 12.44 -2.36 3.05
N LEU C 59 11.36 -2.44 3.78
CA LEU C 59 10.56 -1.22 4.07
C LEU C 59 10.18 -1.19 5.56
N THR C 60 11.15 -1.01 6.42
CA THR C 60 10.86 -0.97 7.88
C THR C 60 10.10 0.31 8.25
N LEU C 61 10.07 1.28 7.37
CA LEU C 61 9.35 2.55 7.68
C LEU C 61 8.08 2.66 6.85
N PHE C 62 7.62 1.59 6.28
CA PHE C 62 6.37 1.65 5.46
C PHE C 62 5.17 1.16 6.27
N ASP C 63 4.24 2.03 6.56
CA ASP C 63 3.04 1.62 7.34
C ASP C 63 1.98 1.04 6.40
N PHE C 64 1.72 -0.25 6.51
CA PHE C 64 0.70 -0.89 5.62
C PHE C 64 -0.62 -0.10 5.67
N LYS C 65 -1.16 0.09 6.84
CA LYS C 65 -2.45 0.84 6.96
C LYS C 65 -2.20 2.34 6.80
N GLN C 66 -1.62 2.76 5.70
CA GLN C 66 -1.36 4.21 5.48
C GLN C 66 -0.74 4.43 4.10
N GLY C 67 0.35 3.78 3.81
CA GLY C 67 1.00 3.96 2.47
C GLY C 67 1.89 5.20 2.49
N ILE C 68 2.78 5.29 3.45
CA ILE C 68 3.68 6.47 3.53
C ILE C 68 4.92 6.15 4.35
N LEU C 69 6.00 6.84 4.11
CA LEU C 69 7.24 6.58 4.88
C LEU C 69 7.31 7.56 6.06
N CYS C 70 6.69 7.23 7.16
CA CYS C 70 6.68 8.13 8.36
C CYS C 70 8.02 8.88 8.50
N TYR C 71 9.12 8.17 8.46
CA TYR C 71 10.45 8.84 8.60
C TYR C 71 10.50 9.65 9.91
N PRO C 72 11.67 10.17 10.20
CA PRO C 72 11.86 10.97 11.44
C PRO C 72 11.21 12.35 11.29
N ALA C 73 10.88 12.99 12.38
CA ALA C 73 10.25 14.34 12.31
C ALA C 73 9.03 14.32 11.39
N PRO C 74 7.88 14.11 11.97
CA PRO C 74 6.62 14.07 11.18
C PRO C 74 6.24 15.48 10.73
N LYS C 75 5.43 15.57 9.70
CA LYS C 75 5.02 16.92 9.20
C LYS C 75 3.49 16.97 9.04
N1 5CM A 6 -13.31 -10.46 -1.02
C2 5CM A 6 -12.23 -11.09 -1.61
N3 5CM A 6 -11.11 -10.37 -1.84
C4 5CM A 6 -11.04 -9.08 -1.51
C5 5CM A 6 -12.15 -8.42 -0.89
C5A 5CM A 6 -12.07 -6.95 -0.51
C6 5CM A 6 -13.26 -9.14 -0.67
O2 5CM A 6 -12.31 -12.27 -1.92
N4 5CM A 6 -9.91 -8.40 -1.74
C1' 5CM A 6 -14.55 -11.26 -0.84
C2' 5CM A 6 -15.25 -10.93 0.47
C3' 5CM A 6 -16.71 -10.75 0.13
C4' 5CM A 6 -16.75 -10.56 -1.37
O4' 5CM A 6 -15.49 -11.00 -1.91
O3' 5CM A 6 -17.51 -11.89 0.50
C5' 5CM A 6 -17.00 -9.10 -1.72
O5' 5CM A 6 -15.85 -8.30 -1.41
P 5CM A 6 -15.99 -6.97 -0.51
OP1 5CM A 6 -17.21 -7.12 0.32
OP2 5CM A 6 -14.69 -6.69 0.10
H5A1 5CM A 6 -13.07 -6.52 -0.49
H5A2 5CM A 6 -11.61 -6.85 0.48
H5A3 5CM A 6 -11.46 -6.41 -1.24
H6 5CM A 6 -14.13 -8.67 -0.20
HN41 5CM A 6 -9.85 -7.43 -1.49
HN42 5CM A 6 -9.12 -8.86 -2.18
H1' 5CM A 6 -14.29 -12.32 -0.84
H2' 5CM A 6 -14.85 -10.01 0.90
H2'' 5CM A 6 -15.12 -11.75 1.18
H3' 5CM A 6 -17.09 -9.85 0.63
H4' 5CM A 6 -17.55 -11.17 -1.79
H5' 5CM A 6 -17.23 -9.02 -2.78
H5'' 5CM A 6 -17.85 -8.74 -1.13
N1 5CM B 6 -3.20 -12.21 -1.19
C2 5CM B 6 -4.51 -12.53 -0.85
N3 5CM B 6 -5.28 -11.57 -0.28
C4 5CM B 6 -4.79 -10.33 -0.05
C5 5CM B 6 -3.45 -10.01 -0.41
C5A 5CM B 6 -2.88 -8.61 -0.15
C6 5CM B 6 -2.69 -10.97 -0.97
O2 5CM B 6 -4.94 -13.65 -1.05
N4 5CM B 6 -5.57 -9.41 0.51
C1' 5CM B 6 -2.39 -13.27 -1.82
C2' 5CM B 6 -1.74 -12.76 -3.09
C3' 5CM B 6 -0.26 -13.05 -2.97
C4' 5CM B 6 -0.04 -13.49 -1.54
O4' 5CM B 6 -1.34 -13.71 -0.93
O3' 5CM B 6 0.15 -14.07 -3.88
C5' 5CM B 6 0.74 -12.44 -0.77
O5' 5CM B 6 0.37 -11.12 -1.19
P 5CM B 6 1.35 -9.88 -0.94
OP1 5CM B 6 2.45 -9.95 -1.94
OP2 5CM B 6 0.54 -8.65 -0.83
H5A1 5CM B 6 -3.59 -7.86 -0.52
H5A2 5CM B 6 -2.71 -8.47 0.92
H5A3 5CM B 6 -1.93 -8.50 -0.68
H6 5CM B 6 -1.66 -10.77 -1.24
HN41 5CM B 6 -5.21 -8.48 0.68
HN42 5CM B 6 -6.52 -9.64 0.76
H1' 5CM B 6 -3.03 -14.12 -2.06
H2' 5CM B 6 -1.90 -11.69 -3.19
H2'' 5CM B 6 -2.15 -13.27 -3.96
H3' 5CM B 6 0.31 -12.13 -3.16
H4' 5CM B 6 0.51 -14.43 -1.53
H5' 5CM B 6 0.53 -12.54 0.30
H5'' 5CM B 6 1.80 -12.58 -0.94
N MET C 1 -18.66 3.16 -8.44
CA MET C 1 -17.22 3.29 -8.05
C MET C 1 -17.03 4.48 -7.10
N ALA C 2 -16.29 4.29 -6.05
CA ALA C 2 -16.06 5.40 -5.08
C ALA C 2 -14.89 5.07 -4.16
N GLU C 3 -13.81 4.58 -4.71
CA GLU C 3 -12.64 4.22 -3.86
C GLU C 3 -11.68 5.41 -3.75
N ASP C 4 -11.67 6.27 -4.74
CA ASP C 4 -10.76 7.46 -4.71
C ASP C 4 -9.31 7.03 -4.51
N TRP C 5 -8.50 7.12 -5.54
CA TRP C 5 -7.07 6.72 -5.41
C TRP C 5 -6.28 7.85 -4.74
N LEU C 6 -5.44 7.52 -3.80
CA LEU C 6 -4.63 8.56 -3.10
C LEU C 6 -3.14 8.36 -3.39
N ASP C 7 -2.35 9.38 -3.19
CA ASP C 7 -0.88 9.25 -3.46
C ASP C 7 -0.26 8.25 -2.48
N CYS C 8 1.03 8.03 -2.60
CA CYS C 8 1.71 7.08 -1.67
C CYS C 8 3.19 7.45 -1.55
N PRO C 9 3.48 8.31 -0.61
CA PRO C 9 4.87 8.76 -0.37
C PRO C 9 5.72 7.68 0.29
N ALA C 10 5.12 6.58 0.66
CA ALA C 10 5.91 5.50 1.32
C ALA C 10 7.08 5.04 0.45
N LEU C 11 7.03 5.31 -0.83
CA LEU C 11 8.14 4.87 -1.72
C LEU C 11 8.55 6.01 -2.66
N GLY C 12 7.65 6.45 -3.50
CA GLY C 12 7.98 7.55 -4.45
C GLY C 12 6.68 8.18 -4.97
N PRO C 13 6.83 9.10 -5.89
CA PRO C 13 5.64 9.77 -6.46
C PRO C 13 5.02 8.93 -7.59
N GLY C 14 5.25 7.65 -7.56
CA GLY C 14 4.67 6.76 -8.62
C GLY C 14 3.65 5.82 -7.97
N TRP C 15 3.78 5.58 -6.69
CA TRP C 15 2.85 4.64 -6.01
C TRP C 15 1.49 5.29 -5.75
N LYS C 16 0.47 4.48 -5.62
CA LYS C 16 -0.91 5.01 -5.36
C LYS C 16 -1.58 4.12 -4.31
N ARG C 17 -2.37 4.71 -3.45
CA ARG C 17 -3.05 3.90 -2.39
C ARG C 17 -4.57 4.03 -2.50
N ARG C 18 -5.26 2.92 -2.40
CA ARG C 18 -6.75 2.95 -2.47
C ARG C 18 -7.32 2.14 -1.29
N GLU C 19 -8.30 2.67 -0.60
CA GLU C 19 -8.87 1.93 0.56
C GLU C 19 -10.17 1.22 0.15
N VAL C 20 -10.42 0.07 0.72
CA VAL C 20 -11.67 -0.67 0.36
C VAL C 20 -12.40 -1.10 1.64
N PHE C 21 -13.49 -0.46 1.96
CA PHE C 21 -14.25 -0.85 3.20
C PHE C 21 -15.18 -2.02 2.91
N ARG C 22 -14.66 -3.07 2.31
CA ARG C 22 -15.50 -4.26 2.01
C ARG C 22 -16.81 -3.86 1.32
N LYS C 23 -17.63 -4.81 0.99
CA LYS C 23 -18.92 -4.50 0.32
C LYS C 23 -20.02 -5.45 0.82
N SER C 24 -19.73 -6.72 0.97
CA SER C 24 -20.76 -7.68 1.45
C SER C 24 -20.20 -9.11 1.49
N GLY C 25 -21.07 -10.09 1.56
CA GLY C 25 -20.62 -11.51 1.59
C GLY C 25 -20.53 -11.99 3.04
N ALA C 26 -19.38 -11.86 3.63
CA ALA C 26 -19.20 -12.29 5.05
C ALA C 26 -18.16 -11.40 5.72
N THR C 27 -17.11 -11.12 4.99
CA THR C 27 -16.03 -10.23 5.52
C THR C 27 -16.48 -8.76 5.47
N CYS C 28 -17.68 -8.52 4.98
CA CYS C 28 -18.19 -7.11 4.88
C CYS C 28 -17.91 -6.31 6.16
N GLY C 29 -17.54 -5.08 6.00
CA GLY C 29 -17.27 -4.23 7.21
C GLY C 29 -15.76 -4.07 7.43
N ARG C 30 -14.95 -4.87 6.78
CA ARG C 30 -13.48 -4.75 6.98
C ARG C 30 -12.88 -3.75 5.99
N SER C 31 -11.74 -3.20 6.30
CA SER C 31 -11.10 -2.21 5.38
C SER C 31 -9.82 -2.79 4.78
N ASP C 32 -9.68 -2.74 3.48
CA ASP C 32 -8.46 -3.28 2.83
C ASP C 32 -7.74 -2.17 2.07
N THR C 33 -6.48 -1.98 2.34
CA THR C 33 -5.72 -0.91 1.62
C THR C 33 -4.90 -1.51 0.49
N TYR C 34 -5.25 -1.20 -0.73
CA TYR C 34 -4.50 -1.73 -1.90
C TYR C 34 -3.69 -0.61 -2.54
N TYR C 35 -2.54 -0.90 -3.07
CA TYR C 35 -1.72 0.19 -3.70
C TYR C 35 -1.06 -0.31 -4.97
N GLN C 36 -0.81 0.58 -5.90
CA GLN C 36 -0.15 0.16 -7.18
C GLN C 36 1.31 0.59 -7.18
N SER C 37 2.15 -0.12 -7.89
CA SER C 37 3.60 0.23 -7.94
C SER C 37 3.80 1.69 -8.32
N PRO C 38 5.03 2.10 -8.46
CA PRO C 38 5.32 3.49 -8.82
C PRO C 38 5.14 3.73 -10.31
N THR C 39 5.27 2.71 -11.13
CA THR C 39 5.13 2.95 -12.59
C THR C 39 4.56 1.74 -13.35
N GLY C 40 4.16 0.68 -12.68
CA GLY C 40 3.59 -0.47 -13.45
C GLY C 40 3.66 -1.78 -12.65
N ASP C 41 2.72 -2.01 -11.78
CA ASP C 41 2.69 -3.28 -10.99
C ASP C 41 1.56 -3.24 -9.96
N ARG C 42 0.72 -4.23 -9.94
CA ARG C 42 -0.40 -4.25 -8.95
C ARG C 42 0.10 -4.77 -7.60
N ILE C 43 0.00 -3.98 -6.58
CA ILE C 43 0.49 -4.42 -5.24
C ILE C 43 -0.67 -4.35 -4.23
N ARG C 44 -0.62 -5.14 -3.18
CA ARG C 44 -1.73 -5.12 -2.19
C ARG C 44 -1.20 -5.10 -0.75
N SER C 45 0.05 -5.42 -0.53
CA SER C 45 0.58 -5.41 0.86
C SER C 45 2.05 -4.96 0.88
N LYS C 46 2.74 -5.25 1.96
CA LYS C 46 4.17 -4.87 2.06
C LYS C 46 5.01 -5.87 1.27
N VAL C 47 4.69 -7.13 1.35
CA VAL C 47 5.47 -8.15 0.59
C VAL C 47 5.35 -7.85 -0.91
N GLU C 48 4.14 -7.85 -1.44
CA GLU C 48 3.96 -7.55 -2.90
C GLU C 48 4.75 -6.29 -3.26
N LEU C 49 4.77 -5.34 -2.36
CA LEU C 49 5.54 -4.09 -2.62
C LEU C 49 7.03 -4.42 -2.54
N THR C 50 7.44 -5.12 -1.52
CA THR C 50 8.86 -5.52 -1.38
C THR C 50 9.30 -6.29 -2.64
N ARG C 51 8.38 -6.95 -3.29
CA ARG C 51 8.72 -7.71 -4.52
C ARG C 51 9.17 -6.74 -5.61
N TYR C 52 8.35 -5.78 -5.94
CA TYR C 52 8.74 -4.79 -6.99
C TYR C 52 10.08 -4.16 -6.63
N LEU C 53 10.42 -4.13 -5.37
CA LEU C 53 11.71 -3.54 -4.94
C LEU C 53 12.82 -4.60 -4.95
N GLY C 54 12.46 -5.85 -4.96
CA GLY C 54 13.49 -6.93 -4.97
C GLY C 54 13.20 -7.92 -3.84
N PRO C 55 13.67 -9.12 -4.01
CA PRO C 55 13.45 -10.18 -3.00
C PRO C 55 14.24 -9.88 -1.71
N ALA C 56 15.12 -8.92 -1.77
CA ALA C 56 15.92 -8.56 -0.54
C ALA C 56 15.65 -7.10 -0.15
N CYS C 57 14.49 -6.59 -0.49
CA CYS C 57 14.17 -5.18 -0.15
C CYS C 57 12.99 -5.14 0.84
N ASP C 58 13.24 -5.41 2.08
CA ASP C 58 12.13 -5.39 3.10
C ASP C 58 11.69 -3.95 3.36
N LEU C 59 10.57 -3.77 4.00
CA LEU C 59 10.08 -2.39 4.30
C LEU C 59 9.40 -2.37 5.67
N THR C 60 10.15 -2.60 6.71
CA THR C 60 9.56 -2.59 8.08
C THR C 60 8.95 -1.21 8.40
N LEU C 61 9.34 -0.20 7.67
CA LEU C 61 8.78 1.17 7.93
C LEU C 61 7.49 1.39 7.15
N PHE C 62 7.38 0.83 5.97
CA PHE C 62 6.14 1.01 5.17
C PHE C 62 4.95 0.39 5.89
N ASP C 63 3.97 1.18 6.22
CA ASP C 63 2.76 0.64 6.91
C ASP C 63 1.80 -0.01 5.91
N PHE C 64 1.17 -1.09 6.29
CA PHE C 64 0.23 -1.77 5.35
C PHE C 64 -1.15 -1.09 5.40
N LYS C 65 -1.53 -0.59 6.54
CA LYS C 65 -2.86 0.09 6.66
C LYS C 65 -2.75 1.55 6.23
N GLN C 66 -1.61 2.16 6.44
CA GLN C 66 -1.44 3.59 6.05
C GLN C 66 -0.78 3.69 4.67
N GLY C 67 0.16 2.84 4.39
CA GLY C 67 0.84 2.89 3.06
C GLY C 67 1.75 4.11 2.99
N ILE C 68 2.51 4.35 4.03
CA ILE C 68 3.43 5.53 4.04
C ILE C 68 4.72 5.19 4.79
N LEU C 69 5.77 5.93 4.55
CA LEU C 69 7.06 5.66 5.25
C LEU C 69 7.14 6.50 6.53
N CYS C 70 6.49 6.08 7.58
CA CYS C 70 6.54 6.86 8.86
C CYS C 70 7.98 7.16 9.26
N TYR C 71 8.93 6.39 8.78
CA TYR C 71 10.36 6.64 9.14
C TYR C 71 10.56 6.54 10.66
N PRO C 72 11.80 6.45 11.06
CA PRO C 72 12.11 6.36 12.51
C PRO C 72 11.90 7.72 13.19
N ALA C 73 10.71 7.95 13.70
CA ALA C 73 10.43 9.25 14.39
C ALA C 73 9.58 9.01 15.63
N PRO C 74 10.22 8.52 16.67
CA PRO C 74 9.50 8.25 17.94
C PRO C 74 9.17 9.57 18.65
N LYS C 75 7.90 9.90 18.73
CA LYS C 75 7.51 11.17 19.40
C LYS C 75 7.32 10.93 20.91
N1 5CM A 6 -13.27 -10.53 -0.89
C2 5CM A 6 -12.20 -11.20 -1.47
N3 5CM A 6 -11.06 -10.50 -1.74
C4 5CM A 6 -10.97 -9.20 -1.45
C5 5CM A 6 -12.07 -8.49 -0.86
C5A 5CM A 6 -11.98 -7.00 -0.55
C6 5CM A 6 -13.19 -9.19 -0.59
O2 5CM A 6 -12.29 -12.39 -1.72
N4 5CM A 6 -9.85 -8.54 -1.74
C1' 5CM A 6 -14.51 -11.31 -0.68
C2' 5CM A 6 -15.26 -10.87 0.58
C3' 5CM A 6 -16.69 -10.65 0.16
C4' 5CM A 6 -16.65 -10.57 -1.35
O4' 5CM A 6 -15.40 -11.13 -1.80
O3' 5CM A 6 -17.55 -11.73 0.56
C5' 5CM A 6 -16.76 -9.10 -1.78
O5' 5CM A 6 -15.65 -8.34 -1.29
P 5CM A 6 -15.90 -6.97 -0.49
OP1 5CM A 6 -17.13 -7.12 0.31
OP2 5CM A 6 -14.63 -6.59 0.17
H5A1 5CM A 6 -11.67 -6.46 -1.46
H5A2 5CM A 6 -12.95 -6.63 -0.24
H5A3 5CM A 6 -11.25 -6.82 0.23
H6 5CM A 6 -14.04 -8.69 -0.13
HN41 5CM A 6 -9.76 -7.56 -1.53
HN42 5CM A 6 -9.07 -9.04 -2.17
H1' 5CM A 6 -14.25 -12.36 -0.59
H2' 5CM A 6 -14.84 -9.94 0.96
H2'' 5CM A 6 -15.19 -11.64 1.34
H3' 5CM A 6 -17.05 -9.71 0.58
H4' 5CM A 6 -17.48 -11.13 -1.77
H5' 5CM A 6 -16.78 -9.06 -2.87
H5'' 5CM A 6 -17.69 -8.68 -1.39
N1 5CM B 6 -3.33 -12.63 -1.19
C2 5CM B 6 -4.60 -13.03 -0.81
N3 5CM B 6 -5.43 -12.11 -0.26
C4 5CM B 6 -5.03 -10.84 -0.08
C5 5CM B 6 -3.72 -10.42 -0.46
C5A 5CM B 6 -3.25 -8.99 -0.24
C6 5CM B 6 -2.90 -11.35 -1.00
O2 5CM B 6 -4.95 -14.18 -0.98
N4 5CM B 6 -5.87 -9.97 0.47
C1' 5CM B 6 -2.44 -13.65 -1.78
C2' 5CM B 6 -1.87 -13.15 -3.09
C3' 5CM B 6 -0.37 -13.32 -3.02
C4' 5CM B 6 -0.08 -13.72 -1.59
O4' 5CM B 6 -1.33 -13.93 -0.90
O3' 5CM B 6 0.09 -14.33 -3.93
C5' 5CM B 6 0.73 -12.63 -0.89
O5' 5CM B 6 0.39 -11.34 -1.36
P 5CM B 6 1.38 -10.08 -1.13
OP1 5CM B 6 2.47 -10.17 -2.11
OP2 5CM B 6 0.56 -8.85 -1.03
H5A1 5CM B 6 -2.32 -8.82 -0.78
H5A2 5CM B 6 -4.01 -8.30 -0.61
H5A3 5CM B 6 -3.10 -8.82 0.82
H6 5CM B 6 -1.89 -11.06 -1.32
HN41 5CM B 6 -5.58 -9.01 0.61
HN42 5CM B 6 -6.80 -10.26 0.74
H1' 5CM B 6 -3.01 -14.55 -1.96
H2' 5CM B 6 -2.12 -12.10 -3.24
H2'' 5CM B 6 -2.27 -13.73 -3.91
H3' 5CM B 6 0.11 -12.37 -3.25
H4' 5CM B 6 0.50 -14.65 -1.59
H5' 5CM B 6 0.55 -12.68 0.19
H5'' 5CM B 6 1.79 -12.81 -1.07
N MET C 1 -16.63 1.77 -10.36
CA MET C 1 -15.78 2.91 -10.83
C MET C 1 -14.51 3.04 -9.98
N ALA C 2 -13.81 4.12 -10.13
CA ALA C 2 -12.57 4.33 -9.32
C ALA C 2 -12.92 4.81 -7.92
N GLU C 3 -13.02 3.91 -6.98
CA GLU C 3 -13.37 4.30 -5.58
C GLU C 3 -12.58 5.54 -5.13
N ASP C 4 -11.30 5.39 -4.91
CA ASP C 4 -10.48 6.57 -4.48
C ASP C 4 -8.98 6.25 -4.56
N TRP C 5 -8.24 7.02 -5.31
CA TRP C 5 -6.78 6.77 -5.42
C TRP C 5 -6.00 7.92 -4.80
N LEU C 6 -5.24 7.65 -3.77
CA LEU C 6 -4.45 8.74 -3.11
C LEU C 6 -2.95 8.53 -3.36
N ASP C 7 -2.18 9.56 -3.20
CA ASP C 7 -0.71 9.43 -3.43
C ASP C 7 -0.10 8.48 -2.40
N CYS C 8 1.10 8.02 -2.64
CA CYS C 8 1.76 7.08 -1.69
C CYS C 8 3.26 7.37 -1.63
N PRO C 9 3.64 8.32 -0.81
CA PRO C 9 5.07 8.68 -0.67
C PRO C 9 5.85 7.61 0.08
N ALA C 10 5.18 6.64 0.63
CA ALA C 10 5.90 5.59 1.39
C ALA C 10 6.99 4.94 0.53
N LEU C 11 6.83 4.97 -0.76
CA LEU C 11 7.85 4.35 -1.65
C LEU C 11 8.49 5.41 -2.56
N GLY C 12 7.74 5.94 -3.49
CA GLY C 12 8.31 6.97 -4.40
C GLY C 12 7.20 7.57 -5.27
N PRO C 13 7.60 8.36 -6.24
CA PRO C 13 6.63 9.01 -7.15
C PRO C 13 6.03 7.98 -8.12
N GLY C 14 4.78 7.68 -7.96
CA GLY C 14 4.13 6.68 -8.87
C GLY C 14 3.16 5.82 -8.05
N TRP C 15 3.57 5.45 -6.87
CA TRP C 15 2.70 4.58 -6.01
C TRP C 15 1.37 5.27 -5.71
N LYS C 16 0.33 4.49 -5.54
CA LYS C 16 -1.01 5.06 -5.22
C LYS C 16 -1.67 4.24 -4.12
N ARG C 17 -2.55 4.83 -3.35
CA ARG C 17 -3.21 4.07 -2.26
C ARG C 17 -4.74 4.15 -2.40
N ARG C 18 -5.42 3.08 -2.10
CA ARG C 18 -6.91 3.07 -2.19
C ARG C 18 -7.48 2.35 -0.97
N GLU C 19 -8.52 2.88 -0.39
CA GLU C 19 -9.12 2.22 0.81
C GLU C 19 -10.34 1.40 0.42
N VAL C 20 -10.43 0.19 0.90
CA VAL C 20 -11.60 -0.67 0.55
C VAL C 20 -12.39 -1.04 1.80
N PHE C 21 -13.50 -0.40 2.02
CA PHE C 21 -14.33 -0.71 3.23
C PHE C 21 -15.25 -1.90 2.93
N ARG C 22 -14.72 -2.96 2.39
CA ARG C 22 -15.55 -4.16 2.08
C ARG C 22 -16.83 -3.78 1.33
N LYS C 23 -17.61 -4.75 0.93
CA LYS C 23 -18.88 -4.46 0.21
C LYS C 23 -19.98 -5.39 0.69
N SER C 24 -19.67 -6.63 0.96
CA SER C 24 -20.72 -7.60 1.44
C SER C 24 -20.18 -9.03 1.45
N GLY C 25 -21.05 -9.99 1.69
CA GLY C 25 -20.60 -11.42 1.72
C GLY C 25 -20.50 -11.90 3.16
N ALA C 26 -19.33 -11.82 3.73
CA ALA C 26 -19.13 -12.27 5.14
C ALA C 26 -18.04 -11.41 5.78
N THR C 27 -16.97 -11.20 5.05
CA THR C 27 -15.86 -10.36 5.55
C THR C 27 -16.25 -8.87 5.48
N CYS C 28 -17.42 -8.59 4.95
CA CYS C 28 -17.88 -7.17 4.85
C CYS C 28 -17.68 -6.42 6.16
N GLY C 29 -17.47 -5.14 6.09
CA GLY C 29 -17.27 -4.34 7.34
C GLY C 29 -15.79 -4.05 7.56
N ARG C 30 -14.91 -4.81 6.94
CA ARG C 30 -13.45 -4.57 7.14
C ARG C 30 -12.96 -3.47 6.19
N SER C 31 -11.84 -2.88 6.49
CA SER C 31 -11.30 -1.80 5.62
C SER C 31 -9.88 -2.15 5.14
N ASP C 32 -9.77 -2.73 3.97
CA ASP C 32 -8.43 -3.11 3.44
C ASP C 32 -7.94 -2.06 2.45
N THR C 33 -6.74 -1.58 2.62
CA THR C 33 -6.21 -0.55 1.67
C THR C 33 -5.30 -1.20 0.63
N TYR C 34 -5.54 -0.94 -0.62
CA TYR C 34 -4.70 -1.55 -1.69
C TYR C 34 -3.83 -0.46 -2.33
N TYR C 35 -2.70 -0.82 -2.88
CA TYR C 35 -1.81 0.22 -3.50
C TYR C 35 -1.21 -0.29 -4.81
N GLN C 36 -0.97 0.60 -5.74
CA GLN C 36 -0.36 0.18 -7.03
C GLN C 36 1.10 0.63 -7.10
N SER C 37 1.92 -0.08 -7.81
CA SER C 37 3.36 0.31 -7.92
C SER C 37 3.48 1.74 -8.45
N PRO C 38 4.69 2.17 -8.70
CA PRO C 38 4.90 3.53 -9.21
C PRO C 38 4.73 3.61 -10.72
N THR C 39 4.65 2.50 -11.42
CA THR C 39 4.49 2.60 -12.90
C THR C 39 4.11 1.25 -13.53
N GLY C 40 3.27 0.48 -12.91
CA GLY C 40 2.86 -0.81 -13.54
C GLY C 40 3.15 -2.01 -12.61
N ASP C 41 2.23 -2.31 -11.73
CA ASP C 41 2.38 -3.48 -10.80
C ASP C 41 1.36 -3.33 -9.67
N ARG C 42 0.39 -4.22 -9.62
CA ARG C 42 -0.65 -4.12 -8.55
C ARG C 42 -0.14 -4.69 -7.23
N ILE C 43 -0.10 -3.87 -6.21
CA ILE C 43 0.37 -4.35 -4.87
C ILE C 43 -0.82 -4.38 -3.91
N ARG C 44 -0.86 -5.33 -3.00
CA ARG C 44 -2.00 -5.40 -2.05
C ARG C 44 -1.51 -5.43 -0.60
N SER C 45 -0.22 -5.44 -0.39
CA SER C 45 0.30 -5.46 1.02
C SER C 45 1.78 -5.05 1.05
N LYS C 46 2.48 -5.35 2.11
CA LYS C 46 3.91 -4.97 2.20
C LYS C 46 4.76 -5.93 1.38
N VAL C 47 4.54 -7.21 1.52
CA VAL C 47 5.34 -8.19 0.72
C VAL C 47 5.23 -7.82 -0.75
N GLU C 48 4.02 -7.61 -1.24
CA GLU C 48 3.86 -7.20 -2.67
C GLU C 48 4.74 -5.99 -2.93
N LEU C 49 4.84 -5.13 -1.94
CA LEU C 49 5.70 -3.93 -2.07
C LEU C 49 7.16 -4.38 -2.12
N THR C 50 7.49 -5.33 -1.30
CA THR C 50 8.89 -5.86 -1.27
C THR C 50 9.20 -6.54 -2.61
N ARG C 51 8.19 -6.94 -3.34
CA ARG C 51 8.43 -7.61 -4.65
C ARG C 51 8.91 -6.58 -5.68
N TYR C 52 8.14 -5.55 -5.91
CA TYR C 52 8.55 -4.52 -6.90
C TYR C 52 9.91 -3.92 -6.51
N LEU C 53 10.17 -3.81 -5.22
CA LEU C 53 11.47 -3.24 -4.77
C LEU C 53 12.58 -4.30 -4.84
N GLY C 54 12.21 -5.55 -4.95
CA GLY C 54 13.23 -6.62 -5.02
C GLY C 54 13.22 -7.42 -3.71
N PRO C 55 13.70 -8.64 -3.79
CA PRO C 55 13.74 -9.51 -2.59
C PRO C 55 14.79 -9.00 -1.60
N ALA C 56 15.70 -8.18 -2.04
CA ALA C 56 16.73 -7.64 -1.11
C ALA C 56 16.32 -6.25 -0.62
N CYS C 57 15.05 -5.96 -0.62
CA CYS C 57 14.59 -4.63 -0.15
C CYS C 57 13.42 -4.80 0.85
N ASP C 58 13.72 -4.85 2.12
CA ASP C 58 12.65 -5.02 3.14
C ASP C 58 11.98 -3.68 3.42
N LEU C 59 10.85 -3.70 4.07
CA LEU C 59 10.13 -2.42 4.39
C LEU C 59 9.57 -2.50 5.81
N THR C 60 10.43 -2.55 6.80
CA THR C 60 9.94 -2.62 8.20
C THR C 60 9.51 -1.24 8.71
N LEU C 61 9.61 -0.23 7.89
CA LEU C 61 9.20 1.13 8.34
C LEU C 61 8.01 1.64 7.51
N PHE C 62 7.50 0.82 6.62
CA PHE C 62 6.34 1.26 5.79
C PHE C 62 5.03 0.93 6.52
N ASP C 63 4.14 1.88 6.61
CA ASP C 63 2.84 1.63 7.29
C ASP C 63 1.79 1.21 6.26
N PHE C 64 1.39 -0.03 6.29
CA PHE C 64 0.37 -0.53 5.31
C PHE C 64 -0.92 0.30 5.41
N LYS C 65 -1.21 0.84 6.55
CA LYS C 65 -2.47 1.64 6.69
C LYS C 65 -2.24 3.11 6.30
N GLN C 66 -1.19 3.72 6.79
CA GLN C 66 -0.93 5.15 6.45
C GLN C 66 -0.38 5.28 5.04
N GLY C 67 0.68 4.58 4.73
CA GLY C 67 1.27 4.68 3.36
C GLY C 67 2.47 5.63 3.38
N ILE C 68 3.39 5.42 4.28
CA ILE C 68 4.59 6.30 4.37
C ILE C 68 5.76 5.55 4.99
N LEU C 69 6.97 5.90 4.61
CA LEU C 69 8.15 5.20 5.16
C LEU C 69 8.75 6.03 6.31
N CYS C 70 8.16 5.98 7.47
CA CYS C 70 8.70 6.76 8.62
C CYS C 70 10.01 6.13 9.11
N TYR C 71 10.15 5.90 10.39
CA TYR C 71 11.40 5.29 10.93
C TYR C 71 11.31 5.10 12.44
N PRO C 72 11.07 6.18 13.15
CA PRO C 72 10.95 6.09 14.64
C PRO C 72 9.72 5.27 15.03
N ALA C 73 9.59 4.94 16.29
CA ALA C 73 8.41 4.15 16.74
C ALA C 73 7.92 4.66 18.10
N PRO C 74 6.88 5.46 18.07
CA PRO C 74 6.31 6.02 19.32
C PRO C 74 5.58 4.93 20.11
N LYS C 75 6.17 4.47 21.19
CA LYS C 75 5.52 3.41 22.02
C LYS C 75 5.14 2.21 21.14
N1 5CM A 6 -13.28 -10.50 -1.02
C2 5CM A 6 -12.21 -11.17 -1.59
N3 5CM A 6 -11.03 -10.50 -1.75
C4 5CM A 6 -10.92 -9.22 -1.37
C5 5CM A 6 -12.01 -8.53 -0.78
C5A 5CM A 6 -11.88 -7.07 -0.36
C6 5CM A 6 -13.16 -9.20 -0.62
O2 5CM A 6 -12.33 -12.33 -1.93
N4 5CM A 6 -9.76 -8.59 -1.56
C1' 5CM A 6 -14.54 -11.25 -0.88
C2' 5CM A 6 -15.26 -10.94 0.42
C3' 5CM A 6 -16.71 -10.68 0.06
C4' 5CM A 6 -16.70 -10.44 -1.45
O4' 5CM A 6 -15.44 -10.92 -1.96
O3' 5CM A 6 -17.55 -11.80 0.37
C5' 5CM A 6 -16.87 -8.96 -1.75
O5' 5CM A 6 -15.72 -8.22 -1.37
P 5CM A 6 -15.86 -6.91 -0.46
OP1 5CM A 6 -17.09 -7.03 0.35
OP2 5CM A 6 -14.56 -6.66 0.21
H5A1 5CM A 6 -12.86 -6.60 -0.36
H5A2 5CM A 6 -11.46 -7.02 0.65
H5A3 5CM A 6 -11.23 -6.55 -1.05
H6 5CM A 6 -14.02 -8.71 -0.16
HN41 5CM A 6 -9.65 -7.64 -1.27
HN42 5CM A 6 -8.97 -9.08 -1.97
H1' 5CM A 6 -14.33 -12.32 -0.92
H2' 5CM A 6 -14.85 -10.04 0.88
H2'' 5CM A 6 -15.19 -11.78 1.10
H3' 5CM A 6 -17.07 -9.78 0.56
H4' 5CM A 6 -17.51 -11.01 -1.90
H5' 5CM A 6 -17.05 -8.83 -2.81
H5'' 5CM A 6 -17.74 -8.58 -1.20
N1 5CM B 6 -3.29 -12.83 -1.12
C2 5CM B 6 -4.61 -13.11 -0.76
N3 5CM B 6 -5.38 -12.08 -0.29
C4 5CM B 6 -4.89 -10.85 -0.17
C5 5CM B 6 -3.53 -10.56 -0.52
C5A 5CM B 6 -2.96 -9.15 -0.36
C6 5CM B 6 -2.78 -11.58 -0.99
O2 5CM B 6 -5.04 -14.24 -0.89
N4 5CM B 6 -5.67 -9.88 0.30
C1' 5CM B 6 -2.47 -13.93 -1.62
C2' 5CM B 6 -1.83 -13.55 -2.94
C3' 5CM B 6 -0.35 -13.81 -2.80
C4' 5CM B 6 -0.13 -14.15 -1.34
O4' 5CM B 6 -1.42 -14.27 -0.69
O3' 5CM B 6 0.07 -14.91 -3.64
C5' 5CM B 6 0.70 -13.07 -0.66
O5' 5CM B 6 0.39 -11.77 -1.18
P 5CM B 6 1.45 -10.58 -1.09
OP1 5CM B 6 2.52 -10.82 -2.08
OP2 5CM B 6 0.72 -9.29 -1.11
H5A1 5CM B 6 -2.79 -8.94 0.69
H5A2 5CM B 6 -2.01 -9.09 -0.90
H5A3 5CM B 6 -3.66 -8.43 -0.77
H6 5CM B 6 -1.74 -11.40 -1.26
HN41 5CM B 6 -5.31 -8.94 0.40
HN42 5CM B 6 -6.63 -10.08 0.55
H1' 5CM B 6 -3.11 -14.80 -1.78
H2' 5CM B 6 -2.00 -12.50 -3.15
H2'' 5CM B 6 -2.24 -14.16 -3.75
H3' 5CM B 6 0.21 -12.91 -3.06
H4' 5CM B 6 0.39 -15.10 -1.26
H5' 5CM B 6 0.51 -13.08 0.41
H5'' 5CM B 6 1.77 -13.27 -0.84
N MET C 1 -17.67 5.60 -10.51
CA MET C 1 -16.99 4.55 -9.68
C MET C 1 -15.67 5.09 -9.15
N ALA C 2 -14.68 4.24 -8.97
CA ALA C 2 -13.37 4.72 -8.43
C ALA C 2 -13.54 5.30 -7.04
N GLU C 3 -13.44 4.49 -6.03
CA GLU C 3 -13.61 4.98 -4.63
C GLU C 3 -12.79 6.27 -4.41
N ASP C 4 -11.50 6.16 -4.28
CA ASP C 4 -10.65 7.36 -4.06
C ASP C 4 -9.17 6.96 -3.98
N TRP C 5 -8.50 6.93 -5.09
CA TRP C 5 -7.05 6.54 -5.07
C TRP C 5 -6.19 7.73 -4.64
N LEU C 6 -5.43 7.58 -3.59
CA LEU C 6 -4.57 8.70 -3.12
C LEU C 6 -3.10 8.38 -3.37
N ASP C 7 -2.26 9.38 -3.39
CA ASP C 7 -0.80 9.15 -3.63
C ASP C 7 -0.25 8.16 -2.60
N CYS C 8 1.02 7.85 -2.68
CA CYS C 8 1.61 6.89 -1.71
C CYS C 8 3.12 7.16 -1.57
N PRO C 9 3.45 8.04 -0.65
CA PRO C 9 4.87 8.39 -0.41
C PRO C 9 5.62 7.25 0.26
N ALA C 10 4.94 6.20 0.66
CA ALA C 10 5.63 5.07 1.33
C ALA C 10 6.74 4.51 0.44
N LEU C 11 6.71 4.79 -0.83
CA LEU C 11 7.76 4.26 -1.74
C LEU C 11 8.38 5.39 -2.56
N GLY C 12 7.63 5.95 -3.48
CA GLY C 12 8.17 7.06 -4.32
C GLY C 12 7.08 7.58 -5.27
N PRO C 13 7.51 8.18 -6.35
CA PRO C 13 6.57 8.74 -7.35
C PRO C 13 5.91 7.62 -8.16
N GLY C 14 4.66 7.76 -8.48
CA GLY C 14 3.95 6.73 -9.27
C GLY C 14 3.12 5.83 -8.35
N TRP C 15 3.58 5.62 -7.15
CA TRP C 15 2.84 4.73 -6.20
C TRP C 15 1.48 5.33 -5.83
N LYS C 16 0.49 4.50 -5.73
CA LYS C 16 -0.88 4.98 -5.35
C LYS C 16 -1.47 4.06 -4.28
N ARG C 17 -2.17 4.61 -3.32
CA ARG C 17 -2.76 3.76 -2.26
C ARG C 17 -4.26 4.02 -2.11
N ARG C 18 -5.02 2.99 -1.85
CA ARG C 18 -6.50 3.17 -1.69
C ARG C 18 -7.02 2.27 -0.55
N GLU C 19 -8.07 2.69 0.11
CA GLU C 19 -8.63 1.86 1.21
C GLU C 19 -9.85 1.10 0.71
N VAL C 20 -10.17 0.00 1.34
CA VAL C 20 -11.36 -0.79 0.90
C VAL C 20 -12.13 -1.30 2.12
N PHE C 21 -13.16 -0.61 2.52
CA PHE C 21 -13.94 -1.04 3.72
C PHE C 21 -14.91 -2.17 3.34
N ARG C 22 -14.44 -3.18 2.65
CA ARG C 22 -15.33 -4.32 2.26
C ARG C 22 -16.62 -3.81 1.61
N LYS C 23 -17.46 -4.69 1.16
CA LYS C 23 -18.73 -4.25 0.53
C LYS C 23 -19.88 -5.22 0.86
N SER C 24 -19.58 -6.50 1.03
CA SER C 24 -20.67 -7.48 1.37
C SER C 24 -20.16 -8.92 1.32
N GLY C 25 -21.03 -9.86 1.57
CA GLY C 25 -20.62 -11.31 1.54
C GLY C 25 -20.57 -11.85 2.97
N ALA C 26 -19.40 -11.85 3.54
CA ALA C 26 -19.23 -12.36 4.94
C ALA C 26 -18.16 -11.53 5.64
N THR C 27 -17.10 -11.26 4.95
CA THR C 27 -16.00 -10.43 5.50
C THR C 27 -16.41 -8.96 5.54
N CYS C 28 -17.60 -8.65 5.06
CA CYS C 28 -18.08 -7.24 5.04
C CYS C 28 -17.77 -6.53 6.37
N GLY C 29 -17.31 -5.31 6.30
CA GLY C 29 -17.01 -4.55 7.55
C GLY C 29 -15.49 -4.39 7.73
N ARG C 30 -14.71 -5.16 7.03
CA ARG C 30 -13.23 -5.04 7.17
C ARG C 30 -12.69 -3.91 6.28
N SER C 31 -11.49 -3.47 6.53
CA SER C 31 -10.90 -2.39 5.69
C SER C 31 -9.53 -2.81 5.14
N ASP C 32 -9.47 -3.09 3.87
CA ASP C 32 -8.17 -3.51 3.25
C ASP C 32 -7.62 -2.40 2.37
N THR C 33 -6.39 -2.01 2.58
CA THR C 33 -5.81 -0.93 1.76
C THR C 33 -4.93 -1.53 0.65
N TYR C 34 -5.23 -1.21 -0.58
CA TYR C 34 -4.43 -1.76 -1.71
C TYR C 34 -3.59 -0.66 -2.34
N TYR C 35 -2.50 -1.00 -2.97
CA TYR C 35 -1.64 0.04 -3.61
C TYR C 35 -1.10 -0.45 -4.96
N GLN C 36 -0.85 0.44 -5.86
CA GLN C 36 -0.31 0.04 -7.19
C GLN C 36 1.12 0.54 -7.33
N SER C 37 1.95 -0.19 -8.02
CA SER C 37 3.38 0.25 -8.19
C SER C 37 3.42 1.68 -8.75
N PRO C 38 4.60 2.20 -8.94
CA PRO C 38 4.74 3.57 -9.44
C PRO C 38 4.69 3.62 -10.97
N THR C 39 4.55 2.50 -11.64
CA THR C 39 4.53 2.57 -13.13
C THR C 39 4.03 1.27 -13.77
N GLY C 40 3.41 0.38 -13.04
CA GLY C 40 2.90 -0.87 -13.68
C GLY C 40 3.10 -2.10 -12.79
N ASP C 41 2.22 -2.33 -11.86
CA ASP C 41 2.29 -3.52 -10.96
C ASP C 41 1.28 -3.37 -9.83
N ARG C 42 0.28 -4.20 -9.79
CA ARG C 42 -0.76 -4.09 -8.71
C ARG C 42 -0.25 -4.71 -7.41
N ILE C 43 -0.10 -3.91 -6.38
CA ILE C 43 0.35 -4.45 -5.07
C ILE C 43 -0.83 -4.50 -4.10
N ARG C 44 -0.81 -5.41 -3.16
CA ARG C 44 -1.95 -5.51 -2.21
C ARG C 44 -1.47 -5.46 -0.75
N SER C 45 -0.23 -5.82 -0.50
CA SER C 45 0.27 -5.80 0.90
C SER C 45 1.73 -5.34 0.94
N LYS C 46 2.43 -5.63 2.00
CA LYS C 46 3.86 -5.18 2.10
C LYS C 46 4.76 -6.14 1.31
N VAL C 47 4.57 -7.43 1.48
CA VAL C 47 5.41 -8.39 0.71
C VAL C 47 5.29 -8.10 -0.79
N GLU C 48 4.09 -8.03 -1.31
CA GLU C 48 3.91 -7.71 -2.76
C GLU C 48 4.72 -6.46 -3.09
N LEU C 49 4.74 -5.53 -2.18
CA LEU C 49 5.52 -4.27 -2.40
C LEU C 49 7.01 -4.62 -2.35
N THR C 50 7.41 -5.36 -1.37
CA THR C 50 8.84 -5.76 -1.24
C THR C 50 9.26 -6.60 -2.46
N ARG C 51 8.32 -7.11 -3.21
CA ARG C 51 8.68 -7.93 -4.41
C ARG C 51 9.06 -7.03 -5.58
N TYR C 52 8.15 -6.20 -6.03
CA TYR C 52 8.45 -5.29 -7.17
C TYR C 52 9.66 -4.41 -6.86
N LEU C 53 9.98 -4.24 -5.61
CA LEU C 53 11.15 -3.38 -5.25
C LEU C 53 12.42 -4.23 -5.10
N GLY C 54 12.31 -5.53 -5.24
CA GLY C 54 13.52 -6.39 -5.11
C GLY C 54 13.69 -6.80 -3.64
N PRO C 55 14.40 -7.89 -3.45
CA PRO C 55 14.65 -8.40 -2.08
C PRO C 55 15.62 -7.49 -1.33
N ALA C 56 16.42 -6.74 -2.05
CA ALA C 56 17.40 -5.82 -1.37
C ALA C 56 16.67 -4.60 -0.80
N CYS C 57 15.42 -4.41 -1.15
CA CYS C 57 14.68 -3.23 -0.62
C CYS C 57 13.66 -3.67 0.44
N ASP C 58 14.11 -3.82 1.66
CA ASP C 58 13.18 -4.25 2.75
C ASP C 58 12.24 -3.10 3.11
N LEU C 59 11.13 -3.39 3.72
CA LEU C 59 10.18 -2.31 4.11
C LEU C 59 9.63 -2.56 5.51
N THR C 60 10.46 -2.48 6.51
CA THR C 60 9.99 -2.73 7.90
C THR C 60 9.35 -1.45 8.49
N LEU C 61 9.28 -0.40 7.72
CA LEU C 61 8.67 0.86 8.23
C LEU C 61 7.36 1.16 7.50
N PHE C 62 7.20 0.65 6.31
CA PHE C 62 5.94 0.90 5.54
C PHE C 62 4.73 0.47 6.36
N ASP C 63 3.64 1.18 6.25
CA ASP C 63 2.42 0.83 7.02
C ASP C 63 1.34 0.31 6.07
N PHE C 64 0.90 -0.91 6.25
CA PHE C 64 -0.14 -1.49 5.35
C PHE C 64 -1.48 -0.77 5.55
N LYS C 65 -1.76 -0.32 6.75
CA LYS C 65 -3.06 0.38 6.99
C LYS C 65 -2.93 1.89 6.77
N GLN C 66 -1.94 2.32 6.01
CA GLN C 66 -1.78 3.78 5.76
C GLN C 66 -1.13 4.02 4.40
N GLY C 67 -0.15 3.24 4.05
CA GLY C 67 0.53 3.42 2.74
C GLY C 67 1.59 4.52 2.88
N ILE C 68 2.46 4.39 3.83
CA ILE C 68 3.53 5.42 4.03
C ILE C 68 4.73 4.82 4.74
N LEU C 69 5.88 5.44 4.62
CA LEU C 69 7.09 4.90 5.30
C LEU C 69 7.33 5.65 6.61
N CYS C 70 6.60 5.29 7.64
CA CYS C 70 6.74 5.95 8.98
C CYS C 70 7.93 6.92 9.04
N TYR C 71 9.13 6.40 9.03
CA TYR C 71 10.34 7.30 9.08
C TYR C 71 11.59 6.54 8.63
N PRO C 72 12.18 7.00 7.56
CA PRO C 72 13.41 6.34 7.04
C PRO C 72 14.61 6.69 7.92
N ALA C 73 14.51 7.74 8.70
CA ALA C 73 15.64 8.13 9.59
C ALA C 73 15.21 9.26 10.54
N PRO C 74 14.82 10.38 9.97
CA PRO C 74 14.39 11.53 10.80
C PRO C 74 13.03 11.24 11.44
N LYS C 75 12.90 11.47 12.72
CA LYS C 75 11.60 11.20 13.41
C LYS C 75 10.50 12.07 12.81
N1 5CM A 6 -13.46 -10.46 -1.01
C2 5CM A 6 -12.40 -11.13 -1.59
N3 5CM A 6 -11.23 -10.47 -1.77
C4 5CM A 6 -11.11 -9.18 -1.41
C5 5CM A 6 -12.20 -8.47 -0.82
C5A 5CM A 6 -12.06 -7.01 -0.42
C6 5CM A 6 -13.35 -9.15 -0.62
O2 5CM A 6 -12.53 -12.30 -1.91
N4 5CM A 6 -9.95 -8.56 -1.62
C1' 5CM A 6 -14.72 -11.20 -0.84
C2' 5CM A 6 -15.43 -10.87 0.47
C3' 5CM A 6 -16.88 -10.61 0.11
C4' 5CM A 6 -16.88 -10.39 -1.39
O4' 5CM A 6 -15.64 -10.89 -1.92
O3' 5CM A 6 -17.73 -11.71 0.46
C5' 5CM A 6 -17.05 -8.91 -1.71
O5' 5CM A 6 -15.88 -8.18 -1.35
P 5CM A 6 -16.00 -6.85 -0.46
OP1 5CM A 6 -17.22 -6.95 0.37
OP2 5CM A 6 -14.69 -6.59 0.17
H5A1 5CM A 6 -11.61 -6.94 0.57
H5A2 5CM A 6 -11.44 -6.49 -1.14
H5A3 5CM A 6 -13.05 -6.55 -0.39
H6 5CM A 6 -14.20 -8.65 -0.16
HN41 5CM A 6 -9.84 -7.59 -1.35
HN42 5CM A 6 -9.18 -9.06 -2.04
H1' 5CM A 6 -14.52 -12.28 -0.87
H2' 5CM A 6 -14.99 -9.98 0.92
H2'' 5CM A 6 -15.35 -11.71 1.15
H3' 5CM A 6 -17.22 -9.69 0.61
H4' 5CM A 6 -17.71 -10.95 -1.83
H5' 5CM A 6 -17.22 -8.80 -2.79
H5'' 5CM A 6 -17.90 -8.52 -1.17
N1 5CM B 6 -3.39 -12.66 -1.05
C2 5CM B 6 -4.71 -12.93 -0.72
N3 5CM B 6 -5.46 -11.91 -0.18
C4 5CM B 6 -4.93 -10.70 0.00
C5 5CM B 6 -3.57 -10.42 -0.34
C5A 5CM B 6 -2.97 -9.04 -0.13
C6 5CM B 6 -2.84 -11.43 -0.87
O2 5CM B 6 -5.17 -14.03 -0.88
N4 5CM B 6 -5.68 -9.74 0.52
C1' 5CM B 6 -2.60 -13.76 -1.64
C2' 5CM B 6 -1.96 -13.32 -2.94
C3' 5CM B 6 -0.47 -13.59 -2.80
C4' 5CM B 6 -0.26 -14.03 -1.36
O4' 5CM B 6 -1.56 -14.18 -0.74
O3' 5CM B 6 -0.06 -14.62 -3.71
C5' 5CM B 6 0.58 -12.99 -0.61
O5' 5CM B 6 0.17 -11.65 -0.93
P 5CM B 6 1.26 -10.49 -1.09
OP1 5CM B 6 2.20 -10.86 -2.17
OP2 5CM B 6 0.55 -9.19 -1.15
H5A1 5CM B 6 -3.64 -8.28 -0.55
H5A2 5CM B 6 -2.84 -8.86 0.94
H5A3 5CM B 6 -2.00 -8.98 -0.63
H6 5CM B 6 -1.81 -11.26 -1.15
HN41 5CM B 6 -5.30 -8.82 0.67
HN42 5CM B 6 -6.65 -9.93 0.77
H1' 5CM B 6 -3.26 -14.61 -1.84
H2' 5CM B 6 -2.13 -12.26 -3.10
H2'' 5CM B 6 -2.37 -13.89 -3.77
H3' 5CM B 6 0.08 -12.67 -3.00
H4' 5CM B 6 0.25 -14.99 -1.35
H5' 5CM B 6 0.46 -13.15 0.46
H5'' 5CM B 6 1.62 -13.12 -0.88
N MET C 1 -14.29 5.23 -10.77
CA MET C 1 -13.54 5.50 -9.51
C MET C 1 -14.41 5.17 -8.30
N ALA C 2 -14.57 3.90 -7.99
CA ALA C 2 -15.39 3.52 -6.82
C ALA C 2 -14.64 3.82 -5.51
N GLU C 3 -13.38 3.50 -5.46
CA GLU C 3 -12.59 3.76 -4.21
C GLU C 3 -11.61 4.92 -4.44
N ASP C 4 -11.41 5.32 -5.67
CA ASP C 4 -10.48 6.45 -5.97
C ASP C 4 -9.07 6.15 -5.46
N TRP C 5 -8.10 6.15 -6.33
CA TRP C 5 -6.70 5.85 -5.91
C TRP C 5 -6.07 7.11 -5.31
N LEU C 6 -5.45 6.99 -4.16
CA LEU C 6 -4.81 8.19 -3.52
C LEU C 6 -3.29 8.10 -3.66
N ASP C 7 -2.61 9.21 -3.51
CA ASP C 7 -1.13 9.20 -3.63
C ASP C 7 -0.52 8.24 -2.59
N CYS C 8 0.75 7.96 -2.69
CA CYS C 8 1.39 7.04 -1.71
C CYS C 8 2.88 7.36 -1.58
N PRO C 9 3.19 8.26 -0.66
CA PRO C 9 4.59 8.66 -0.43
C PRO C 9 5.38 7.57 0.30
N ALA C 10 4.72 6.52 0.70
CA ALA C 10 5.44 5.43 1.44
C ALA C 10 6.59 4.86 0.59
N LEU C 11 6.59 5.11 -0.69
CA LEU C 11 7.69 4.56 -1.55
C LEU C 11 8.29 5.67 -2.42
N GLY C 12 7.51 6.22 -3.32
CA GLY C 12 8.06 7.31 -4.20
C GLY C 12 6.95 7.83 -5.11
N PRO C 13 7.36 8.54 -6.14
CA PRO C 13 6.39 9.11 -7.10
C PRO C 13 5.78 8.01 -7.98
N GLY C 14 4.54 8.15 -8.36
CA GLY C 14 3.89 7.12 -9.21
C GLY C 14 3.09 6.16 -8.32
N TRP C 15 3.56 5.92 -7.12
CA TRP C 15 2.85 4.98 -6.20
C TRP C 15 1.44 5.46 -5.90
N LYS C 16 0.51 4.54 -5.77
CA LYS C 16 -0.90 4.91 -5.46
C LYS C 16 -1.47 3.94 -4.42
N ARG C 17 -2.38 4.41 -3.60
CA ARG C 17 -2.98 3.52 -2.56
C ARG C 17 -4.51 3.62 -2.59
N ARG C 18 -5.18 2.57 -2.23
CA ARG C 18 -6.67 2.58 -2.22
C ARG C 18 -7.19 1.86 -0.98
N GLU C 19 -8.18 2.41 -0.32
CA GLU C 19 -8.74 1.76 0.90
C GLU C 19 -10.02 1.00 0.54
N VAL C 20 -10.16 -0.20 1.03
CA VAL C 20 -11.38 -1.01 0.71
C VAL C 20 -12.12 -1.37 2.00
N PHE C 21 -13.17 -0.66 2.31
CA PHE C 21 -13.94 -0.98 3.55
C PHE C 21 -14.96 -2.09 3.26
N ARG C 22 -14.55 -3.13 2.59
CA ARG C 22 -15.48 -4.25 2.27
C ARG C 22 -16.78 -3.74 1.66
N LYS C 23 -17.61 -4.64 1.17
CA LYS C 23 -18.90 -4.21 0.55
C LYS C 23 -20.03 -5.17 0.95
N SER C 24 -19.74 -6.43 1.12
CA SER C 24 -20.81 -7.41 1.51
C SER C 24 -20.29 -8.85 1.46
N GLY C 25 -21.18 -9.80 1.65
CA GLY C 25 -20.77 -11.24 1.62
C GLY C 25 -20.71 -11.78 3.04
N ALA C 26 -19.54 -11.77 3.62
CA ALA C 26 -19.36 -12.27 5.01
C ALA C 26 -18.28 -11.44 5.70
N THR C 27 -17.24 -11.14 4.99
CA THR C 27 -16.14 -10.31 5.54
C THR C 27 -16.56 -8.84 5.57
N CYS C 28 -17.75 -8.53 5.10
CA CYS C 28 -18.22 -7.12 5.08
C CYS C 28 -17.92 -6.41 6.40
N GLY C 29 -17.43 -5.20 6.33
CA GLY C 29 -17.12 -4.43 7.57
C GLY C 29 -15.61 -4.30 7.77
N ARG C 30 -14.82 -5.06 7.04
CA ARG C 30 -13.34 -4.96 7.20
C ARG C 30 -12.78 -3.84 6.33
N SER C 31 -11.51 -3.56 6.46
CA SER C 31 -10.90 -2.46 5.64
C SER C 31 -9.56 -2.92 5.05
N ASP C 32 -9.55 -3.32 3.82
CA ASP C 32 -8.27 -3.77 3.18
C ASP C 32 -7.69 -2.66 2.33
N THR C 33 -6.45 -2.30 2.56
CA THR C 33 -5.82 -1.22 1.75
C THR C 33 -4.95 -1.82 0.64
N TYR C 34 -5.20 -1.44 -0.58
CA TYR C 34 -4.40 -1.98 -1.72
C TYR C 34 -3.49 -0.89 -2.28
N TYR C 35 -2.41 -1.26 -2.92
CA TYR C 35 -1.48 -0.23 -3.47
C TYR C 35 -0.95 -0.68 -4.84
N GLN C 36 -0.60 0.27 -5.68
CA GLN C 36 -0.06 -0.09 -7.02
C GLN C 36 1.33 0.51 -7.18
N SER C 37 2.23 -0.18 -7.83
CA SER C 37 3.61 0.36 -8.01
C SER C 37 3.54 1.77 -8.61
N PRO C 38 4.68 2.41 -8.73
CA PRO C 38 4.69 3.79 -9.25
C PRO C 38 4.67 3.82 -10.78
N THR C 39 4.63 2.70 -11.46
CA THR C 39 4.63 2.78 -12.94
C THR C 39 4.21 1.47 -13.61
N GLY C 40 3.47 0.62 -12.95
CA GLY C 40 3.02 -0.64 -13.62
C GLY C 40 3.32 -1.87 -12.77
N ASP C 41 2.42 -2.20 -11.88
CA ASP C 41 2.59 -3.41 -11.02
C ASP C 41 1.55 -3.39 -9.90
N ARG C 42 0.66 -4.34 -9.88
CA ARG C 42 -0.40 -4.36 -8.82
C ARG C 42 0.15 -4.92 -7.51
N ILE C 43 -0.20 -4.30 -6.41
CA ILE C 43 0.29 -4.78 -5.09
C ILE C 43 -0.86 -4.73 -4.08
N ARG C 44 -0.84 -5.56 -3.07
CA ARG C 44 -1.96 -5.55 -2.08
C ARG C 44 -1.43 -5.57 -0.65
N SER C 45 -0.15 -5.63 -0.44
CA SER C 45 0.36 -5.67 0.96
C SER C 45 1.84 -5.27 1.04
N LYS C 46 2.46 -5.54 2.15
CA LYS C 46 3.89 -5.19 2.33
C LYS C 46 4.77 -6.09 1.45
N VAL C 47 4.56 -7.38 1.51
CA VAL C 47 5.39 -8.30 0.67
C VAL C 47 5.31 -7.84 -0.79
N GLU C 48 4.12 -7.76 -1.34
CA GLU C 48 3.98 -7.30 -2.76
C GLU C 48 4.78 -6.01 -2.95
N LEU C 49 4.73 -5.13 -1.99
CA LEU C 49 5.51 -3.87 -2.08
C LEU C 49 7.00 -4.23 -2.10
N THR C 50 7.36 -5.20 -1.31
CA THR C 50 8.78 -5.65 -1.27
C THR C 50 9.14 -6.35 -2.59
N ARG C 51 8.17 -6.70 -3.39
CA ARG C 51 8.46 -7.38 -4.68
C ARG C 51 8.94 -6.35 -5.71
N TYR C 52 8.14 -5.37 -6.01
CA TYR C 52 8.55 -4.33 -7.01
C TYR C 52 9.86 -3.68 -6.56
N LEU C 53 10.03 -3.47 -5.29
CA LEU C 53 11.28 -2.82 -4.79
C LEU C 53 12.44 -3.82 -4.82
N GLY C 54 12.18 -5.06 -5.13
CA GLY C 54 13.28 -6.08 -5.18
C GLY C 54 13.23 -6.93 -3.91
N PRO C 55 13.70 -8.15 -4.04
CA PRO C 55 13.72 -9.08 -2.88
C PRO C 55 14.76 -8.63 -1.85
N ALA C 56 15.78 -7.95 -2.27
CA ALA C 56 16.83 -7.49 -1.32
C ALA C 56 16.37 -6.20 -0.61
N CYS C 57 15.40 -5.53 -1.16
CA CYS C 57 14.91 -4.27 -0.51
C CYS C 57 13.83 -4.59 0.52
N ASP C 58 13.88 -3.94 1.66
CA ASP C 58 12.86 -4.20 2.71
C ASP C 58 12.03 -2.94 2.97
N LEU C 59 11.00 -3.04 3.77
CA LEU C 59 10.15 -1.84 4.07
C LEU C 59 9.74 -1.87 5.54
N THR C 60 10.67 -1.99 6.44
CA THR C 60 10.32 -2.02 7.89
C THR C 60 9.71 -0.68 8.32
N LEU C 61 9.85 0.35 7.51
CA LEU C 61 9.27 1.67 7.90
C LEU C 61 7.97 1.93 7.12
N PHE C 62 7.41 0.93 6.50
CA PHE C 62 6.15 1.13 5.73
C PHE C 62 4.98 0.48 6.47
N ASP C 63 4.06 1.27 6.95
CA ASP C 63 2.89 0.70 7.67
C ASP C 63 1.84 0.24 6.66
N PHE C 64 1.56 -1.04 6.61
CA PHE C 64 0.56 -1.57 5.63
C PHE C 64 -0.75 -0.76 5.69
N LYS C 65 -1.37 -0.70 6.84
CA LYS C 65 -2.65 0.06 6.96
C LYS C 65 -2.44 1.53 6.58
N GLN C 66 -1.52 2.20 7.22
CA GLN C 66 -1.28 3.64 6.89
C GLN C 66 -0.90 3.81 5.42
N GLY C 67 0.13 3.14 4.98
CA GLY C 67 0.55 3.26 3.55
C GLY C 67 1.52 4.44 3.42
N ILE C 68 2.42 4.58 4.36
CA ILE C 68 3.39 5.71 4.30
C ILE C 68 4.71 5.30 4.95
N LEU C 69 5.72 6.11 4.82
CA LEU C 69 7.04 5.77 5.44
C LEU C 69 7.25 6.62 6.70
N CYS C 70 6.70 6.20 7.80
CA CYS C 70 6.84 6.97 9.08
C CYS C 70 8.29 7.45 9.27
N TYR C 71 9.24 6.72 8.75
CA TYR C 71 10.67 7.13 8.90
C TYR C 71 11.48 6.68 7.68
N PRO C 72 11.85 7.62 6.85
CA PRO C 72 12.64 7.30 5.63
C PRO C 72 14.07 6.90 6.01
N ALA C 73 14.60 7.52 7.03
CA ALA C 73 16.00 7.18 7.46
C ALA C 73 16.05 5.78 8.05
N PRO C 74 17.22 5.20 8.05
CA PRO C 74 17.39 3.84 8.60
C PRO C 74 17.30 3.86 10.13
N LYS C 75 16.47 3.01 10.69
CA LYS C 75 16.32 2.97 12.18
C LYS C 75 16.03 4.37 12.72
N1 5CM A 6 -13.36 -10.69 -1.11
C2 5CM A 6 -12.28 -11.35 -1.67
N3 5CM A 6 -11.12 -10.66 -1.83
C4 5CM A 6 -11.02 -9.38 -1.47
C5 5CM A 6 -12.14 -8.68 -0.89
C5A 5CM A 6 -12.04 -7.22 -0.48
C6 5CM A 6 -13.29 -9.38 -0.73
O2 5CM A 6 -12.37 -12.51 -1.99
N4 5CM A 6 -9.87 -8.73 -1.64
C1' 5CM A 6 -14.61 -11.46 -0.97
C2' 5CM A 6 -15.34 -11.15 0.33
C3' 5CM A 6 -16.79 -10.97 -0.03
C4' 5CM A 6 -16.80 -10.72 -1.52
O4' 5CM A 6 -15.52 -11.14 -2.05
O3' 5CM A 6 -17.57 -12.16 0.27
C5' 5CM A 6 -17.04 -9.24 -1.81
O5' 5CM A 6 -15.87 -8.47 -1.51
P 5CM A 6 -15.98 -7.15 -0.60
OP1 5CM A 6 -17.20 -7.25 0.22
OP2 5CM A 6 -14.67 -6.92 0.04
H5A1 5CM A 6 -11.55 -7.15 0.49
H5A2 5CM A 6 -11.45 -6.67 -1.22
H5A3 5CM A 6 -13.04 -6.79 -0.42
H6 5CM A 6 -14.16 -8.89 -0.30
HN41 5CM A 6 -9.79 -7.76 -1.37
HN42 5CM A 6 -9.08 -9.21 -2.04
H1' 5CM A 6 -14.38 -12.52 -1.01
H2' 5CM A 6 -14.96 -10.23 0.77
H2'' 5CM A 6 -15.22 -11.97 1.04
H3' 5CM A 6 -17.21 -10.12 0.50
H4' 5CM A 6 -17.60 -11.31 -1.99
H5' 5CM A 6 -17.29 -9.13 -2.86
H5'' 5CM A 6 -17.86 -8.89 -1.20
N1 5CM B 6 -3.29 -12.78 -1.10
C2 5CM B 6 -4.60 -13.07 -0.70
N3 5CM B 6 -5.37 -12.05 -0.24
C4 5CM B 6 -4.89 -10.81 -0.17
C5 5CM B 6 -3.55 -10.50 -0.58
C5A 5CM B 6 -3.01 -9.08 -0.49
C6 5CM B 6 -2.79 -11.52 -1.03
O2 5CM B 6 -5.00 -14.21 -0.77
N4 5CM B 6 -5.68 -9.83 0.29
C1' 5CM B 6 -2.47 -13.90 -1.61
C2' 5CM B 6 -1.87 -13.55 -2.95
C3' 5CM B 6 -0.39 -13.82 -2.84
C4' 5CM B 6 -0.13 -14.11 -1.37
O4' 5CM B 6 -1.40 -14.19 -0.69
O3' 5CM B 6 0.00 -14.94 -3.66
C5' 5CM B 6 0.74 -13.00 -0.77
O5' 5CM B 6 0.50 -11.75 -1.41
P 5CM B 6 1.56 -10.54 -1.25
OP1 5CM B 6 2.70 -10.80 -2.16
OP2 5CM B 6 0.82 -9.27 -1.33
H5A1 5CM B 6 -2.98 -8.77 0.55
H5A2 5CM B 6 -2.00 -9.05 -0.91
H5A3 5CM B 6 -3.65 -8.42 -1.06
H6 5CM B 6 -1.77 -11.33 -1.35
HN41 5CM B 6 -5.33 -8.88 0.35
HN42 5CM B 6 -6.62 -10.03 0.58
H1' 5CM B 6 -3.10 -14.78 -1.71
H2' 5CM B 6 -2.04 -12.49 -3.18
H2'' 5CM B 6 -2.31 -14.18 -3.72
H3' 5CM B 6 0.17 -12.93 -3.15
H4' 5CM B 6 0.40 -15.05 -1.28
H5' 5CM B 6 0.50 -12.92 0.29
H5'' 5CM B 6 1.78 -13.28 -0.87
N MET C 1 -10.56 6.80 -10.39
CA MET C 1 -10.70 6.75 -8.89
C MET C 1 -11.76 5.71 -8.48
N ALA C 2 -11.33 4.52 -8.16
CA ALA C 2 -12.32 3.47 -7.75
C ALA C 2 -13.08 3.93 -6.52
N GLU C 3 -12.49 3.81 -5.36
CA GLU C 3 -13.19 4.23 -4.11
C GLU C 3 -12.44 5.41 -3.48
N ASP C 4 -11.14 5.49 -3.71
CA ASP C 4 -10.35 6.62 -3.14
C ASP C 4 -8.84 6.38 -3.38
N TRP C 5 -8.37 6.69 -4.55
CA TRP C 5 -6.91 6.49 -4.84
C TRP C 5 -6.10 7.66 -4.29
N LEU C 6 -5.46 7.48 -3.16
CA LEU C 6 -4.65 8.59 -2.58
C LEU C 6 -3.17 8.37 -2.89
N ASP C 7 -2.38 9.40 -2.82
CA ASP C 7 -0.93 9.25 -3.12
C ASP C 7 -0.29 8.23 -2.16
N CYS C 8 0.98 7.95 -2.34
CA CYS C 8 1.66 6.98 -1.46
C CYS C 8 3.14 7.34 -1.33
N PRO C 9 3.44 8.20 -0.38
CA PRO C 9 4.84 8.63 -0.17
C PRO C 9 5.68 7.52 0.46
N ALA C 10 5.07 6.43 0.84
CA ALA C 10 5.84 5.33 1.48
C ALA C 10 6.97 4.87 0.55
N LEU C 11 6.89 5.15 -0.71
CA LEU C 11 7.97 4.70 -1.65
C LEU C 11 8.47 5.88 -2.50
N GLY C 12 7.64 6.42 -3.36
CA GLY C 12 8.08 7.55 -4.22
C GLY C 12 6.89 8.09 -5.02
N PRO C 13 7.19 8.95 -5.96
CA PRO C 13 6.12 9.55 -6.80
C PRO C 13 5.62 8.53 -7.83
N GLY C 14 4.41 8.06 -7.66
CA GLY C 14 3.84 7.09 -8.62
C GLY C 14 2.95 6.10 -7.87
N TRP C 15 3.38 5.69 -6.69
CA TRP C 15 2.58 4.71 -5.90
C TRP C 15 1.24 5.31 -5.48
N LYS C 16 0.19 4.54 -5.59
CA LYS C 16 -1.16 5.04 -5.20
C LYS C 16 -1.76 4.10 -4.14
N ARG C 17 -2.52 4.64 -3.23
CA ARG C 17 -3.13 3.78 -2.16
C ARG C 17 -4.66 3.84 -2.24
N ARG C 18 -5.32 2.76 -1.92
CA ARG C 18 -6.81 2.74 -1.96
C ARG C 18 -7.35 1.95 -0.76
N GLU C 19 -8.34 2.46 -0.10
CA GLU C 19 -8.90 1.74 1.09
C GLU C 19 -10.17 0.98 0.69
N VAL C 20 -10.20 -0.30 0.96
CA VAL C 20 -11.40 -1.12 0.60
C VAL C 20 -12.14 -1.54 1.86
N PHE C 21 -13.20 -0.85 2.20
CA PHE C 21 -13.97 -1.21 3.43
C PHE C 21 -14.96 -2.34 3.13
N ARG C 22 -14.53 -3.36 2.43
CA ARG C 22 -15.45 -4.50 2.10
C ARG C 22 -16.76 -4.00 1.50
N LYS C 23 -17.58 -4.90 1.03
CA LYS C 23 -18.88 -4.49 0.44
C LYS C 23 -20.01 -5.42 0.87
N SER C 24 -19.71 -6.70 1.05
CA SER C 24 -20.77 -7.68 1.48
C SER C 24 -20.30 -9.12 1.27
N GLY C 25 -21.19 -10.07 1.41
CA GLY C 25 -20.82 -11.50 1.21
C GLY C 25 -20.70 -12.19 2.58
N ALA C 26 -19.52 -12.22 3.11
CA ALA C 26 -19.30 -12.87 4.44
C ALA C 26 -18.14 -12.18 5.17
N THR C 27 -17.72 -11.04 4.69
CA THR C 27 -16.60 -10.31 5.32
C THR C 27 -16.91 -8.81 5.34
N CYS C 28 -18.14 -8.44 5.05
CA CYS C 28 -18.52 -7.01 5.02
C CYS C 28 -18.10 -6.30 6.33
N GLY C 29 -17.44 -5.18 6.20
CA GLY C 29 -17.03 -4.43 7.42
C GLY C 29 -15.50 -4.38 7.54
N ARG C 30 -14.79 -5.21 6.83
CA ARG C 30 -13.30 -5.19 6.94
C ARG C 30 -12.73 -4.08 6.04
N SER C 31 -11.53 -3.64 6.32
CA SER C 31 -10.92 -2.56 5.49
C SER C 31 -9.55 -2.99 4.94
N ASP C 32 -9.50 -3.34 3.68
CA ASP C 32 -8.21 -3.78 3.09
C ASP C 32 -7.63 -2.64 2.22
N THR C 33 -6.42 -2.26 2.46
CA THR C 33 -5.82 -1.16 1.65
C THR C 33 -4.93 -1.73 0.55
N TYR C 34 -5.24 -1.41 -0.69
CA TYR C 34 -4.43 -1.93 -1.82
C TYR C 34 -3.56 -0.81 -2.39
N TYR C 35 -2.48 -1.15 -3.05
CA TYR C 35 -1.60 -0.08 -3.60
C TYR C 35 -1.08 -0.48 -4.99
N GLN C 36 -0.95 0.48 -5.87
CA GLN C 36 -0.42 0.16 -7.23
C GLN C 36 1.01 0.71 -7.36
N SER C 37 1.84 0.07 -8.14
CA SER C 37 3.24 0.54 -8.30
C SER C 37 3.28 2.03 -8.65
N PRO C 38 4.48 2.54 -8.84
CA PRO C 38 4.64 3.95 -9.19
C PRO C 38 4.47 4.16 -10.69
N THR C 39 4.41 3.10 -11.46
CA THR C 39 4.24 3.30 -12.93
C THR C 39 3.86 1.99 -13.66
N GLY C 40 3.34 1.00 -12.96
CA GLY C 40 2.93 -0.25 -13.67
C GLY C 40 3.28 -1.51 -12.87
N ASP C 41 2.43 -1.90 -11.96
CA ASP C 41 2.67 -3.14 -11.15
C ASP C 41 1.60 -3.24 -10.05
N ARG C 42 0.83 -4.29 -10.04
CA ARG C 42 -0.24 -4.44 -9.02
C ARG C 42 0.33 -4.92 -7.68
N ILE C 43 0.02 -4.21 -6.62
CA ILE C 43 0.52 -4.62 -5.27
C ILE C 43 -0.66 -4.67 -4.30
N ARG C 44 -0.62 -5.55 -3.33
CA ARG C 44 -1.74 -5.65 -2.36
C ARG C 44 -1.23 -5.73 -0.92
N SER C 45 0.05 -5.58 -0.71
CA SER C 45 0.58 -5.66 0.68
C SER C 45 2.05 -5.20 0.73
N LYS C 46 2.70 -5.37 1.86
CA LYS C 46 4.13 -4.97 1.95
C LYS C 46 4.97 -5.99 1.19
N VAL C 47 4.67 -7.26 1.32
CA VAL C 47 5.44 -8.28 0.57
C VAL C 47 5.30 -7.99 -0.92
N GLU C 48 4.08 -7.89 -1.40
CA GLU C 48 3.85 -7.58 -2.85
C GLU C 48 4.67 -6.34 -3.20
N LEU C 49 4.70 -5.39 -2.29
CA LEU C 49 5.49 -4.15 -2.52
C LEU C 49 6.97 -4.52 -2.56
N THR C 50 7.41 -5.29 -1.61
CA THR C 50 8.83 -5.73 -1.58
C THR C 50 9.16 -6.55 -2.82
N ARG C 51 8.16 -7.05 -3.51
CA ARG C 51 8.43 -7.86 -4.74
C ARG C 51 8.84 -6.95 -5.90
N TYR C 52 7.99 -6.04 -6.30
CA TYR C 52 8.35 -5.15 -7.44
C TYR C 52 9.60 -4.34 -7.10
N LEU C 53 9.92 -4.22 -5.83
CA LEU C 53 11.13 -3.44 -5.44
C LEU C 53 12.32 -4.39 -5.23
N GLY C 54 12.07 -5.67 -5.13
CA GLY C 54 13.18 -6.64 -4.93
C GLY C 54 13.21 -7.10 -3.47
N PRO C 55 13.77 -8.26 -3.25
CA PRO C 55 13.85 -8.81 -1.87
C PRO C 55 14.89 -8.02 -1.06
N ALA C 56 15.90 -7.51 -1.71
CA ALA C 56 16.93 -6.73 -0.98
C ALA C 56 16.35 -5.38 -0.53
N CYS C 57 15.33 -4.92 -1.20
CA CYS C 57 14.71 -3.62 -0.81
C CYS C 57 13.57 -3.85 0.19
N ASP C 58 13.85 -4.53 1.26
CA ASP C 58 12.78 -4.80 2.29
C ASP C 58 12.08 -3.51 2.69
N LEU C 59 11.01 -3.62 3.43
CA LEU C 59 10.28 -2.40 3.88
C LEU C 59 9.71 -2.62 5.28
N THR C 60 10.58 -2.81 6.25
CA THR C 60 10.09 -3.04 7.64
C THR C 60 9.42 -1.78 8.20
N LEU C 61 9.59 -0.65 7.56
CA LEU C 61 8.96 0.60 8.06
C LEU C 61 7.66 0.88 7.31
N PHE C 62 7.56 0.45 6.08
CA PHE C 62 6.31 0.70 5.30
C PHE C 62 5.10 0.10 6.02
N ASP C 63 4.24 0.92 6.53
CA ASP C 63 3.03 0.40 7.24
C ASP C 63 1.97 0.00 6.22
N PHE C 64 1.40 -1.16 6.36
CA PHE C 64 0.35 -1.60 5.39
C PHE C 64 -0.92 -0.75 5.54
N LYS C 65 -1.17 -0.24 6.71
CA LYS C 65 -2.40 0.58 6.91
C LYS C 65 -2.10 2.06 6.63
N GLN C 66 -0.91 2.50 6.90
CA GLN C 66 -0.57 3.94 6.64
C GLN C 66 0.11 4.09 5.28
N GLY C 67 1.01 3.20 4.96
CA GLY C 67 1.71 3.28 3.65
C GLY C 67 2.55 4.55 3.60
N ILE C 68 3.58 4.62 4.40
CA ILE C 68 4.46 5.84 4.39
C ILE C 68 5.86 5.50 4.92
N LEU C 69 6.27 4.27 4.82
CA LEU C 69 7.62 3.88 5.31
C LEU C 69 7.83 4.35 6.75
N CYS C 70 6.77 4.40 7.51
CA CYS C 70 6.87 4.85 8.94
C CYS C 70 7.31 6.32 9.01
N TYR C 71 8.53 6.60 8.63
CA TYR C 71 9.02 8.01 8.68
C TYR C 71 8.84 8.58 10.09
N PRO C 72 9.42 7.93 11.05
CA PRO C 72 9.31 8.38 12.46
C PRO C 72 10.14 9.65 12.68
N ALA C 73 11.35 9.68 12.18
CA ALA C 73 12.21 10.88 12.36
C ALA C 73 12.28 11.68 11.06
N PRO C 74 12.10 12.98 11.17
CA PRO C 74 12.14 13.86 9.97
C PRO C 74 13.58 14.00 9.48
N LYS C 75 13.81 13.90 8.19
CA LYS C 75 15.18 14.04 7.65
C LYS C 75 15.14 14.19 6.13
N1 5CM A 6 -13.39 -10.55 -0.83
C2 5CM A 6 -12.34 -11.24 -1.42
N3 5CM A 6 -11.19 -10.56 -1.68
C4 5CM A 6 -11.07 -9.26 -1.36
C5 5CM A 6 -12.14 -8.55 -0.74
C5A 5CM A 6 -12.01 -7.07 -0.39
C6 5CM A 6 -13.28 -9.23 -0.50
O2 5CM A 6 -12.46 -12.40 -1.71
N4 5CM A 6 -9.92 -8.63 -1.63
C1' 5CM A 6 -14.64 -11.29 -0.60
C2' 5CM A 6 -15.32 -10.91 0.71
C3' 5CM A 6 -16.78 -10.70 0.38
C4' 5CM A 6 -16.83 -10.55 -1.13
O4' 5CM A 6 -15.58 -11.05 -1.67
O3' 5CM A 6 -17.59 -11.83 0.78
C5' 5CM A 6 -17.03 -9.09 -1.50
O5' 5CM A 6 -15.84 -8.33 -1.25
P 5CM A 6 -15.92 -6.97 -0.40
OP1 5CM A 6 -17.13 -7.03 0.45
OP2 5CM A 6 -14.60 -6.73 0.22
H5A1 5CM A 6 -11.52 -6.97 0.58
H5A2 5CM A 6 -11.40 -6.57 -1.14
H5A3 5CM A 6 -13.00 -6.61 -0.35
H6 5CM A 6 -14.11 -8.71 -0.02
HN41 5CM A 6 -9.82 -7.65 -1.39
HN42 5CM A 6 -9.16 -9.13 -2.07
H1' 5CM A 6 -14.41 -12.37 -0.58
H2' 5CM A 6 -14.90 -9.98 1.10
H2'' 5CM A 6 -15.21 -11.71 1.43
H3' 5CM A 6 -17.15 -9.79 0.86
H4' 5CM A 6 -17.66 -11.15 -1.53
H5' 5CM A 6 -17.27 -9.02 -2.56
H5'' 5CM A 6 -17.85 -8.67 -0.92
N1 5CM B 6 -3.47 -12.61 -1.20
C2 5CM B 6 -4.73 -13.01 -0.79
N3 5CM B 6 -5.56 -12.06 -0.22
C4 5CM B 6 -5.16 -10.80 -0.09
C5 5CM B 6 -3.85 -10.38 -0.51
C5A 5CM B 6 -3.38 -8.95 -0.34
C6 5CM B 6 -3.04 -11.32 -1.05
O2 5CM B 6 -5.08 -14.15 -0.92
N4 5CM B 6 -5.98 -9.90 0.46
C1' 5CM B 6 -2.59 -13.63 -1.78
C2' 5CM B 6 -2.04 -13.18 -3.11
C3' 5CM B 6 -0.54 -13.33 -3.05
C4' 5CM B 6 -0.22 -13.72 -1.62
O4' 5CM B 6 -1.47 -13.90 -0.91
O3' 5CM B 6 -0.09 -14.35 -3.95
C5' 5CM B 6 0.61 -12.62 -0.95
O5' 5CM B 6 0.23 -11.32 -1.38
P 5CM B 6 1.24 -10.08 -1.24
OP1 5CM B 6 2.30 -10.23 -2.28
OP2 5CM B 6 0.44 -8.84 -1.17
H5A1 5CM B 6 -4.18 -8.26 -0.62
H5A2 5CM B 6 -3.13 -8.77 0.72
H5A3 5CM B 6 -2.50 -8.77 -0.94
H6 5CM B 6 -2.05 -11.04 -1.40
HN41 5CM B 6 -5.69 -8.95 0.58
HN42 5CM B 6 -6.90 -10.19 0.76
H1' 5CM B 6 -3.17 -14.54 -1.92
H2' 5CM B 6 -2.29 -12.13 -3.29
H2'' 5CM B 6 -2.45 -13.79 -3.91
H3' 5CM B 6 -0.07 -12.37 -3.29
H4' 5CM B 6 0.33 -14.65 -1.61
H5' 5CM B 6 0.48 -12.69 0.14
H5'' 5CM B 6 1.66 -12.79 -1.19
N MET C 1 -14.68 6.44 -9.98
CA MET C 1 -13.83 5.55 -10.85
C MET C 1 -12.64 5.01 -10.04
N ALA C 2 -12.35 3.74 -10.19
CA ALA C 2 -11.20 3.14 -9.44
C ALA C 2 -11.33 3.42 -7.94
N GLU C 3 -12.53 3.60 -7.46
CA GLU C 3 -12.75 3.89 -6.01
C GLU C 3 -11.91 5.09 -5.56
N ASP C 4 -11.54 5.95 -6.47
CA ASP C 4 -10.73 7.15 -6.11
C ASP C 4 -9.38 6.74 -5.52
N TRP C 5 -8.35 6.73 -6.32
CA TRP C 5 -7.00 6.35 -5.81
C TRP C 5 -6.34 7.54 -5.12
N LEU C 6 -5.31 7.30 -4.36
CA LEU C 6 -4.61 8.42 -3.65
C LEU C 6 -3.10 8.29 -3.83
N ASP C 7 -2.38 9.36 -3.63
CA ASP C 7 -0.90 9.31 -3.79
C ASP C 7 -0.28 8.36 -2.75
N CYS C 8 1.01 8.13 -2.85
CA CYS C 8 1.68 7.21 -1.88
C CYS C 8 3.14 7.64 -1.69
N PRO C 9 3.35 8.55 -0.78
CA PRO C 9 4.72 9.05 -0.50
C PRO C 9 5.56 8.01 0.24
N ALA C 10 4.97 6.91 0.63
CA ALA C 10 5.75 5.88 1.36
C ALA C 10 6.87 5.32 0.50
N LEU C 11 6.84 5.59 -0.79
CA LEU C 11 7.93 5.05 -1.67
C LEU C 11 8.49 6.16 -2.57
N GLY C 12 7.70 6.67 -3.47
CA GLY C 12 8.21 7.75 -4.37
C GLY C 12 7.11 8.18 -5.35
N PRO C 13 7.50 8.92 -6.35
CA PRO C 13 6.53 9.40 -7.37
C PRO C 13 6.10 8.26 -8.30
N GLY C 14 4.90 7.77 -8.13
CA GLY C 14 4.41 6.67 -9.00
C GLY C 14 3.50 5.75 -8.18
N TRP C 15 3.82 5.56 -6.92
CA TRP C 15 3.00 4.66 -6.06
C TRP C 15 1.62 5.27 -5.79
N LYS C 16 0.61 4.45 -5.71
CA LYS C 16 -0.75 4.96 -5.43
C LYS C 16 -1.41 4.09 -4.35
N ARG C 17 -2.27 4.66 -3.55
CA ARG C 17 -2.93 3.86 -2.48
C ARG C 17 -4.45 4.08 -2.47
N ARG C 18 -5.20 3.03 -2.29
CA ARG C 18 -6.68 3.17 -2.25
C ARG C 18 -7.22 2.30 -1.10
N GLU C 19 -8.21 2.78 -0.40
CA GLU C 19 -8.77 1.99 0.73
C GLU C 19 -10.05 1.27 0.30
N VAL C 20 -10.27 0.09 0.81
CA VAL C 20 -11.50 -0.66 0.44
C VAL C 20 -12.26 -1.09 1.70
N PHE C 21 -13.33 -0.40 2.03
CA PHE C 21 -14.10 -0.77 3.26
C PHE C 21 -15.05 -1.94 2.95
N ARG C 22 -14.53 -3.01 2.40
CA ARG C 22 -15.38 -4.20 2.08
C ARG C 22 -16.67 -3.78 1.36
N LYS C 23 -17.49 -4.73 1.04
CA LYS C 23 -18.78 -4.43 0.35
C LYS C 23 -19.92 -5.25 0.97
N SER C 24 -19.66 -6.50 1.30
CA SER C 24 -20.71 -7.36 1.93
C SER C 24 -20.29 -8.83 1.89
N GLY C 25 -21.14 -9.70 2.39
CA GLY C 25 -20.82 -11.15 2.39
C GLY C 25 -20.60 -11.64 3.83
N ALA C 26 -19.37 -11.68 4.25
CA ALA C 26 -19.05 -12.13 5.63
C ALA C 26 -17.93 -11.26 6.20
N THR C 27 -16.95 -10.99 5.39
CA THR C 27 -15.81 -10.13 5.82
C THR C 27 -16.23 -8.66 5.78
N CYS C 28 -17.46 -8.38 5.37
CA CYS C 28 -17.94 -6.97 5.29
C CYS C 28 -17.54 -6.15 6.52
N GLY C 29 -17.17 -4.92 6.32
CA GLY C 29 -16.77 -4.06 7.48
C GLY C 29 -15.23 -3.99 7.59
N ARG C 30 -14.54 -4.88 6.91
CA ARG C 30 -13.06 -4.85 6.98
C ARG C 30 -12.50 -3.83 5.98
N SER C 31 -11.53 -3.06 6.38
CA SER C 31 -10.95 -2.04 5.46
C SER C 31 -9.65 -2.55 4.84
N ASP C 32 -9.70 -2.97 3.60
CA ASP C 32 -8.47 -3.48 2.93
C ASP C 32 -7.89 -2.38 2.04
N THR C 33 -6.67 -1.98 2.30
CA THR C 33 -6.05 -0.91 1.45
C THR C 33 -5.15 -1.54 0.40
N TYR C 34 -5.37 -1.20 -0.84
CA TYR C 34 -4.52 -1.77 -1.94
C TYR C 34 -3.59 -0.68 -2.47
N TYR C 35 -2.50 -1.07 -3.08
CA TYR C 35 -1.53 -0.04 -3.60
C TYR C 35 -0.99 -0.47 -4.98
N GLN C 36 -0.47 0.47 -5.72
CA GLN C 36 0.08 0.14 -7.06
C GLN C 36 1.54 0.60 -7.15
N SER C 37 2.37 -0.14 -7.84
CA SER C 37 3.79 0.24 -8.00
C SER C 37 3.91 1.69 -8.49
N PRO C 38 5.12 2.17 -8.62
CA PRO C 38 5.32 3.55 -9.08
C PRO C 38 5.26 3.65 -10.60
N THR C 39 5.08 2.55 -11.30
CA THR C 39 5.04 2.65 -12.80
C THR C 39 4.52 1.37 -13.48
N GLY C 40 3.83 0.51 -12.78
CA GLY C 40 3.30 -0.71 -13.47
C GLY C 40 3.41 -1.97 -12.58
N ASP C 41 2.43 -2.20 -11.75
CA ASP C 41 2.41 -3.42 -10.87
C ASP C 41 1.28 -3.29 -9.84
N ARG C 42 0.54 -4.34 -9.61
CA ARG C 42 -0.57 -4.27 -8.62
C ARG C 42 -0.11 -4.78 -7.26
N ILE C 43 0.00 -3.90 -6.29
CA ILE C 43 0.44 -4.33 -4.94
C ILE C 43 -0.79 -4.43 -4.01
N ARG C 44 -0.83 -5.44 -3.19
CA ARG C 44 -2.00 -5.58 -2.27
C ARG C 44 -1.55 -5.57 -0.81
N SER C 45 -0.27 -5.45 -0.57
CA SER C 45 0.22 -5.43 0.85
C SER C 45 1.68 -5.01 0.90
N LYS C 46 2.39 -5.38 1.95
CA LYS C 46 3.81 -4.98 2.05
C LYS C 46 4.69 -5.91 1.21
N VAL C 47 4.43 -7.19 1.28
CA VAL C 47 5.25 -8.15 0.48
C VAL C 47 5.09 -7.86 -1.02
N GLU C 48 3.89 -7.62 -1.46
CA GLU C 48 3.67 -7.34 -2.91
C GLU C 48 4.52 -6.14 -3.36
N LEU C 49 4.53 -5.09 -2.58
CA LEU C 49 5.35 -3.90 -2.95
C LEU C 49 6.84 -4.19 -2.66
N THR C 50 7.12 -4.86 -1.58
CA THR C 50 8.53 -5.18 -1.25
C THR C 50 9.16 -6.01 -2.38
N ARG C 51 8.52 -7.07 -2.78
CA ARG C 51 9.09 -7.91 -3.88
C ARG C 51 9.31 -7.07 -5.15
N TYR C 52 8.38 -6.20 -5.48
CA TYR C 52 8.57 -5.38 -6.71
C TYR C 52 9.77 -4.44 -6.51
N LEU C 53 10.10 -4.14 -5.29
CA LEU C 53 11.27 -3.24 -5.04
C LEU C 53 12.53 -4.08 -4.79
N GLY C 54 12.44 -5.38 -4.93
CA GLY C 54 13.62 -6.25 -4.70
C GLY C 54 13.34 -7.20 -3.53
N PRO C 55 14.02 -8.32 -3.56
CA PRO C 55 13.84 -9.32 -2.47
C PRO C 55 14.45 -8.80 -1.17
N ALA C 56 15.45 -7.97 -1.27
CA ALA C 56 16.08 -7.41 -0.04
C ALA C 56 15.62 -5.96 0.17
N CYS C 57 14.57 -5.56 -0.49
CA CYS C 57 14.07 -4.17 -0.32
C CYS C 57 12.85 -4.15 0.61
N ASP C 58 12.96 -4.79 1.75
CA ASP C 58 11.81 -4.81 2.71
C ASP C 58 11.40 -3.38 3.08
N LEU C 59 10.27 -3.23 3.73
CA LEU C 59 9.83 -1.86 4.12
C LEU C 59 9.20 -1.91 5.52
N THR C 60 9.98 -2.22 6.52
CA THR C 60 9.45 -2.29 7.90
C THR C 60 8.86 -0.94 8.31
N LEU C 61 9.37 0.14 7.75
CA LEU C 61 8.85 1.48 8.10
C LEU C 61 7.54 1.75 7.35
N PHE C 62 7.39 1.20 6.19
CA PHE C 62 6.12 1.42 5.42
C PHE C 62 4.94 0.79 6.15
N ASP C 63 4.00 1.58 6.57
CA ASP C 63 2.82 1.02 7.29
C ASP C 63 1.75 0.57 6.28
N PHE C 64 1.27 -0.63 6.40
CA PHE C 64 0.24 -1.12 5.44
C PHE C 64 -1.00 -0.23 5.49
N LYS C 65 -1.65 -0.15 6.62
CA LYS C 65 -2.87 0.69 6.74
C LYS C 65 -2.57 2.15 6.37
N GLN C 66 -1.63 2.76 7.04
CA GLN C 66 -1.29 4.18 6.72
C GLN C 66 -0.78 4.31 5.27
N GLY C 67 0.15 3.48 4.89
CA GLY C 67 0.70 3.56 3.51
C GLY C 67 1.65 4.76 3.41
N ILE C 68 2.56 4.86 4.34
CA ILE C 68 3.52 6.01 4.32
C ILE C 68 4.81 5.62 5.05
N LEU C 69 5.89 6.29 4.74
CA LEU C 69 7.17 5.98 5.43
C LEU C 69 7.35 6.89 6.65
N CYS C 70 6.76 6.53 7.75
CA CYS C 70 6.87 7.38 8.98
C CYS C 70 8.32 7.84 9.19
N TYR C 71 9.22 6.92 9.43
CA TYR C 71 10.65 7.32 9.64
C TYR C 71 10.75 8.40 10.72
N PRO C 72 10.48 8.01 11.94
CA PRO C 72 10.55 8.97 13.07
C PRO C 72 12.00 9.31 13.40
N ALA C 73 12.85 8.33 13.53
CA ALA C 73 14.28 8.59 13.85
C ALA C 73 15.03 9.01 12.58
N PRO C 74 15.83 10.05 12.69
CA PRO C 74 16.61 10.53 11.52
C PRO C 74 17.78 9.59 11.24
N LYS C 75 18.45 9.14 12.27
CA LYS C 75 19.61 8.21 12.05
C LYS C 75 19.21 6.78 12.41
N1 5CM A 6 -13.22 -10.72 -1.24
C2 5CM A 6 -12.14 -11.34 -1.86
N3 5CM A 6 -10.98 -10.63 -2.00
C4 5CM A 6 -10.89 -9.37 -1.56
C5 5CM A 6 -11.99 -8.72 -0.93
C5A 5CM A 6 -11.89 -7.28 -0.45
C6 5CM A 6 -13.14 -9.43 -0.79
O2 5CM A 6 -12.25 -12.49 -2.24
N4 5CM A 6 -9.74 -8.72 -1.71
C1' 5CM A 6 -14.47 -11.49 -1.14
C2' 5CM A 6 -15.20 -11.23 0.17
C3' 5CM A 6 -16.64 -10.97 -0.18
C4' 5CM A 6 -16.64 -10.68 -1.67
O4' 5CM A 6 -15.39 -11.13 -2.21
O3' 5CM A 6 -17.47 -12.11 0.09
C5' 5CM A 6 -16.80 -9.19 -1.90
O5' 5CM A 6 -15.65 -8.47 -1.46
P 5CM A 6 -15.79 -7.21 -0.48
OP1 5CM A 6 -17.01 -7.42 0.35
OP2 5CM A 6 -14.49 -6.98 0.18
H5A1 5CM A 6 -11.32 -6.70 -1.16
H5A2 5CM A 6 -12.89 -6.85 -0.35
H5A3 5CM A 6 -11.39 -7.26 0.52
H6 5CM A 6 -14.00 -8.96 -0.30
HN41 5CM A 6 -9.66 -7.76 -1.39
HN42 5CM A 6 -8.95 -9.17 -2.16
H1' 5CM A 6 -14.24 -12.55 -1.21
H2' 5CM A 6 -14.79 -10.36 0.67
H2'' 5CM A 6 -15.12 -12.10 0.83
H3' 5CM A 6 -17.00 -10.10 0.37
H4' 5CM A 6 -17.46 -11.21 -2.15
H5' 5CM A 6 -16.95 -9.00 -2.97
H5'' 5CM A 6 -17.67 -8.83 -1.35
N1 5CM B 6 -3.41 -12.74 -1.14
C2 5CM B 6 -4.71 -13.12 -0.87
N3 5CM B 6 -5.53 -12.24 -0.23
C4 5CM B 6 -5.08 -11.02 0.11
C5 5CM B 6 -3.74 -10.62 -0.18
C5A 5CM B 6 -3.23 -9.24 0.22
C6 5CM B 6 -2.94 -11.51 -0.80
O2 5CM B 6 -5.09 -14.24 -1.18
N4 5CM B 6 -5.91 -10.18 0.72
C1' 5CM B 6 -2.53 -13.71 -1.82
C2' 5CM B 6 -1.87 -13.08 -3.03
C3' 5CM B 6 -0.38 -13.28 -2.87
C4' 5CM B 6 -0.19 -13.87 -1.48
O4' 5CM B 6 -1.50 -14.19 -0.94
O3' 5CM B 6 0.14 -14.15 -3.88
C5' 5CM B 6 0.54 -12.89 -0.58
O5' 5CM B 6 0.27 -11.54 -0.95
P 5CM B 6 1.33 -10.37 -0.64
OP1 5CM B 6 2.49 -10.56 -1.55
OP2 5CM B 6 0.61 -9.08 -0.62
H5A1 5CM B 6 -3.88 -8.48 -0.22
H5A2 5CM B 6 -3.23 -9.15 1.31
H5A3 5CM B 6 -2.21 -9.11 -0.15
H6 5CM B 6 -1.91 -11.25 -1.01
HN41 5CM B 6 -5.59 -9.25 0.98
HN42 5CM B 6 -6.86 -10.46 0.92
H1' 5CM B 6 -3.14 -14.56 -2.16
H2' 5CM B 6 -2.10 -12.02 -3.07
H2'' 5CM B 6 -2.21 -13.57 -3.94
H3' 5CM B 6 0.12 -12.31 -2.93
H4' 5CM B 6 0.39 -14.79 -1.57
H5' 5CM B 6 0.23 -13.05 0.45
H5'' 5CM B 6 1.61 -13.07 -0.66
N MET C 1 -15.84 8.06 -6.76
CA MET C 1 -14.96 8.01 -7.97
C MET C 1 -13.70 7.19 -7.66
N ALA C 2 -13.55 6.06 -8.30
CA ALA C 2 -12.34 5.21 -8.05
C ALA C 2 -12.18 4.95 -6.55
N GLU C 3 -13.27 4.85 -5.83
CA GLU C 3 -13.19 4.61 -4.35
C GLU C 3 -12.40 5.72 -3.67
N ASP C 4 -11.09 5.64 -3.71
CA ASP C 4 -10.25 6.70 -3.05
C ASP C 4 -8.78 6.47 -3.36
N TRP C 5 -8.31 6.92 -4.51
CA TRP C 5 -6.88 6.74 -4.85
C TRP C 5 -6.04 7.89 -4.29
N LEU C 6 -5.08 7.58 -3.47
CA LEU C 6 -4.23 8.65 -2.87
C LEU C 6 -2.76 8.47 -3.30
N ASP C 7 -1.97 9.49 -3.20
CA ASP C 7 -0.55 9.38 -3.60
C ASP C 7 0.24 8.54 -2.59
N CYS C 8 1.30 7.91 -3.04
CA CYS C 8 2.12 7.07 -2.13
C CYS C 8 3.60 7.44 -2.30
N PRO C 9 3.99 8.51 -1.66
CA PRO C 9 5.39 9.00 -1.75
C PRO C 9 6.36 8.08 -1.01
N ALA C 10 5.87 7.10 -0.31
CA ALA C 10 6.79 6.21 0.44
C ALA C 10 7.88 5.64 -0.49
N LEU C 11 7.50 5.16 -1.64
CA LEU C 11 8.50 4.59 -2.58
C LEU C 11 8.95 5.65 -3.59
N GLY C 12 8.06 6.09 -4.44
CA GLY C 12 8.44 7.13 -5.45
C GLY C 12 7.20 7.61 -6.21
N PRO C 13 7.43 8.39 -7.23
CA PRO C 13 6.32 8.92 -8.06
C PRO C 13 5.74 7.83 -8.96
N GLY C 14 4.58 7.32 -8.63
CA GLY C 14 3.95 6.26 -9.47
C GLY C 14 3.01 5.42 -8.60
N TRP C 15 3.30 5.32 -7.33
CA TRP C 15 2.45 4.48 -6.43
C TRP C 15 1.12 5.18 -6.09
N LYS C 16 0.12 4.40 -5.77
CA LYS C 16 -1.20 4.97 -5.41
C LYS C 16 -1.79 4.17 -4.24
N ARG C 17 -2.65 4.77 -3.45
CA ARG C 17 -3.24 4.04 -2.29
C ARG C 17 -4.77 4.03 -2.36
N ARG C 18 -5.38 2.93 -2.01
CA ARG C 18 -6.86 2.83 -2.04
C ARG C 18 -7.34 2.04 -0.82
N GLU C 19 -8.36 2.52 -0.15
CA GLU C 19 -8.87 1.78 1.04
C GLU C 19 -10.10 0.96 0.66
N VAL C 20 -10.20 -0.24 1.18
CA VAL C 20 -11.37 -1.10 0.83
C VAL C 20 -12.08 -1.58 2.10
N PHE C 21 -13.18 -0.96 2.45
CA PHE C 21 -13.93 -1.39 3.67
C PHE C 21 -14.87 -2.54 3.33
N ARG C 22 -14.39 -3.54 2.64
CA ARG C 22 -15.25 -4.69 2.25
C ARG C 22 -16.56 -4.22 1.61
N LYS C 23 -17.38 -5.15 1.20
CA LYS C 23 -18.68 -4.77 0.58
C LYS C 23 -19.80 -5.69 1.08
N SER C 24 -19.50 -6.95 1.31
CA SER C 24 -20.53 -7.92 1.81
C SER C 24 -20.07 -9.36 1.56
N GLY C 25 -20.93 -10.33 1.78
CA GLY C 25 -20.56 -11.75 1.55
C GLY C 25 -20.38 -12.46 2.88
N ALA C 26 -19.44 -12.02 3.67
CA ALA C 26 -19.17 -12.66 4.99
C ALA C 26 -18.05 -11.90 5.68
N THR C 27 -17.06 -11.52 4.92
CA THR C 27 -15.91 -10.75 5.47
C THR C 27 -16.29 -9.26 5.56
N CYS C 28 -17.51 -8.92 5.23
CA CYS C 28 -17.96 -7.50 5.27
C CYS C 28 -17.51 -6.81 6.57
N GLY C 29 -17.02 -5.60 6.45
CA GLY C 29 -16.59 -4.86 7.67
C GLY C 29 -15.06 -4.71 7.72
N ARG C 30 -14.35 -5.53 7.00
CA ARG C 30 -12.85 -5.43 7.03
C ARG C 30 -12.38 -4.27 6.16
N SER C 31 -11.31 -3.62 6.54
CA SER C 31 -10.79 -2.47 5.74
C SER C 31 -9.38 -2.77 5.25
N ASP C 32 -9.24 -3.21 4.02
CA ASP C 32 -7.89 -3.52 3.47
C ASP C 32 -7.46 -2.43 2.49
N THR C 33 -6.23 -1.98 2.59
CA THR C 33 -5.76 -0.92 1.66
C THR C 33 -4.96 -1.53 0.53
N TYR C 34 -5.30 -1.22 -0.69
CA TYR C 34 -4.56 -1.78 -1.86
C TYR C 34 -3.76 -0.67 -2.53
N TYR C 35 -2.52 -0.94 -2.89
CA TYR C 35 -1.69 0.11 -3.53
C TYR C 35 -1.22 -0.34 -4.91
N GLN C 36 -1.12 0.56 -5.85
CA GLN C 36 -0.62 0.18 -7.20
C GLN C 36 0.85 0.56 -7.31
N SER C 37 1.64 -0.25 -7.96
CA SER C 37 3.09 0.07 -8.10
C SER C 37 3.27 1.45 -8.73
N PRO C 38 4.50 1.80 -9.01
CA PRO C 38 4.76 3.12 -9.61
C PRO C 38 4.52 3.10 -11.11
N THR C 39 4.42 1.95 -11.72
CA THR C 39 4.18 1.92 -13.19
C THR C 39 3.76 0.53 -13.69
N GLY C 40 2.86 -0.13 -13.01
CA GLY C 40 2.39 -1.46 -13.50
C GLY C 40 2.63 -2.57 -12.47
N ASP C 41 1.65 -2.84 -11.64
CA ASP C 41 1.73 -3.93 -10.62
C ASP C 41 0.78 -3.60 -9.45
N ARG C 42 -0.03 -4.54 -9.04
CA ARG C 42 -0.98 -4.28 -7.93
C ARG C 42 -0.45 -4.84 -6.61
N ILE C 43 -0.43 -4.03 -5.58
CA ILE C 43 0.06 -4.50 -4.25
C ILE C 43 -1.11 -4.58 -3.27
N ARG C 44 -1.00 -5.39 -2.26
CA ARG C 44 -2.11 -5.51 -1.27
C ARG C 44 -1.55 -5.70 0.15
N SER C 45 -0.26 -5.52 0.33
CA SER C 45 0.33 -5.71 1.69
C SER C 45 1.80 -5.26 1.71
N LYS C 46 2.50 -5.58 2.76
CA LYS C 46 3.94 -5.21 2.85
C LYS C 46 4.75 -6.14 1.95
N VAL C 47 4.49 -7.42 2.04
CA VAL C 47 5.21 -8.38 1.17
C VAL C 47 5.01 -8.02 -0.30
N GLU C 48 3.78 -7.79 -0.69
CA GLU C 48 3.49 -7.41 -2.10
C GLU C 48 4.38 -6.23 -2.52
N LEU C 49 4.37 -5.17 -1.75
CA LEU C 49 5.24 -4.00 -2.09
C LEU C 49 6.70 -4.45 -2.11
N THR C 50 7.08 -5.25 -1.15
CA THR C 50 8.48 -5.74 -1.10
C THR C 50 8.79 -6.59 -2.35
N ARG C 51 7.78 -7.03 -3.05
CA ARG C 51 8.02 -7.85 -4.27
C ARG C 51 8.41 -6.96 -5.45
N TYR C 52 7.55 -6.06 -5.84
CA TYR C 52 7.88 -5.17 -6.99
C TYR C 52 9.20 -4.44 -6.73
N LEU C 53 9.57 -4.29 -5.49
CA LEU C 53 10.84 -3.60 -5.15
C LEU C 53 12.01 -4.60 -5.18
N GLY C 54 11.72 -5.87 -5.06
CA GLY C 54 12.80 -6.88 -5.07
C GLY C 54 12.90 -7.53 -3.69
N PRO C 55 13.45 -8.71 -3.65
CA PRO C 55 13.60 -9.44 -2.37
C PRO C 55 14.69 -8.77 -1.51
N ALA C 56 15.54 -8.00 -2.12
CA ALA C 56 16.62 -7.32 -1.33
C ALA C 56 16.20 -5.87 -1.02
N CYS C 57 14.92 -5.61 -0.96
CA CYS C 57 14.45 -4.23 -0.67
C CYS C 57 13.33 -4.26 0.37
N ASP C 58 13.67 -4.40 1.62
CA ASP C 58 12.63 -4.44 2.68
C ASP C 58 12.11 -3.02 2.97
N LEU C 59 11.01 -2.91 3.66
CA LEU C 59 10.47 -1.55 3.98
C LEU C 59 9.97 -1.51 5.42
N THR C 60 10.84 -1.75 6.37
CA THR C 60 10.40 -1.74 7.80
C THR C 60 9.83 -0.36 8.17
N LEU C 61 10.12 0.65 7.40
CA LEU C 61 9.58 2.00 7.72
C LEU C 61 8.31 2.30 6.90
N PHE C 62 7.80 1.32 6.19
CA PHE C 62 6.57 1.56 5.38
C PHE C 62 5.34 0.97 6.08
N ASP C 63 4.39 1.79 6.42
CA ASP C 63 3.17 1.28 7.12
C ASP C 63 2.21 0.65 6.09
N PHE C 64 1.69 -0.50 6.39
CA PHE C 64 0.75 -1.17 5.44
C PHE C 64 -0.54 -0.35 5.31
N LYS C 65 -0.91 0.36 6.34
CA LYS C 65 -2.16 1.17 6.27
C LYS C 65 -1.86 2.59 5.76
N GLN C 66 -0.95 3.29 6.39
CA GLN C 66 -0.63 4.67 5.94
C GLN C 66 -0.16 4.66 4.48
N GLY C 67 0.81 3.84 4.16
CA GLY C 67 1.31 3.80 2.76
C GLY C 67 2.42 4.83 2.56
N ILE C 68 3.09 5.19 3.61
CA ILE C 68 4.19 6.20 3.49
C ILE C 68 5.42 5.74 4.27
N LEU C 69 6.58 6.20 3.89
CA LEU C 69 7.83 5.80 4.60
C LEU C 69 8.17 6.83 5.67
N CYS C 70 7.54 6.75 6.82
CA CYS C 70 7.83 7.73 7.90
C CYS C 70 9.30 7.65 8.33
N TYR C 71 10.18 8.25 7.58
CA TYR C 71 11.62 8.22 7.93
C TYR C 71 12.03 9.54 8.62
N PRO C 72 12.91 9.44 9.58
CA PRO C 72 13.37 10.64 10.31
C PRO C 72 14.28 11.48 9.41
N ALA C 73 13.72 12.42 8.69
CA ALA C 73 14.55 13.27 7.79
C ALA C 73 15.42 14.23 8.63
N PRO C 74 14.77 15.00 9.47
CA PRO C 74 15.51 15.97 10.32
C PRO C 74 16.26 15.23 11.43
N LYS C 75 15.59 14.37 12.14
CA LYS C 75 16.27 13.62 13.25
C LYS C 75 17.01 12.41 12.68
N1 5CM A 6 -13.25 -10.73 -1.27
C2 5CM A 6 -12.16 -11.39 -1.83
N3 5CM A 6 -10.99 -10.71 -1.93
C4 5CM A 6 -10.89 -9.44 -1.52
C5 5CM A 6 -12.01 -8.77 -0.94
C5A 5CM A 6 -11.91 -7.31 -0.47
C6 5CM A 6 -13.17 -9.45 -0.84
O2 5CM A 6 -12.26 -12.54 -2.20
N4 5CM A 6 -9.73 -8.81 -1.64
C1' 5CM A 6 -14.52 -11.49 -1.20
C2' 5CM A 6 -15.26 -11.25 0.12
C3' 5CM A 6 -16.70 -11.03 -0.26
C4' 5CM A 6 -16.68 -10.70 -1.74
O4' 5CM A 6 -15.40 -11.11 -2.27
O3' 5CM A 6 -17.50 -12.21 -0.02
C5' 5CM A 6 -16.90 -9.22 -1.95
O5' 5CM A 6 -15.75 -8.46 -1.56
P 5CM A 6 -15.90 -7.20 -0.57
OP1 5CM A 6 -17.12 -7.39 0.24
OP2 5CM A 6 -14.60 -6.99 0.09
H5A1 5CM A 6 -12.91 -6.86 -0.46
H5A2 5CM A 6 -11.48 -7.28 0.53
H5A3 5CM A 6 -11.27 -6.76 -1.16
H6 5CM A 6 -14.04 -8.97 -0.40
HN41 5CM A 6 -9.65 -7.84 -1.33
HN42 5CM A 6 -8.93 -9.27 -2.05
H1' 5CM A 6 -14.30 -12.56 -1.28
H2' 5CM A 6 -14.86 -10.36 0.61
H2'' 5CM A 6 -15.16 -12.11 0.77
H3' 5CM A 6 -17.10 -10.18 0.30
H4' 5CM A 6 -17.48 -11.26 -2.24
H5' 5CM A 6 -17.10 -9.03 -3.01
H5'' 5CM A 6 -17.76 -8.89 -1.37
N1 5CM B 6 -3.32 -12.92 -1.05
C2 5CM B 6 -4.63 -13.26 -0.77
N3 5CM B 6 -5.47 -12.29 -0.31
C4 5CM B 6 -5.04 -11.04 -0.14
C5 5CM B 6 -3.68 -10.68 -0.42
C5A 5CM B 6 -3.19 -9.24 -0.23
C6 5CM B 6 -2.86 -11.64 -0.87
O2 5CM B 6 -5.01 -14.40 -0.92
N4 5CM B 6 -5.88 -10.10 0.30
C1' 5CM B 6 -2.42 -13.97 -1.57
C2' 5CM B 6 -1.75 -13.53 -2.84
C3' 5CM B 6 -0.27 -13.75 -2.65
C4' 5CM B 6 -0.09 -14.11 -1.18
O4' 5CM B 6 -1.39 -14.29 -0.60
O3' 5CM B 6 0.21 -14.82 -3.49
C5' 5CM B 6 0.68 -13.01 -0.46
O5' 5CM B 6 0.40 -11.73 -1.01
P 5CM B 6 1.45 -10.53 -0.87
OP1 5CM B 6 2.61 -10.80 -1.75
OP2 5CM B 6 0.71 -9.25 -1.00
H5A1 5CM B 6 -2.16 -9.16 -0.57
H5A2 5CM B 6 -3.82 -8.57 -0.79
H5A3 5CM B 6 -3.23 -8.99 0.83
H6 5CM B 6 -1.82 -11.41 -1.09
HN41 5CM B 6 -5.57 -9.16 0.44
HN42 5CM B 6 -6.85 -10.37 0.51
H1' 5CM B 6 -3.01 -14.86 -1.77
H2' 5CM B 6 -1.94 -12.47 -3.02
H2'' 5CM B 6 -2.11 -14.11 -3.68
H3' 5CM B 6 0.27 -12.83 -2.87
H4' 5CM B 6 0.47 -15.04 -1.12
H5' 5CM B 6 0.40 -13.01 0.59
H5'' 5CM B 6 1.75 -13.21 -0.55
N MET C 1 -19.11 4.97 -8.20
CA MET C 1 -18.22 3.83 -7.83
C MET C 1 -16.78 4.31 -7.66
N ALA C 2 -16.60 5.56 -7.30
CA ALA C 2 -15.22 6.09 -7.12
C ALA C 2 -14.88 6.15 -5.64
N GLU C 3 -14.34 5.09 -5.09
CA GLU C 3 -13.98 5.08 -3.64
C GLU C 3 -13.12 6.31 -3.30
N ASP C 4 -11.82 6.19 -3.40
CA ASP C 4 -10.92 7.35 -3.08
C ASP C 4 -9.45 6.93 -3.20
N TRP C 5 -8.90 7.00 -4.38
CA TRP C 5 -7.47 6.60 -4.55
C TRP C 5 -6.55 7.73 -4.08
N LEU C 6 -5.78 7.48 -3.05
CA LEU C 6 -4.86 8.54 -2.54
C LEU C 6 -3.43 8.26 -3.00
N ASP C 7 -2.58 9.26 -2.97
CA ASP C 7 -1.18 9.04 -3.41
C ASP C 7 -0.44 8.13 -2.41
N CYS C 8 0.84 7.94 -2.60
CA CYS C 8 1.62 7.07 -1.68
C CYS C 8 3.10 7.50 -1.68
N PRO C 9 3.41 8.39 -0.77
CA PRO C 9 4.81 8.90 -0.66
C PRO C 9 5.73 7.87 0.00
N ALA C 10 5.23 6.72 0.35
CA ALA C 10 6.10 5.71 1.01
C ALA C 10 7.04 5.05 0.01
N LEU C 11 6.93 5.37 -1.25
CA LEU C 11 7.83 4.74 -2.27
C LEU C 11 8.33 5.79 -3.27
N GLY C 12 7.44 6.41 -3.99
CA GLY C 12 7.87 7.44 -4.99
C GLY C 12 6.66 7.94 -5.78
N PRO C 13 6.92 8.80 -6.72
CA PRO C 13 5.84 9.37 -7.56
C PRO C 13 5.32 8.31 -8.55
N GLY C 14 4.25 7.64 -8.20
CA GLY C 14 3.69 6.61 -9.12
C GLY C 14 2.76 5.68 -8.32
N TRP C 15 3.04 5.50 -7.06
CA TRP C 15 2.20 4.57 -6.23
C TRP C 15 0.86 5.21 -5.85
N LYS C 16 -0.14 4.39 -5.66
CA LYS C 16 -1.48 4.90 -5.28
C LYS C 16 -2.07 4.01 -4.19
N ARG C 17 -2.54 4.58 -3.12
CA ARG C 17 -3.12 3.75 -2.02
C ARG C 17 -4.63 3.91 -1.94
N ARG C 18 -5.33 2.82 -1.73
CA ARG C 18 -6.81 2.88 -1.62
C ARG C 18 -7.28 1.93 -0.52
N GLU C 19 -8.22 2.34 0.29
CA GLU C 19 -8.71 1.46 1.39
C GLU C 19 -10.02 0.80 0.98
N VAL C 20 -10.13 -0.48 1.20
CA VAL C 20 -11.37 -1.22 0.82
C VAL C 20 -12.11 -1.67 2.08
N PHE C 21 -13.18 -1.03 2.44
CA PHE C 21 -13.94 -1.44 3.66
C PHE C 21 -14.91 -2.57 3.32
N ARG C 22 -14.47 -3.56 2.59
CA ARG C 22 -15.37 -4.71 2.23
C ARG C 22 -16.70 -4.19 1.66
N LYS C 23 -17.53 -5.08 1.17
CA LYS C 23 -18.83 -4.65 0.60
C LYS C 23 -19.93 -5.65 0.95
N SER C 24 -19.62 -6.93 1.01
CA SER C 24 -20.67 -7.95 1.34
C SER C 24 -20.12 -9.37 1.19
N GLY C 25 -20.98 -10.36 1.24
CA GLY C 25 -20.52 -11.78 1.08
C GLY C 25 -20.46 -12.45 2.45
N ALA C 26 -19.47 -12.11 3.23
CA ALA C 26 -19.32 -12.72 4.58
C ALA C 26 -18.26 -11.93 5.34
N THR C 27 -17.23 -11.55 4.65
CA THR C 27 -16.13 -10.76 5.26
C THR C 27 -16.54 -9.28 5.34
N CYS C 28 -17.74 -8.96 4.88
CA CYS C 28 -18.23 -7.56 4.90
C CYS C 28 -17.92 -6.88 6.24
N GLY C 29 -17.40 -5.69 6.20
CA GLY C 29 -17.09 -4.96 7.46
C GLY C 29 -15.57 -4.82 7.67
N ARG C 30 -14.78 -5.56 6.93
CA ARG C 30 -13.30 -5.45 7.11
C ARG C 30 -12.75 -4.28 6.30
N SER C 31 -11.48 -4.00 6.42
CA SER C 31 -10.88 -2.86 5.67
C SER C 31 -9.52 -3.26 5.08
N ASP C 32 -9.50 -3.68 3.84
CA ASP C 32 -8.21 -4.07 3.20
C ASP C 32 -7.71 -2.94 2.30
N THR C 33 -6.51 -2.48 2.52
CA THR C 33 -5.97 -1.37 1.68
C THR C 33 -5.08 -1.93 0.58
N TYR C 34 -5.33 -1.54 -0.65
CA TYR C 34 -4.51 -2.05 -1.78
C TYR C 34 -3.65 -0.91 -2.35
N TYR C 35 -2.59 -1.23 -3.03
CA TYR C 35 -1.72 -0.15 -3.59
C TYR C 35 -1.23 -0.53 -4.99
N GLN C 36 -1.19 0.43 -5.88
CA GLN C 36 -0.69 0.14 -7.26
C GLN C 36 0.75 0.61 -7.36
N SER C 37 1.57 -0.12 -8.07
CA SER C 37 3.01 0.28 -8.20
C SER C 37 3.15 1.73 -8.64
N PRO C 38 4.38 2.15 -8.86
CA PRO C 38 4.62 3.53 -9.28
C PRO C 38 4.40 3.67 -10.78
N THR C 39 4.42 2.59 -11.52
CA THR C 39 4.23 2.72 -12.99
C THR C 39 3.70 1.43 -13.63
N GLY C 40 3.31 0.44 -12.86
CA GLY C 40 2.77 -0.80 -13.50
C GLY C 40 3.00 -2.04 -12.63
N ASP C 41 2.13 -2.28 -11.68
CA ASP C 41 2.26 -3.50 -10.82
C ASP C 41 1.20 -3.44 -9.71
N ARG C 42 0.29 -4.38 -9.71
CA ARG C 42 -0.78 -4.38 -8.67
C ARG C 42 -0.26 -4.95 -7.36
N ILE C 43 -0.28 -4.17 -6.31
CA ILE C 43 0.19 -4.66 -4.99
C ILE C 43 -0.95 -4.58 -3.97
N ARG C 44 -0.97 -5.47 -3.02
CA ARG C 44 -2.07 -5.44 -2.00
C ARG C 44 -1.49 -5.48 -0.59
N SER C 45 -0.19 -5.52 -0.45
CA SER C 45 0.40 -5.57 0.92
C SER C 45 1.86 -5.09 0.91
N LYS C 46 2.55 -5.25 2.00
CA LYS C 46 3.97 -4.84 2.05
C LYS C 46 4.83 -5.87 1.32
N VAL C 47 4.51 -7.13 1.49
CA VAL C 47 5.29 -8.19 0.79
C VAL C 47 5.13 -8.02 -0.72
N GLU C 48 3.90 -7.88 -1.19
CA GLU C 48 3.68 -7.70 -2.66
C GLU C 48 4.53 -6.52 -3.15
N LEU C 49 4.60 -5.48 -2.37
CA LEU C 49 5.42 -4.30 -2.74
C LEU C 49 6.90 -4.70 -2.69
N THR C 50 7.29 -5.39 -1.66
CA THR C 50 8.70 -5.84 -1.55
C THR C 50 9.05 -6.75 -2.73
N ARG C 51 8.06 -7.35 -3.35
CA ARG C 51 8.34 -8.24 -4.52
C ARG C 51 8.75 -7.42 -5.74
N TYR C 52 7.92 -6.52 -6.18
CA TYR C 52 8.28 -5.70 -7.37
C TYR C 52 9.60 -4.95 -7.14
N LEU C 53 9.98 -4.77 -5.90
CA LEU C 53 11.25 -4.05 -5.60
C LEU C 53 12.42 -5.04 -5.47
N GLY C 54 12.13 -6.32 -5.37
CA GLY C 54 13.23 -7.32 -5.24
C GLY C 54 13.06 -8.12 -3.96
N PRO C 55 13.56 -9.33 -3.97
CA PRO C 55 13.45 -10.21 -2.78
C PRO C 55 14.33 -9.68 -1.64
N ALA C 56 15.29 -8.87 -1.96
CA ALA C 56 16.18 -8.31 -0.89
C ALA C 56 15.80 -6.85 -0.59
N CYS C 57 14.70 -6.38 -1.14
CA CYS C 57 14.28 -4.98 -0.88
C CYS C 57 13.12 -4.94 0.12
N ASP C 58 13.34 -5.42 1.32
CA ASP C 58 12.25 -5.42 2.33
C ASP C 58 11.82 -3.99 2.66
N LEU C 59 10.73 -3.82 3.36
CA LEU C 59 10.28 -2.45 3.71
C LEU C 59 9.68 -2.44 5.13
N THR C 60 10.49 -2.73 6.11
CA THR C 60 9.98 -2.74 7.51
C THR C 60 9.53 -1.33 7.93
N LEU C 61 9.95 -0.32 7.21
CA LEU C 61 9.55 1.06 7.57
C LEU C 61 8.24 1.44 6.86
N PHE C 62 7.98 0.84 5.73
CA PHE C 62 6.72 1.15 5.00
C PHE C 62 5.50 0.67 5.79
N ASP C 63 4.60 1.56 6.13
CA ASP C 63 3.39 1.15 6.89
C ASP C 63 2.31 0.65 5.92
N PHE C 64 1.64 -0.42 6.27
CA PHE C 64 0.58 -0.96 5.37
C PHE C 64 -0.70 -0.11 5.47
N LYS C 65 -1.34 -0.15 6.62
CA LYS C 65 -2.59 0.66 6.79
C LYS C 65 -2.32 2.14 6.55
N GLN C 66 -1.10 2.57 6.67
CA GLN C 66 -0.78 4.01 6.45
C GLN C 66 -0.18 4.22 5.06
N GLY C 67 0.83 3.48 4.72
CA GLY C 67 1.46 3.63 3.37
C GLY C 67 2.40 4.84 3.38
N ILE C 68 3.43 4.78 4.19
CA ILE C 68 4.40 5.93 4.24
C ILE C 68 5.72 5.47 4.85
N LEU C 69 6.82 6.01 4.38
CA LEU C 69 8.15 5.61 4.92
C LEU C 69 8.61 6.63 5.96
N CYS C 70 8.24 6.45 7.19
CA CYS C 70 8.65 7.42 8.26
C CYS C 70 10.15 7.74 8.13
N TYR C 71 11.00 6.85 8.58
CA TYR C 71 12.47 7.10 8.48
C TYR C 71 12.85 8.41 9.20
N PRO C 72 13.46 8.28 10.34
CA PRO C 72 13.87 9.48 11.12
C PRO C 72 15.03 10.20 10.43
N ALA C 73 14.84 11.45 10.08
CA ALA C 73 15.93 12.21 9.39
C ALA C 73 17.10 12.47 10.35
N PRO C 74 16.80 13.08 11.48
CA PRO C 74 17.86 13.38 12.47
C PRO C 74 18.32 12.11 13.17
N LYS C 75 19.10 11.30 12.51
CA LYS C 75 19.60 10.04 13.13
C LYS C 75 18.44 9.23 13.72
N1 5CM A 6 -13.29 -10.55 -1.02
C2 5CM A 6 -12.22 -11.19 -1.63
N3 5CM A 6 -11.09 -10.48 -1.85
C4 5CM A 6 -11.00 -9.20 -1.48
C5 5CM A 6 -12.09 -8.54 -0.84
C5A 5CM A 6 -11.99 -7.07 -0.44
C6 5CM A 6 -13.22 -9.25 -0.63
O2 5CM A 6 -12.32 -12.36 -1.96
N4 5CM A 6 -9.85 -8.54 -1.71
C1' 5CM A 6 -14.54 -11.33 -0.86
C2' 5CM A 6 -15.25 -11.02 0.46
C3' 5CM A 6 -16.70 -10.77 0.11
C4' 5CM A 6 -16.71 -10.55 -1.39
O4' 5CM A 6 -15.46 -11.04 -1.92
O3' 5CM A 6 -17.53 -11.88 0.45
C5' 5CM A 6 -16.89 -9.07 -1.72
O5' 5CM A 6 -15.72 -8.32 -1.32
P 5CM A 6 -15.88 -6.99 -0.43
OP1 5CM A 6 -17.10 -7.13 0.40
OP2 5CM A 6 -14.58 -6.70 0.20
H5A1 5CM A 6 -11.51 -6.99 0.54
H5A2 5CM A 6 -11.38 -6.53 -1.17
H5A3 5CM A 6 -12.98 -6.63 -0.40
H6 5CM A 6 -14.07 -8.77 -0.15
HN41 5CM A 6 -9.78 -7.56 -1.44
HN42 5CM A 6 -9.09 -9.01 -2.16
H1' 5CM A 6 -14.29 -12.39 -0.87
H2' 5CM A 6 -14.82 -10.13 0.92
H2'' 5CM A 6 -15.17 -11.86 1.14
H3' 5CM A 6 -17.05 -9.87 0.62
H4' 5CM A 6 -17.54 -11.12 -1.82
H5' 5CM A 6 -17.04 -8.95 -2.78
H5'' 5CM A 6 -17.75 -8.69 -1.19
N1 5CM B 6 -3.47 -12.48 -1.02
C2 5CM B 6 -4.76 -12.84 -0.69
N3 5CM B 6 -5.52 -11.96 -0.01
C4 5CM B 6 -5.04 -10.75 0.34
C5 5CM B 6 -3.71 -10.38 0.00
C5A 5CM B 6 -3.14 -9.02 0.43
C6 5CM B 6 -2.95 -11.26 -0.68
O2 5CM B 6 -5.18 -13.94 -1.01
N4 5CM B 6 -5.82 -9.90 1.01
C1' 5CM B 6 -2.65 -13.47 -1.74
C2' 5CM B 6 -1.95 -12.84 -2.94
C3' 5CM B 6 -0.48 -13.10 -2.78
C4' 5CM B 6 -0.31 -13.74 -1.42
O4' 5CM B 6 -1.63 -14.02 -0.88
O3' 5CM B 6 0.03 -13.95 -3.81
C5' 5CM B 6 0.47 -12.83 -0.48
O5' 5CM B 6 0.02 -11.47 -0.60
P 5CM B 6 1.09 -10.27 -0.68
OP1 5CM B 6 2.09 -10.62 -1.72
OP2 5CM B 6 0.34 -9.00 -0.79
H5A1 5CM B 6 -3.82 -8.23 0.11
H5A2 5CM B 6 -3.04 -8.99 1.51
H5A3 5CM B 6 -2.17 -8.87 -0.03
H6 5CM B 6 -1.93 -10.99 -0.97
HN41 5CM B 6 -5.47 -9.00 1.27
HN42 5CM B 6 -6.77 -10.16 1.25
H1' 5CM B 6 -3.29 -14.28 -2.09
H2' 5CM B 6 -2.15 -11.77 -2.96
H2'' 5CM B 6 -2.32 -13.30 -3.86
H3' 5CM B 6 0.06 -12.14 -2.80
H4' 5CM B 6 0.24 -14.68 -1.53
H5' 5CM B 6 0.32 -13.16 0.55
H5'' 5CM B 6 1.53 -12.88 -0.73
N MET C 1 -16.86 3.49 -10.09
CA MET C 1 -15.40 3.48 -9.75
C MET C 1 -15.11 2.45 -8.66
N ALA C 2 -14.00 2.57 -8.00
CA ALA C 2 -13.66 1.59 -6.92
C ALA C 2 -13.64 2.29 -5.55
N GLU C 3 -12.59 3.00 -5.25
CA GLU C 3 -12.52 3.71 -3.93
C GLU C 3 -11.63 4.96 -4.07
N ASP C 4 -11.56 5.52 -5.24
CA ASP C 4 -10.73 6.74 -5.45
C ASP C 4 -9.26 6.45 -5.10
N TRP C 5 -8.40 6.46 -6.10
CA TRP C 5 -6.96 6.19 -5.84
C TRP C 5 -6.28 7.45 -5.29
N LEU C 6 -5.46 7.30 -4.29
CA LEU C 6 -4.77 8.48 -3.71
C LEU C 6 -3.24 8.36 -3.89
N ASP C 7 -2.53 9.45 -3.81
CA ASP C 7 -1.05 9.38 -3.99
C ASP C 7 -0.44 8.39 -2.98
N CYS C 8 0.79 8.03 -3.17
CA CYS C 8 1.44 7.08 -2.23
C CYS C 8 2.94 7.37 -2.10
N PRO C 9 3.26 8.28 -1.21
CA PRO C 9 4.68 8.65 -0.98
C PRO C 9 5.43 7.55 -0.23
N ALA C 10 4.73 6.54 0.21
CA ALA C 10 5.41 5.45 0.96
C ALA C 10 6.44 4.74 0.09
N LEU C 11 6.43 4.98 -1.19
CA LEU C 11 7.41 4.32 -2.09
C LEU C 11 8.13 5.35 -2.97
N GLY C 12 7.42 5.97 -3.88
CA GLY C 12 8.07 6.99 -4.76
C GLY C 12 7.02 7.59 -5.70
N PRO C 13 7.50 8.34 -6.67
CA PRO C 13 6.59 8.99 -7.65
C PRO C 13 6.04 7.96 -8.65
N GLY C 14 4.86 7.45 -8.38
CA GLY C 14 4.25 6.45 -9.31
C GLY C 14 3.28 5.56 -8.52
N TRP C 15 3.56 5.37 -7.25
CA TRP C 15 2.68 4.49 -6.42
C TRP C 15 1.34 5.17 -6.10
N LYS C 16 0.33 4.37 -5.86
CA LYS C 16 -1.01 4.93 -5.52
C LYS C 16 -1.61 4.12 -4.36
N ARG C 17 -2.58 4.68 -3.67
CA ARG C 17 -3.18 3.93 -2.53
C ARG C 17 -4.71 3.93 -2.64
N ARG C 18 -5.32 2.83 -2.30
CA ARG C 18 -6.81 2.73 -2.35
C ARG C 18 -7.32 1.99 -1.12
N GLU C 19 -8.35 2.49 -0.48
CA GLU C 19 -8.87 1.82 0.75
C GLU C 19 -10.09 0.97 0.41
N VAL C 20 -10.16 -0.22 0.93
CA VAL C 20 -11.32 -1.12 0.65
C VAL C 20 -12.00 -1.51 1.96
N PHE C 21 -13.03 -0.81 2.35
CA PHE C 21 -13.73 -1.15 3.63
C PHE C 21 -14.75 -2.27 3.41
N ARG C 22 -14.38 -3.30 2.70
CA ARG C 22 -15.31 -4.45 2.44
C ARG C 22 -16.66 -3.95 1.92
N LYS C 23 -17.43 -4.83 1.34
CA LYS C 23 -18.77 -4.43 0.82
C LYS C 23 -19.85 -5.38 1.32
N SER C 24 -19.53 -6.64 1.52
CA SER C 24 -20.56 -7.63 2.02
C SER C 24 -20.07 -9.06 1.83
N GLY C 25 -20.95 -10.03 1.99
CA GLY C 25 -20.55 -11.45 1.82
C GLY C 25 -20.39 -12.12 3.18
N ALA C 26 -19.40 -11.71 3.93
CA ALA C 26 -19.15 -12.31 5.27
C ALA C 26 -18.01 -11.54 5.93
N THR C 27 -17.01 -11.22 5.17
CA THR C 27 -15.86 -10.44 5.69
C THR C 27 -16.23 -8.95 5.80
N CYS C 28 -17.44 -8.62 5.45
CA CYS C 28 -17.89 -7.19 5.50
C CYS C 28 -17.41 -6.49 6.76
N GLY C 29 -16.92 -5.28 6.62
CA GLY C 29 -16.44 -4.52 7.82
C GLY C 29 -14.91 -4.43 7.84
N ARG C 30 -14.24 -5.25 7.07
CA ARG C 30 -12.73 -5.18 7.07
C ARG C 30 -12.26 -4.06 6.14
N SER C 31 -11.09 -3.54 6.39
CA SER C 31 -10.56 -2.44 5.53
C SER C 31 -9.22 -2.83 4.91
N ASP C 32 -9.23 -3.24 3.67
CA ASP C 32 -7.96 -3.63 3.00
C ASP C 32 -7.46 -2.50 2.11
N THR C 33 -6.25 -2.06 2.30
CA THR C 33 -5.72 -0.96 1.46
C THR C 33 -4.83 -1.53 0.35
N TYR C 34 -5.18 -1.27 -0.88
CA TYR C 34 -4.37 -1.80 -2.01
C TYR C 34 -3.54 -0.68 -2.63
N TYR C 35 -2.33 -0.98 -3.05
CA TYR C 35 -1.48 0.09 -3.65
C TYR C 35 -0.97 -0.36 -5.02
N GLN C 36 -0.81 0.55 -5.94
CA GLN C 36 -0.29 0.19 -7.28
C GLN C 36 1.19 0.58 -7.36
N SER C 37 1.97 -0.17 -8.08
CA SER C 37 3.42 0.16 -8.20
C SER C 37 3.60 1.58 -8.74
N PRO C 38 4.82 1.95 -9.03
CA PRO C 38 5.07 3.31 -9.53
C PRO C 38 4.81 3.39 -11.04
N THR C 39 4.62 2.27 -11.71
CA THR C 39 4.37 2.36 -13.18
C THR C 39 3.87 1.03 -13.78
N GLY C 40 3.34 0.13 -12.99
CA GLY C 40 2.83 -1.14 -13.60
C GLY C 40 3.05 -2.35 -12.68
N ASP C 41 2.11 -2.59 -11.78
CA ASP C 41 2.20 -3.77 -10.85
C ASP C 41 1.22 -3.55 -9.68
N ARG C 42 0.21 -4.37 -9.59
CA ARG C 42 -0.80 -4.21 -8.49
C ARG C 42 -0.29 -4.85 -7.19
N ILE C 43 -0.63 -4.26 -6.07
CA ILE C 43 -0.18 -4.82 -4.76
C ILE C 43 -1.32 -4.70 -3.74
N ARG C 44 -1.35 -5.55 -2.75
CA ARG C 44 -2.45 -5.48 -1.74
C ARG C 44 -1.89 -5.53 -0.31
N SER C 45 -0.60 -5.61 -0.13
CA SER C 45 -0.05 -5.64 1.26
C SER C 45 1.43 -5.22 1.27
N LYS C 46 2.10 -5.45 2.38
CA LYS C 46 3.53 -5.06 2.48
C LYS C 46 4.40 -6.05 1.70
N VAL C 47 4.24 -7.33 1.93
CA VAL C 47 5.05 -8.32 1.17
C VAL C 47 4.93 -8.05 -0.32
N GLU C 48 3.72 -7.88 -0.81
CA GLU C 48 3.53 -7.58 -2.25
C GLU C 48 4.44 -6.42 -2.66
N LEU C 49 4.49 -5.41 -1.84
CA LEU C 49 5.37 -4.24 -2.14
C LEU C 49 6.82 -4.69 -2.13
N THR C 50 7.15 -5.53 -1.19
CA THR C 50 8.56 -6.04 -1.09
C THR C 50 8.89 -6.92 -2.30
N ARG C 51 7.89 -7.36 -3.02
CA ARG C 51 8.15 -8.23 -4.21
C ARG C 51 8.56 -7.37 -5.40
N TYR C 52 7.69 -6.49 -5.85
CA TYR C 52 8.04 -5.63 -7.02
C TYR C 52 9.29 -4.80 -6.70
N LEU C 53 9.59 -4.62 -5.44
CA LEU C 53 10.80 -3.83 -5.06
C LEU C 53 12.01 -4.75 -4.89
N GLY C 54 11.78 -6.03 -4.72
CA GLY C 54 12.91 -6.98 -4.55
C GLY C 54 12.93 -7.51 -3.11
N PRO C 55 13.47 -8.69 -2.94
CA PRO C 55 13.55 -9.30 -1.60
C PRO C 55 14.58 -8.57 -0.75
N ALA C 56 15.59 -8.01 -1.37
CA ALA C 56 16.64 -7.27 -0.60
C ALA C 56 16.12 -5.87 -0.24
N CYS C 57 15.11 -5.40 -0.92
CA CYS C 57 14.57 -4.05 -0.61
C CYS C 57 13.45 -4.15 0.43
N ASP C 58 13.79 -4.13 1.69
CA ASP C 58 12.75 -4.22 2.75
C ASP C 58 12.00 -2.90 2.88
N LEU C 59 10.99 -2.86 3.69
CA LEU C 59 10.22 -1.58 3.87
C LEU C 59 9.84 -1.41 5.35
N THR C 60 10.81 -1.50 6.22
CA THR C 60 10.51 -1.35 7.68
C THR C 60 9.80 -0.02 7.95
N LEU C 61 9.97 0.95 7.08
CA LEU C 61 9.31 2.27 7.29
C LEU C 61 7.87 2.24 6.73
N PHE C 62 7.67 1.58 5.63
CA PHE C 62 6.29 1.50 5.04
C PHE C 62 5.31 0.96 6.08
N ASP C 63 4.23 1.66 6.31
CA ASP C 63 3.24 1.19 7.34
C ASP C 63 2.01 0.55 6.69
N PHE C 64 2.04 0.32 5.40
CA PHE C 64 0.86 -0.32 4.72
C PHE C 64 -0.42 0.48 5.00
N LYS C 65 -1.09 0.21 6.09
CA LYS C 65 -2.36 0.93 6.41
C LYS C 65 -2.18 2.44 6.26
N GLN C 66 -1.00 2.94 6.51
CA GLN C 66 -0.77 4.41 6.37
C GLN C 66 -0.44 4.75 4.92
N GLY C 67 0.15 3.84 4.19
CA GLY C 67 0.49 4.12 2.77
C GLY C 67 1.50 5.25 2.70
N ILE C 68 2.44 5.26 3.61
CA ILE C 68 3.47 6.33 3.62
C ILE C 68 4.75 5.84 4.30
N LEU C 69 5.85 6.49 4.06
CA LEU C 69 7.13 6.06 4.69
C LEU C 69 7.38 6.86 5.97
N CYS C 70 6.66 6.55 7.02
CA CYS C 70 6.85 7.29 8.30
C CYS C 70 8.09 6.74 9.04
N TYR C 71 7.98 6.51 10.32
CA TYR C 71 9.16 5.98 11.08
C TYR C 71 8.68 5.14 12.27
N PRO C 72 8.26 3.94 11.99
CA PRO C 72 7.76 3.03 13.05
C PRO C 72 8.94 2.50 13.87
N ALA C 73 9.33 3.21 14.89
CA ALA C 73 10.46 2.75 15.74
C ALA C 73 10.49 3.52 17.07
N PRO C 74 10.16 2.83 18.14
CA PRO C 74 10.15 3.48 19.47
C PRO C 74 11.57 3.74 19.95
N LYS C 75 12.45 2.78 19.82
CA LYS C 75 13.85 2.96 20.28
C LYS C 75 14.75 1.86 19.69
N1 5CM A 6 -13.35 -10.63 -0.98
C2 5CM A 6 -12.29 -11.29 -1.57
N3 5CM A 6 -11.13 -10.61 -1.77
C4 5CM A 6 -11.00 -9.34 -1.40
C5 5CM A 6 -12.09 -8.64 -0.80
C5A 5CM A 6 -11.97 -7.17 -0.39
C6 5CM A 6 -13.24 -9.32 -0.61
O2 5CM A 6 -12.41 -12.46 -1.89
N4 5CM A 6 -9.85 -8.70 -1.62
C1' 5CM A 6 -14.61 -11.38 -0.80
C2' 5CM A 6 -15.31 -11.04 0.51
C3' 5CM A 6 -16.77 -10.84 0.17
C4' 5CM A 6 -16.79 -10.64 -1.33
O4' 5CM A 6 -15.53 -11.09 -1.87
O3' 5CM A 6 -17.56 -11.98 0.52
C5' 5CM A 6 -17.02 -9.18 -1.67
O5' 5CM A 6 -15.84 -8.41 -1.41
P 5CM A 6 -15.92 -7.07 -0.51
OP1 5CM A 6 -17.14 -7.15 0.33
OP2 5CM A 6 -14.61 -6.85 0.10
H5A1 5CM A 6 -11.51 -7.11 0.60
H5A2 5CM A 6 -11.33 -6.65 -1.10
H5A3 5CM A 6 -12.95 -6.71 -0.37
H6 5CM A 6 -14.10 -8.82 -0.14
HN41 5CM A 6 -9.75 -7.73 -1.35
HN42 5CM A 6 -9.08 -9.20 -2.05
H1' 5CM A 6 -14.38 -12.45 -0.81
H2' 5CM A 6 -14.90 -10.11 0.93
H2'' 5CM A 6 -15.19 -11.85 1.22
H3' 5CM A 6 -17.15 -9.95 0.67
H4' 5CM A 6 -17.60 -11.24 -1.76
H5' 5CM A 6 -17.28 -9.08 -2.72
H5'' 5CM A 6 -17.84 -8.79 -1.06
N1 5CM B 6 -3.41 -12.78 -1.03
C2 5CM B 6 -4.70 -13.13 -0.71
N3 5CM B 6 -5.50 -12.18 -0.14
C4 5CM B 6 -5.05 -10.95 0.10
C5 5CM B 6 -3.70 -10.59 -0.24
C5A 5CM B 6 -3.17 -9.19 0.04
C6 5CM B 6 -2.92 -11.54 -0.80
O2 5CM B 6 -5.11 -14.25 -0.93
N4 5CM B 6 -5.85 -10.05 0.65
C1' 5CM B 6 -2.56 -13.82 -1.66
C2' 5CM B 6 -1.91 -13.29 -2.92
C3' 5CM B 6 -0.42 -13.51 -2.77
C4' 5CM B 6 -0.22 -14.02 -1.36
O4' 5CM B 6 -1.52 -14.24 -0.76
O3' 5CM B 6 0.06 -14.47 -3.73
C5' 5CM B 6 0.59 -13.02 -0.54
O5' 5CM B 6 0.33 -11.68 -0.95
P 5CM B 6 1.49 -10.57 -0.88
OP1 5CM B 6 2.57 -10.95 -1.83
OP2 5CM B 6 0.86 -9.24 -0.97
H5A1 5CM B 6 -2.16 -9.09 -0.37
H5A2 5CM B 6 -3.82 -8.45 -0.44
H5A3 5CM B 6 -3.15 -9.01 1.12
H6 5CM B 6 -1.88 -11.30 -1.06
HN41 5CM B 6 -5.52 -9.11 0.83
HN42 5CM B 6 -6.81 -10.30 0.88
H1' 5CM B 6 -3.18 -14.67 -1.92
H2' 5CM B 6 -2.11 -12.22 -3.03
H2'' 5CM B 6 -2.28 -13.83 -3.78
H3' 5CM B 6 0.11 -12.57 -2.90
H4' 5CM B 6 0.32 -14.98 -1.38
H5' 5CM B 6 0.33 -13.14 0.51
H5'' 5CM B 6 1.65 -13.24 -0.66
N MET C 1 -16.93 4.45 -8.14
CA MET C 1 -15.92 5.11 -9.00
C MET C 1 -14.51 4.68 -8.57
N ALA C 2 -14.20 3.42 -8.72
CA ALA C 2 -12.85 2.92 -8.32
C ALA C 2 -12.53 3.30 -6.87
N GLU C 3 -13.56 3.54 -6.08
CA GLU C 3 -13.34 3.92 -4.65
C GLU C 3 -12.40 5.13 -4.55
N ASP C 4 -12.20 5.85 -5.61
CA ASP C 4 -11.30 7.05 -5.57
C ASP C 4 -9.92 6.66 -5.01
N TRP C 5 -8.98 6.40 -5.86
CA TRP C 5 -7.62 6.02 -5.38
C TRP C 5 -6.83 7.28 -4.97
N LEU C 6 -5.86 7.12 -4.11
CA LEU C 6 -5.07 8.31 -3.66
C LEU C 6 -3.57 8.08 -3.92
N ASP C 7 -2.81 9.13 -3.95
CA ASP C 7 -1.34 8.97 -4.21
C ASP C 7 -0.70 8.13 -3.09
N CYS C 8 0.57 7.85 -3.20
CA CYS C 8 1.25 7.05 -2.16
C CYS C 8 2.76 7.34 -2.17
N PRO C 9 3.16 8.28 -1.34
CA PRO C 9 4.59 8.67 -1.26
C PRO C 9 5.40 7.65 -0.46
N ALA C 10 4.82 6.56 -0.06
CA ALA C 10 5.58 5.57 0.75
C ALA C 10 6.69 4.91 -0.08
N LEU C 11 6.71 5.14 -1.36
CA LEU C 11 7.77 4.52 -2.21
C LEU C 11 8.34 5.54 -3.19
N GLY C 12 7.53 6.05 -4.08
CA GLY C 12 8.03 7.06 -5.06
C GLY C 12 6.87 7.58 -5.91
N PRO C 13 7.21 8.21 -7.00
CA PRO C 13 6.18 8.77 -7.91
C PRO C 13 5.51 7.64 -8.70
N GLY C 14 4.20 7.60 -8.69
CA GLY C 14 3.48 6.53 -9.43
C GLY C 14 2.69 5.67 -8.44
N TRP C 15 3.25 5.40 -7.30
CA TRP C 15 2.56 4.55 -6.29
C TRP C 15 1.20 5.14 -5.91
N LYS C 16 0.22 4.30 -5.75
CA LYS C 16 -1.15 4.79 -5.36
C LYS C 16 -1.72 3.90 -4.25
N ARG C 17 -2.57 4.44 -3.42
CA ARG C 17 -3.16 3.62 -2.32
C ARG C 17 -4.64 3.93 -2.12
N ARG C 18 -5.43 2.93 -1.87
CA ARG C 18 -6.89 3.14 -1.65
C ARG C 18 -7.37 2.22 -0.52
N GLU C 19 -8.32 2.66 0.26
CA GLU C 19 -8.82 1.81 1.37
C GLU C 19 -10.13 1.12 0.96
N VAL C 20 -10.20 -0.18 1.11
CA VAL C 20 -11.44 -0.91 0.73
C VAL C 20 -12.20 -1.33 1.99
N PHE C 21 -13.28 -0.66 2.30
CA PHE C 21 -14.05 -1.01 3.52
C PHE C 21 -15.02 -2.17 3.22
N ARG C 22 -14.55 -3.19 2.55
CA ARG C 22 -15.42 -4.37 2.23
C ARG C 22 -16.74 -3.90 1.59
N LYS C 23 -17.52 -4.83 1.09
CA LYS C 23 -18.82 -4.46 0.46
C LYS C 23 -19.94 -5.39 0.93
N SER C 24 -19.64 -6.66 1.13
CA SER C 24 -20.70 -7.62 1.59
C SER C 24 -20.18 -9.06 1.58
N GLY C 25 -21.05 -10.01 1.80
CA GLY C 25 -20.63 -11.44 1.80
C GLY C 25 -20.54 -11.94 3.25
N ALA C 26 -19.37 -11.88 3.81
CA ALA C 26 -19.17 -12.34 5.22
C ALA C 26 -18.10 -11.47 5.86
N THR C 27 -17.05 -11.24 5.14
CA THR C 27 -15.94 -10.37 5.65
C THR C 27 -16.39 -8.91 5.65
N CYS C 28 -17.56 -8.63 5.14
CA CYS C 28 -18.07 -7.23 5.08
C CYS C 28 -17.78 -6.47 6.38
N GLY C 29 -17.36 -5.24 6.27
CA GLY C 29 -17.07 -4.43 7.49
C GLY C 29 -15.56 -4.25 7.67
N ARG C 30 -14.76 -5.02 6.99
CA ARG C 30 -13.28 -4.87 7.14
C ARG C 30 -12.75 -3.75 6.25
N SER C 31 -11.54 -3.32 6.46
CA SER C 31 -10.97 -2.22 5.62
C SER C 31 -9.59 -2.62 5.10
N ASP C 32 -9.52 -3.13 3.90
CA ASP C 32 -8.21 -3.54 3.33
C ASP C 32 -7.70 -2.46 2.38
N THR C 33 -6.50 -1.99 2.59
CA THR C 33 -5.95 -0.93 1.70
C THR C 33 -5.03 -1.55 0.66
N TYR C 34 -5.31 -1.30 -0.60
CA TYR C 34 -4.47 -1.88 -1.68
C TYR C 34 -3.63 -0.79 -2.33
N TYR C 35 -2.49 -1.14 -2.88
CA TYR C 35 -1.64 -0.10 -3.52
C TYR C 35 -1.03 -0.65 -4.82
N GLN C 36 -0.89 0.19 -5.81
CA GLN C 36 -0.29 -0.27 -7.10
C GLN C 36 1.12 0.33 -7.25
N SER C 37 1.99 -0.36 -7.92
CA SER C 37 3.38 0.16 -8.11
C SER C 37 3.34 1.56 -8.72
N PRO C 38 4.50 2.12 -8.98
CA PRO C 38 4.56 3.47 -9.54
C PRO C 38 4.43 3.47 -11.05
N THR C 39 4.33 2.33 -11.69
CA THR C 39 4.22 2.36 -13.18
C THR C 39 3.79 1.01 -13.78
N GLY C 40 3.21 0.12 -13.02
CA GLY C 40 2.76 -1.17 -13.62
C GLY C 40 3.03 -2.36 -12.70
N ASP C 41 2.17 -2.60 -11.75
CA ASP C 41 2.32 -3.77 -10.82
C ASP C 41 1.30 -3.64 -9.69
N ARG C 42 0.29 -4.46 -9.68
CA ARG C 42 -0.75 -4.37 -8.61
C ARG C 42 -0.25 -5.03 -7.32
N ILE C 43 -0.36 -4.33 -6.23
CA ILE C 43 0.09 -4.89 -4.93
C ILE C 43 -1.03 -4.73 -3.88
N ARG C 44 -1.10 -5.61 -2.94
CA ARG C 44 -2.18 -5.50 -1.91
C ARG C 44 -1.61 -5.51 -0.48
N SER C 45 -0.34 -5.75 -0.34
CA SER C 45 0.26 -5.78 1.04
C SER C 45 1.73 -5.36 0.99
N LYS C 46 2.47 -5.62 2.03
CA LYS C 46 3.91 -5.22 2.03
C LYS C 46 4.73 -6.25 1.24
N VAL C 47 4.53 -7.52 1.48
CA VAL C 47 5.30 -8.54 0.73
C VAL C 47 5.12 -8.28 -0.78
N GLU C 48 3.89 -8.10 -1.21
CA GLU C 48 3.66 -7.80 -2.66
C GLU C 48 4.53 -6.60 -3.04
N LEU C 49 4.67 -5.68 -2.13
CA LEU C 49 5.53 -4.49 -2.38
C LEU C 49 6.99 -4.95 -2.45
N THR C 50 7.40 -5.69 -1.46
CA THR C 50 8.80 -6.20 -1.43
C THR C 50 9.09 -7.01 -2.69
N ARG C 51 8.07 -7.50 -3.36
CA ARG C 51 8.29 -8.31 -4.59
C ARG C 51 8.69 -7.39 -5.75
N TYR C 52 7.87 -6.43 -6.08
CA TYR C 52 8.22 -5.51 -7.21
C TYR C 52 9.41 -4.62 -6.82
N LEU C 53 9.79 -4.61 -5.57
CA LEU C 53 10.94 -3.77 -5.14
C LEU C 53 12.20 -4.63 -4.95
N GLY C 54 12.03 -5.91 -4.75
CA GLY C 54 13.22 -6.79 -4.57
C GLY C 54 13.11 -7.51 -3.22
N PRO C 55 13.68 -8.68 -3.15
CA PRO C 55 13.64 -9.47 -1.89
C PRO C 55 14.51 -8.80 -0.82
N ALA C 56 15.44 -7.97 -1.22
CA ALA C 56 16.31 -7.29 -0.23
C ALA C 56 15.76 -5.89 0.09
N CYS C 57 14.77 -5.45 -0.64
CA CYS C 57 14.18 -4.10 -0.38
C CYS C 57 13.12 -4.19 0.73
N ASP C 58 13.53 -4.53 1.92
CA ASP C 58 12.55 -4.64 3.04
C ASP C 58 11.86 -3.29 3.27
N LEU C 59 10.67 -3.30 3.81
CA LEU C 59 9.94 -2.02 4.04
C LEU C 59 9.23 -2.07 5.40
N THR C 60 9.95 -2.30 6.45
CA THR C 60 9.32 -2.36 7.80
C THR C 60 8.75 -0.98 8.18
N LEU C 61 9.16 0.06 7.49
CA LEU C 61 8.65 1.42 7.80
C LEU C 61 7.37 1.70 7.01
N PHE C 62 7.20 1.06 5.89
CA PHE C 62 5.96 1.28 5.08
C PHE C 62 4.74 0.79 5.86
N ASP C 63 3.86 1.66 6.22
CA ASP C 63 2.65 1.24 6.98
C ASP C 63 1.60 0.66 6.02
N PHE C 64 1.22 -0.57 6.24
CA PHE C 64 0.20 -1.20 5.35
C PHE C 64 -1.14 -0.45 5.45
N LYS C 65 -1.36 0.24 6.53
CA LYS C 65 -2.64 0.99 6.69
C LYS C 65 -2.52 2.42 6.16
N GLN C 66 -1.34 3.01 6.23
CA GLN C 66 -1.18 4.40 5.72
C GLN C 66 -0.34 4.39 4.44
N GLY C 67 0.76 3.70 4.45
CA GLY C 67 1.62 3.64 3.24
C GLY C 67 2.30 4.99 3.02
N ILE C 68 3.24 5.33 3.86
CA ILE C 68 3.94 6.65 3.69
C ILE C 68 5.38 6.60 4.22
N LEU C 69 5.90 5.43 4.49
CA LEU C 69 7.30 5.33 5.01
C LEU C 69 7.50 6.31 6.17
N CYS C 70 6.68 6.22 7.18
CA CYS C 70 6.79 7.15 8.35
C CYS C 70 8.25 7.35 8.76
N TYR C 71 9.01 6.29 8.83
CA TYR C 71 10.45 6.41 9.23
C TYR C 71 10.58 7.20 10.55
N PRO C 72 10.24 6.55 11.63
CA PRO C 72 10.32 7.19 12.96
C PRO C 72 11.78 7.34 13.39
N ALA C 73 12.02 7.90 14.55
CA ALA C 73 13.41 8.06 15.03
C ALA C 73 13.64 7.26 16.31
N PRO C 74 14.15 6.06 16.17
CA PRO C 74 14.41 5.19 17.34
C PRO C 74 15.61 5.72 18.13
N LYS C 75 15.47 6.84 18.78
CA LYS C 75 16.59 7.40 19.57
C LYS C 75 16.06 8.06 20.86
#